data_8VVY
#
_entry.id   8VVY
#
_cell.length_a   1.00
_cell.length_b   1.00
_cell.length_c   1.00
_cell.angle_alpha   90.00
_cell.angle_beta   90.00
_cell.angle_gamma   90.00
#
_symmetry.space_group_name_H-M   'P 1'
#
loop_
_entity.id
_entity.type
_entity.pdbx_description
1 polymer Cullin-1
2 polymer 'Cullin-associated NEDD8-dissociated protein 2'
#
loop_
_entity_poly.entity_id
_entity_poly.type
_entity_poly.pdbx_seq_one_letter_code
_entity_poly.pdbx_strand_id
1 'polypeptide(L)'
;SKQIGLDQIWDDLRAGIQQVYTRQSMAKSRYMELYTHVYNYCTSVHQFVGLELYKRLKEFLKNYLTNLLKDGEDLMDESV
LKFYTQQWEDYRFSSKVLNGICAYLNRHWVRRECDEGRKGIYEIYSLALVTWRDCLFRPLNKQVTNAVLKLIEKERNGET
INTRLISGVVQSYVELGLNEDDAFAKGPTLTVYKESFESQFLADTERFYTRESTEFLQQNPVTEYMKKAEARLLEEQRRV
QVYLHESTQDELARKCEQVLIEKHLEIFHTEFQNLLDADKNEDLGRMYNLVSRIQDGLGELKKLLETHIHNQGLAAIEKC
GEAALNDPKMYVQTVLDVHKKYNALVMSAFNNDAGFVAALDKACGRFINNNAVTKMAQSSSKSPELLARYCDSLLKKSSK
NPEEAELEDTLNQVMVVFKYIEDKDVFQKFYAKMLAKRLVHQNSASDDAEASMISKLKQACGFEYTSKLQRMFQDIGVSK
DLNEQFKKHLTNSEPLDLDFSIQVLSSGSWPFQQSCTFALPSELERSYQRFTAFYASRHSGRKLTWLYQLSKGELVTNCF
KNRYTLQASTFQMAILLQYNTEDAYTVQQLTDSTQIKMDILAQVLQILLKSKLLVLEDENANVDEVELKPDTLIKLYLGY
KNKKLRVNINVPMKTEQKQEQETTHKNIEEDRKLLIQAAIVRIMKMRKVLKHQQLLGEVLTQLSSRFKPRVPVIKKCIDI
LIEKEYLERVDGEKDTYSYLA
;
A
2 'polypeptide(L)'
;SAGWSHPQFEKMSTAAFHISSLLEKMTSSDKDFRFMATSDLMSELQKDSIQLDEDSERKVVKMLLRLLEDKNGEVQNLAV
KCLGPLVVKVKEYQVETIVDTLCTNMRSDKEQLRDIAGIGLKTVLSELPPAATGSGLATNVCRKITGQLTSAIAQQEDVA
VQLEALDILSDMLSRLGVPLGAFHASLLHCLLPQLSSPRLAVRKRAVGALGHLAAACSTDLFVELADHLLDRLPGPRVPT
SPTAIRTLIQCLGSVGRQAGHRLGAHLDRLVPLVEDFCNLDDDELRESCLQAFEAFLRKCPKEMGPHVPNVTSLCLQYIK
HDPNYNYDSDEDEEQMETEDSEFSEQESEDEYSDDDDMSWKVRRAAAKCIAALISSRPDLLPDFHCTLAPVLIRRFKERE
ENVKADVFTAYIVLLRQTQPPKGWLEAMEEPTQTGSNLHMLRGQVPLVVKALQRQLKDRSVRARQGCFSLLTELAGVLPG
SLAEHMPVLVSGIIFSLADRSSSSTIRMDALAFLQGLLGTEPAEAFHPHLPILLPPVMACVADSFYKIAAEALVVLQELV
RALWPLHRPRMLDPEPYVGEMSAVTLARLRATDLDQEVKERAISCMGHLVGHLGDRLGDDLEPTLLLLLDRLRNEITRLP
AIKALTLVAVSPLQLDLQPILAEALHILASFLRKNQRALRLATLAALDALAQSQGLSLPPSAVQAVLAELPALVNESDMH
VAQLAVDFLATVTQAQPASLVEVSGPVLSELLRLLRSPLLPAGVLAAAEGFLQALVGTRPPCVDYAKLISLLTAPVYEQA
VDGGPGLHKQVFHSLARCVAALSAACPQEAASTASRLVCDARSPHSSTGVKVLAFLSLAEVGQVAGPGHQRELKAVLLEA
LGSPSEDVRAAASYALGRVGAGSLPDFLPFLLEQIEAEPRRQYLLLHSLREALGAAQPDSLKPYAEDIWALLFQRCEGAE
EGTRGVVAECIGKLVLVNPSFLLPRLRKQLAAGRPHTRSTVITAVKFLISDQPHPIDPLLKSFIGEFMESLQDPDLNVRR
ATLAFFNSAVHNKPSLVRDLLDDILPLLYQETKIRRDLIREVEMGPFKHTVDDGLDVRKAAFECMYSLLESCLGQLDICE
FLNHVEDGLKDHYDIRMLTFIMVARLATLCPAPVLQRVDRLIEPLRATCTAKVKAGSVKQEFEKQDELKRSAMRAVAALL
TIPEVGKSPIMADFSSQIRSNPELAALFESIQKDSASAPSTDSMELS
;
C
#
# COMPACT_ATOMS: atom_id res chain seq x y z
N SER A 1 5.80 82.26 16.00
CA SER A 1 4.93 81.37 16.76
C SER A 1 5.10 81.59 18.26
N LYS A 2 4.07 81.24 19.02
CA LYS A 2 4.10 81.41 20.46
C LYS A 2 5.05 80.40 21.10
N GLN A 3 5.56 80.77 22.27
CA GLN A 3 6.41 79.90 23.09
C GLN A 3 5.82 79.91 24.50
N ILE A 4 4.86 79.03 24.75
CA ILE A 4 4.19 78.98 26.04
C ILE A 4 5.07 78.24 27.04
N GLY A 5 4.83 78.50 28.33
CA GLY A 5 5.62 77.86 29.36
C GLY A 5 5.53 76.35 29.30
N LEU A 6 6.64 75.70 29.66
CA LEU A 6 6.79 74.27 29.48
C LEU A 6 6.22 73.45 30.62
N ASP A 7 6.44 73.87 31.87
CA ASP A 7 6.09 73.03 33.02
C ASP A 7 4.58 72.84 33.12
N GLN A 8 3.80 73.89 32.91
CA GLN A 8 2.35 73.79 33.07
C GLN A 8 1.75 72.83 32.06
N ILE A 9 2.06 73.03 30.78
CA ILE A 9 1.54 72.16 29.74
C ILE A 9 2.05 70.73 29.93
N TRP A 10 3.32 70.60 30.37
CA TRP A 10 3.89 69.28 30.59
C TRP A 10 3.12 68.52 31.65
N ASP A 11 2.87 69.14 32.80
CA ASP A 11 2.08 68.51 33.84
C ASP A 11 0.66 68.22 33.35
N ASP A 12 0.12 69.13 32.52
CA ASP A 12 -1.24 68.93 32.01
C ASP A 12 -1.34 67.65 31.20
N LEU A 13 -0.46 67.48 30.20
CA LEU A 13 -0.61 66.27 29.40
C LEU A 13 -0.08 65.03 30.13
N ARG A 14 0.80 65.21 31.13
CA ARG A 14 1.19 64.06 31.94
C ARG A 14 -0.01 63.52 32.72
N ALA A 15 -0.77 64.40 33.35
CA ALA A 15 -1.99 63.98 34.02
C ALA A 15 -2.99 63.39 33.03
N GLY A 16 -3.13 64.03 31.87
CA GLY A 16 -4.03 63.51 30.86
C GLY A 16 -3.68 62.11 30.42
N ILE A 17 -2.40 61.85 30.17
CA ILE A 17 -1.97 60.55 29.68
C ILE A 17 -2.03 59.49 30.78
N GLN A 18 -1.73 59.85 32.03
CA GLN A 18 -1.88 58.86 33.10
C GLN A 18 -3.35 58.56 33.37
N GLN A 19 -4.25 59.49 33.06
CA GLN A 19 -5.68 59.15 33.06
C GLN A 19 -6.03 58.26 31.87
N VAL A 20 -5.43 58.52 30.71
CA VAL A 20 -5.76 57.79 29.49
C VAL A 20 -5.32 56.33 29.59
N TYR A 21 -4.19 56.07 30.26
CA TYR A 21 -3.76 54.68 30.44
C TYR A 21 -4.83 53.86 31.16
N THR A 22 -5.54 54.47 32.10
CA THR A 22 -6.70 53.82 32.71
C THR A 22 -7.85 53.74 31.70
N ARG A 23 -8.77 52.82 31.97
CA ARG A 23 -9.91 52.65 31.07
C ARG A 23 -10.75 53.92 31.01
N GLN A 24 -11.22 54.24 29.80
CA GLN A 24 -11.90 55.50 29.54
C GLN A 24 -13.23 55.57 30.28
N SER A 25 -13.41 56.61 31.09
CA SER A 25 -14.66 56.87 31.77
C SER A 25 -15.36 58.12 31.27
N MET A 26 -14.62 59.08 30.70
CA MET A 26 -15.24 60.28 30.16
C MET A 26 -15.58 60.08 28.69
N ALA A 27 -15.89 61.16 27.98
CA ALA A 27 -16.32 61.09 26.60
C ALA A 27 -15.16 61.51 25.69
N LYS A 28 -15.48 61.61 24.39
CA LYS A 28 -14.51 61.90 23.35
C LYS A 28 -13.99 63.34 23.40
N SER A 29 -14.69 64.23 24.12
CA SER A 29 -14.42 65.66 24.04
C SER A 29 -12.98 65.99 24.40
N ARG A 30 -12.57 65.70 25.64
CA ARG A 30 -11.22 66.06 26.06
C ARG A 30 -10.18 65.23 25.31
N TYR A 31 -10.55 64.03 24.86
CA TYR A 31 -9.63 63.24 24.05
C TYR A 31 -9.24 63.99 22.78
N MET A 32 -10.22 64.62 22.10
CA MET A 32 -9.85 65.51 21.01
C MET A 32 -9.14 66.76 21.51
N GLU A 33 -9.63 67.36 22.59
CA GLU A 33 -9.18 68.71 22.96
C GLU A 33 -7.71 68.72 23.36
N LEU A 34 -7.31 67.85 24.29
CA LEU A 34 -5.95 67.87 24.80
C LEU A 34 -4.96 67.49 23.71
N TYR A 35 -5.28 66.49 22.91
CA TYR A 35 -4.33 66.03 21.90
C TYR A 35 -4.25 67.01 20.74
N THR A 36 -5.34 67.73 20.42
CA THR A 36 -5.24 68.82 19.46
C THR A 36 -4.39 69.96 20.01
N HIS A 37 -4.54 70.27 21.30
CA HIS A 37 -3.70 71.29 21.92
C HIS A 37 -2.23 70.92 21.82
N VAL A 38 -1.90 69.65 22.08
CA VAL A 38 -0.53 69.20 21.92
C VAL A 38 -0.08 69.27 20.46
N TYR A 39 -0.86 68.73 19.53
CA TYR A 39 -0.44 68.64 18.13
C TYR A 39 -0.19 70.02 17.52
N ASN A 40 -1.11 70.96 17.74
CA ASN A 40 -1.00 72.25 17.07
C ASN A 40 0.20 73.05 17.57
N TYR A 41 0.47 73.02 18.87
CA TYR A 41 1.50 73.90 19.44
C TYR A 41 2.80 73.18 19.78
N CYS A 42 2.74 72.10 20.56
CA CYS A 42 3.91 71.56 21.21
C CYS A 42 4.85 70.81 20.28
N THR A 43 4.70 70.97 18.96
CA THR A 43 5.65 70.35 18.04
C THR A 43 7.08 70.83 18.31
N SER A 44 7.25 72.14 18.55
CA SER A 44 8.54 72.65 18.98
C SER A 44 8.84 72.26 20.42
N VAL A 45 7.81 72.21 21.28
CA VAL A 45 8.01 71.82 22.67
C VAL A 45 8.48 70.38 22.76
N HIS A 46 7.88 69.49 21.97
CA HIS A 46 8.23 68.08 21.97
C HIS A 46 9.47 67.77 21.14
N GLN A 47 10.16 68.80 20.64
CA GLN A 47 11.32 68.60 19.78
C GLN A 47 12.63 68.81 20.53
N PHE A 48 12.83 70.00 21.10
CA PHE A 48 14.08 70.35 21.77
C PHE A 48 14.05 70.06 23.26
N VAL A 49 13.13 70.69 24.01
CA VAL A 49 12.87 70.25 25.38
C VAL A 49 12.06 68.98 25.40
N GLY A 50 11.58 68.54 24.24
CA GLY A 50 10.95 67.24 24.12
C GLY A 50 11.87 66.10 24.49
N LEU A 51 13.19 66.30 24.40
CA LEU A 51 14.11 65.30 24.91
C LEU A 51 13.92 65.09 26.42
N GLU A 52 13.86 66.19 27.18
CA GLU A 52 13.60 66.09 28.61
C GLU A 52 12.21 65.54 28.88
N LEU A 53 11.21 65.99 28.11
CA LEU A 53 9.85 65.49 28.30
C LEU A 53 9.79 63.97 28.05
N TYR A 54 10.47 63.49 27.01
CA TYR A 54 10.44 62.09 26.68
C TYR A 54 11.25 61.26 27.67
N LYS A 55 12.32 61.85 28.23
CA LYS A 55 13.04 61.17 29.31
C LYS A 55 12.15 61.01 30.54
N ARG A 56 11.38 62.05 30.86
CA ARG A 56 10.44 61.94 31.98
C ARG A 56 9.36 60.91 31.69
N LEU A 57 8.87 60.87 30.45
CA LEU A 57 7.92 59.84 30.06
C LEU A 57 8.53 58.44 30.20
N LYS A 58 9.79 58.30 29.80
CA LYS A 58 10.48 57.01 29.90
C LYS A 58 10.62 56.56 31.34
N GLU A 59 10.99 57.48 32.24
CA GLU A 59 11.11 57.08 33.65
C GLU A 59 9.75 56.80 34.27
N PHE A 60 8.71 57.53 33.86
CA PHE A 60 7.36 57.20 34.32
C PHE A 60 6.95 55.80 33.87
N LEU A 61 7.21 55.47 32.60
CA LEU A 61 6.91 54.13 32.13
C LEU A 61 7.76 53.08 32.84
N LYS A 62 9.00 53.44 33.19
CA LYS A 62 9.86 52.53 33.93
C LYS A 62 9.26 52.20 35.30
N ASN A 63 8.81 53.22 36.02
CA ASN A 63 8.20 52.96 37.33
C ASN A 63 6.89 52.20 37.18
N TYR A 64 6.11 52.50 36.13
CA TYR A 64 4.87 51.77 35.87
C TYR A 64 5.15 50.30 35.62
N LEU A 65 6.17 49.99 34.80
CA LEU A 65 6.50 48.61 34.49
C LEU A 65 7.05 47.89 35.71
N THR A 66 7.84 48.58 36.54
CA THR A 66 8.31 47.96 37.77
C THR A 66 7.16 47.65 38.71
N ASN A 67 6.18 48.55 38.78
CA ASN A 67 4.99 48.27 39.59
C ASN A 67 4.25 47.05 39.06
N LEU A 68 4.10 46.95 37.73
CA LEU A 68 3.44 45.79 37.14
C LEU A 68 4.19 44.50 37.46
N LEU A 69 5.53 44.54 37.34
CA LEU A 69 6.33 43.36 37.64
C LEU A 69 6.20 42.95 39.10
N LYS A 70 6.23 43.92 40.01
CA LYS A 70 6.10 43.61 41.44
C LYS A 70 4.73 43.02 41.74
N ASP A 71 3.68 43.54 41.10
CA ASP A 71 2.34 43.03 41.34
C ASP A 71 2.05 41.73 40.57
N GLY A 72 2.93 41.34 39.66
CA GLY A 72 2.69 40.16 38.86
C GLY A 72 3.69 39.03 39.06
N GLU A 73 4.13 38.82 40.29
CA GLU A 73 5.06 37.74 40.60
C GLU A 73 4.67 37.07 41.92
N ASP A 74 3.38 37.02 42.23
CA ASP A 74 2.96 36.56 43.56
C ASP A 74 2.99 35.04 43.66
N LEU A 75 2.13 34.35 42.91
CA LEU A 75 2.13 32.89 42.91
C LEU A 75 2.35 32.30 41.52
N MET A 76 1.44 32.57 40.58
CA MET A 76 1.61 32.24 39.16
C MET A 76 1.95 30.76 39.01
N ASP A 77 3.03 30.40 38.29
CA ASP A 77 3.50 29.05 37.97
C ASP A 77 2.67 28.40 36.87
N GLU A 78 1.78 29.15 36.20
CA GLU A 78 0.91 28.66 35.13
C GLU A 78 -0.07 29.77 34.77
N SER A 79 -0.59 30.46 35.77
CA SER A 79 -1.39 31.65 35.55
C SER A 79 -0.57 32.83 35.09
N VAL A 80 0.72 32.63 34.82
CA VAL A 80 1.55 33.70 34.27
C VAL A 80 1.01 34.13 32.92
N LEU A 81 0.51 33.17 32.14
CA LEU A 81 0.13 33.44 30.76
C LEU A 81 -1.10 34.34 30.68
N LYS A 82 -2.10 34.11 31.55
CA LYS A 82 -3.28 34.97 31.53
C LYS A 82 -2.91 36.41 31.85
N PHE A 83 -2.08 36.61 32.88
CA PHE A 83 -1.63 37.94 33.24
C PHE A 83 -0.84 38.57 32.10
N TYR A 84 0.09 37.82 31.51
CA TYR A 84 0.91 38.36 30.43
C TYR A 84 0.06 38.75 29.23
N THR A 85 -0.89 37.90 28.86
CA THR A 85 -1.80 38.25 27.76
C THR A 85 -2.55 39.52 28.08
N GLN A 86 -3.37 39.51 29.15
CA GLN A 86 -4.21 40.66 29.46
C GLN A 86 -3.40 41.96 29.47
N GLN A 87 -2.25 41.94 30.16
CA GLN A 87 -1.42 43.14 30.19
C GLN A 87 -0.89 43.48 28.81
N TRP A 88 -0.58 42.47 27.99
CA TRP A 88 -0.03 42.74 26.66
C TRP A 88 -1.05 43.44 25.77
N GLU A 89 -2.27 42.92 25.73
CA GLU A 89 -3.32 43.58 24.95
C GLU A 89 -3.60 44.98 25.47
N ASP A 90 -3.71 45.15 26.80
CA ASP A 90 -4.03 46.48 27.33
C ASP A 90 -2.92 47.49 27.01
N TYR A 91 -1.67 47.13 27.34
CA TYR A 91 -0.55 48.02 27.08
C TYR A 91 -0.35 48.24 25.58
N ARG A 92 -0.66 47.22 24.76
CA ARG A 92 -0.56 47.38 23.32
C ARG A 92 -1.53 48.42 22.81
N PHE A 93 -2.78 48.37 23.26
CA PHE A 93 -3.75 49.38 22.81
C PHE A 93 -3.35 50.77 23.29
N SER A 94 -2.92 50.88 24.55
CA SER A 94 -2.53 52.19 25.08
C SER A 94 -1.33 52.76 24.32
N SER A 95 -0.30 51.94 24.10
CA SER A 95 0.87 52.39 23.36
C SER A 95 0.52 52.70 21.92
N LYS A 96 -0.39 51.94 21.32
CA LYS A 96 -0.78 52.19 19.94
C LYS A 96 -1.44 53.55 19.80
N VAL A 97 -2.41 53.85 20.67
CA VAL A 97 -3.07 55.15 20.56
C VAL A 97 -2.10 56.28 20.87
N LEU A 98 -1.26 56.12 21.91
CA LEU A 98 -0.32 57.17 22.28
C LEU A 98 0.68 57.42 21.16
N ASN A 99 1.16 56.36 20.50
CA ASN A 99 2.13 56.50 19.43
C ASN A 99 1.47 57.06 18.18
N GLY A 100 0.18 56.77 17.98
CA GLY A 100 -0.53 57.37 16.86
C GLY A 100 -0.71 58.86 17.02
N ILE A 101 -0.94 59.32 18.25
CA ILE A 101 -1.23 60.74 18.46
C ILE A 101 0.04 61.56 18.67
N CYS A 102 0.87 61.17 19.65
CA CYS A 102 1.94 62.05 20.09
C CYS A 102 3.14 62.03 19.13
N ALA A 103 3.42 60.88 18.51
CA ALA A 103 4.59 60.77 17.65
C ALA A 103 4.45 61.56 16.35
N TYR A 104 3.23 61.99 15.99
CA TYR A 104 3.06 62.78 14.78
C TYR A 104 3.79 64.10 14.88
N LEU A 105 4.02 64.59 16.10
CA LEU A 105 4.73 65.84 16.29
C LEU A 105 6.17 65.76 15.79
N ASN A 106 6.83 64.63 16.02
CA ASN A 106 8.25 64.48 15.69
C ASN A 106 8.50 63.61 14.45
N ARG A 107 7.51 62.88 13.97
CA ARG A 107 7.70 62.02 12.82
C ARG A 107 7.48 62.81 11.52
N HIS A 108 7.59 62.10 10.40
CA HIS A 108 7.53 62.62 9.03
C HIS A 108 8.74 63.46 8.67
N TRP A 109 9.68 63.67 9.60
CA TRP A 109 10.92 64.38 9.29
C TRP A 109 12.04 63.35 9.06
N VAL A 110 11.94 62.67 7.92
CA VAL A 110 12.95 61.67 7.57
C VAL A 110 14.31 62.33 7.36
N ARG A 111 14.33 63.60 6.95
CA ARG A 111 15.58 64.30 6.77
C ARG A 111 16.35 64.42 8.08
N ARG A 112 15.66 64.74 9.17
CA ARG A 112 16.29 64.75 10.49
C ARG A 112 16.51 63.34 11.02
N GLU A 113 15.64 62.39 10.66
CA GLU A 113 15.79 61.02 11.10
C GLU A 113 17.07 60.39 10.57
N CYS A 114 17.44 60.71 9.33
CA CYS A 114 18.62 60.10 8.72
C CYS A 114 19.89 60.47 9.49
N ASP A 115 20.01 61.72 9.93
CA ASP A 115 21.23 62.19 10.57
C ASP A 115 21.37 61.54 11.94
N GLU A 116 22.47 60.79 12.13
CA GLU A 116 22.83 60.10 13.36
C GLU A 116 21.64 59.38 14.00
N GLY A 117 20.72 58.91 13.17
CA GLY A 117 19.50 58.30 13.68
C GLY A 117 18.64 59.25 14.48
N ARG A 118 18.60 60.53 14.10
CA ARG A 118 17.82 61.55 14.79
C ARG A 118 18.19 61.61 16.27
N LYS A 119 19.50 61.70 16.52
CA LYS A 119 20.05 61.77 17.87
C LYS A 119 19.53 60.65 18.75
N GLY A 120 18.88 60.98 19.86
CA GLY A 120 18.28 60.04 20.77
C GLY A 120 16.86 59.66 20.44
N ILE A 121 16.33 60.14 19.33
CA ILE A 121 14.96 59.83 18.90
C ILE A 121 15.04 58.58 18.02
N TYR A 122 16.20 57.94 18.00
CA TYR A 122 16.39 56.72 17.22
C TYR A 122 15.49 55.62 17.74
N GLU A 123 14.65 55.08 16.85
CA GLU A 123 13.76 53.94 17.10
C GLU A 123 12.90 54.12 18.35
N ILE A 124 12.74 55.36 18.84
CA ILE A 124 11.87 55.61 19.99
C ILE A 124 10.40 55.64 19.58
N TYR A 125 10.10 55.45 18.29
CA TYR A 125 8.71 55.27 17.87
C TYR A 125 8.09 54.07 18.57
N SER A 126 8.85 52.98 18.69
CA SER A 126 8.44 51.79 19.41
C SER A 126 9.17 51.67 20.74
N LEU A 127 9.44 52.81 21.39
CA LEU A 127 10.12 52.77 22.67
C LEU A 127 9.22 52.18 23.75
N ALA A 128 7.90 52.23 23.56
CA ALA A 128 7.01 51.52 24.46
C ALA A 128 7.28 50.02 24.43
N LEU A 129 7.39 49.47 23.21
CA LEU A 129 7.74 48.05 23.08
C LEU A 129 9.16 47.78 23.57
N VAL A 130 10.07 48.75 23.40
CA VAL A 130 11.43 48.59 23.92
C VAL A 130 11.42 48.46 25.43
N THR A 131 10.65 49.33 26.10
CA THR A 131 10.54 49.26 27.55
C THR A 131 9.85 47.98 27.99
N TRP A 132 8.86 47.52 27.22
CA TRP A 132 8.25 46.23 27.50
C TRP A 132 9.28 45.10 27.41
N ARG A 133 10.14 45.15 26.40
CA ARG A 133 11.17 44.12 26.24
C ARG A 133 12.17 44.16 27.38
N ASP A 134 12.57 45.35 27.81
CA ASP A 134 13.65 45.46 28.79
C ASP A 134 13.15 45.24 30.22
N CYS A 135 12.15 46.02 30.63
CA CYS A 135 11.77 46.06 32.05
C CYS A 135 11.03 44.80 32.47
N LEU A 136 10.08 44.33 31.66
CA LEU A 136 9.17 43.25 32.07
C LEU A 136 9.41 41.95 31.32
N PHE A 137 9.72 42.00 30.02
CA PHE A 137 9.97 40.79 29.26
C PHE A 137 11.17 40.03 29.80
N ARG A 138 12.25 40.75 30.11
CA ARG A 138 13.47 40.08 30.56
C ARG A 138 13.28 39.26 31.83
N PRO A 139 12.71 39.78 32.92
CA PRO A 139 12.54 38.94 34.12
C PRO A 139 11.63 37.74 33.92
N LEU A 140 10.60 37.85 33.09
CA LEU A 140 9.54 36.85 33.02
C LEU A 140 9.62 35.96 31.80
N ASN A 141 10.61 36.16 30.92
CA ASN A 141 10.66 35.39 29.68
C ASN A 141 10.86 33.90 29.95
N LYS A 142 11.75 33.55 30.88
CA LYS A 142 11.99 32.15 31.17
C LYS A 142 10.73 31.49 31.72
N GLN A 143 10.04 32.16 32.63
CA GLN A 143 8.83 31.60 33.21
C GLN A 143 7.74 31.41 32.16
N VAL A 144 7.54 32.40 31.28
CA VAL A 144 6.46 32.27 30.30
C VAL A 144 6.80 31.21 29.27
N THR A 145 8.07 31.13 28.83
CA THR A 145 8.45 30.08 27.90
C THR A 145 8.28 28.70 28.51
N ASN A 146 8.68 28.54 29.77
CA ASN A 146 8.51 27.24 30.43
C ASN A 146 7.04 26.88 30.55
N ALA A 147 6.19 27.86 30.89
CA ALA A 147 4.76 27.58 30.97
C ALA A 147 4.19 27.18 29.62
N VAL A 148 4.60 27.87 28.55
CA VAL A 148 4.11 27.54 27.21
C VAL A 148 4.52 26.13 26.82
N LEU A 149 5.79 25.79 27.05
CA LEU A 149 6.27 24.45 26.70
C LEU A 149 5.56 23.38 27.52
N LYS A 150 5.30 23.66 28.79
CA LYS A 150 4.54 22.73 29.62
C LYS A 150 3.13 22.54 29.07
N LEU A 151 2.48 23.63 28.66
CA LEU A 151 1.14 23.51 28.09
C LEU A 151 1.16 22.70 26.80
N ILE A 152 2.16 22.92 25.95
CA ILE A 152 2.24 22.17 24.70
C ILE A 152 2.43 20.69 24.97
N GLU A 153 3.32 20.35 25.91
CA GLU A 153 3.52 18.94 26.25
C GLU A 153 2.27 18.34 26.89
N LYS A 154 1.51 19.16 27.63
CA LYS A 154 0.26 18.70 28.21
C LYS A 154 -0.77 18.39 27.13
N GLU A 155 -0.84 19.23 26.09
CA GLU A 155 -1.75 19.00 24.98
C GLU A 155 -1.33 17.77 24.18
N ARG A 156 -0.02 17.57 24.03
CA ARG A 156 0.46 16.42 23.26
C ARG A 156 0.02 15.10 23.86
N ASN A 157 -0.17 15.05 25.18
CA ASN A 157 -0.50 13.80 25.84
C ASN A 157 -1.98 13.43 25.69
N GLY A 158 -2.84 14.40 25.44
CA GLY A 158 -4.25 14.10 25.22
C GLY A 158 -5.21 15.11 25.80
N GLU A 159 -4.75 15.91 26.75
CA GLU A 159 -5.63 16.87 27.41
C GLU A 159 -5.95 18.03 26.47
N THR A 160 -6.94 18.83 26.87
CA THR A 160 -7.39 19.97 26.09
C THR A 160 -7.05 21.25 26.84
N ILE A 161 -6.51 22.23 26.12
CA ILE A 161 -6.05 23.48 26.71
C ILE A 161 -6.56 24.64 25.87
N ASN A 162 -6.49 25.84 26.46
CA ASN A 162 -6.94 27.06 25.79
C ASN A 162 -5.78 27.60 24.96
N THR A 163 -5.84 27.34 23.65
CA THR A 163 -4.76 27.71 22.74
C THR A 163 -4.58 29.21 22.60
N ARG A 164 -5.56 30.01 23.04
CA ARG A 164 -5.47 31.45 22.85
C ARG A 164 -4.30 32.05 23.62
N LEU A 165 -3.98 31.48 24.79
CA LEU A 165 -2.84 31.98 25.57
C LEU A 165 -1.54 31.79 24.80
N ILE A 166 -1.33 30.59 24.25
CA ILE A 166 -0.13 30.32 23.47
C ILE A 166 -0.08 31.21 22.24
N SER A 167 -1.21 31.36 21.55
CA SER A 167 -1.25 32.19 20.36
C SER A 167 -0.86 33.63 20.70
N GLY A 168 -1.43 34.17 21.78
CA GLY A 168 -1.11 35.52 22.18
C GLY A 168 0.35 35.69 22.55
N VAL A 169 0.90 34.74 23.30
CA VAL A 169 2.29 34.90 23.75
C VAL A 169 3.25 34.78 22.57
N VAL A 170 2.98 33.88 21.61
CA VAL A 170 3.88 33.76 20.47
C VAL A 170 3.74 34.97 19.55
N GLN A 171 2.53 35.52 19.43
CA GLN A 171 2.36 36.76 18.67
C GLN A 171 3.12 37.90 19.33
N SER A 172 3.11 37.96 20.66
CA SER A 172 3.92 38.96 21.34
C SER A 172 5.39 38.74 21.07
N TYR A 173 5.85 37.48 21.13
CA TYR A 173 7.25 37.18 20.85
C TYR A 173 7.67 37.72 19.49
N VAL A 174 6.91 37.36 18.46
CA VAL A 174 7.28 37.78 17.11
C VAL A 174 7.07 39.28 16.91
N GLU A 175 6.26 39.92 17.76
CA GLU A 175 5.99 41.34 17.57
C GLU A 175 7.17 42.20 18.00
N LEU A 176 7.83 41.85 19.11
CA LEU A 176 8.96 42.63 19.62
C LEU A 176 10.21 42.52 18.75
N GLY A 177 10.23 41.63 17.76
CA GLY A 177 11.36 41.55 16.86
C GLY A 177 11.40 42.71 15.89
N LEU A 178 11.69 43.90 16.42
CA LEU A 178 11.68 45.11 15.59
C LEU A 178 12.78 45.06 14.54
N ASN A 179 12.46 45.56 13.34
CA ASN A 179 13.39 45.58 12.22
C ASN A 179 14.22 46.85 12.31
N GLU A 180 15.37 46.75 12.99
CA GLU A 180 16.25 47.90 13.12
C GLU A 180 17.02 48.20 11.84
N ASP A 181 17.13 47.23 10.92
CA ASP A 181 17.84 47.47 9.67
C ASP A 181 17.13 48.53 8.84
N ASP A 182 15.80 48.49 8.78
CA ASP A 182 15.03 49.45 8.02
C ASP A 182 13.68 49.64 8.69
N ALA A 183 13.33 50.90 8.97
CA ALA A 183 12.05 51.21 9.57
C ALA A 183 10.89 51.12 8.59
N PHE A 184 11.18 50.95 7.29
CA PHE A 184 10.15 50.83 6.27
C PHE A 184 10.32 49.56 5.45
N ALA A 185 10.87 48.51 6.06
CA ALA A 185 11.05 47.24 5.39
C ALA A 185 9.80 46.38 5.58
N LYS A 186 9.23 45.92 4.47
CA LYS A 186 8.02 45.09 4.52
C LYS A 186 8.43 43.66 4.83
N GLY A 187 8.38 43.30 6.10
CA GLY A 187 8.71 41.96 6.54
C GLY A 187 9.27 41.96 7.95
N PRO A 188 8.75 41.08 8.80
CA PRO A 188 9.17 41.07 10.20
C PRO A 188 10.53 40.43 10.40
N THR A 189 11.16 40.79 11.51
CA THR A 189 12.37 40.14 11.98
C THR A 189 12.02 39.26 13.17
N LEU A 190 12.38 37.98 13.08
CA LEU A 190 12.02 36.99 14.08
C LEU A 190 13.21 36.63 14.95
N THR A 191 14.05 37.61 15.25
CA THR A 191 15.28 37.34 16.01
C THR A 191 14.96 36.86 17.42
N VAL A 192 14.14 37.61 18.15
CA VAL A 192 13.84 37.26 19.54
C VAL A 192 13.01 35.97 19.60
N TYR A 193 12.03 35.83 18.70
CA TYR A 193 11.21 34.63 18.68
C TYR A 193 12.05 33.39 18.40
N LYS A 194 13.01 33.51 17.47
CA LYS A 194 13.87 32.37 17.16
C LYS A 194 14.82 32.06 18.30
N GLU A 195 15.41 33.08 18.91
CA GLU A 195 16.44 32.85 19.91
C GLU A 195 15.87 32.49 21.28
N SER A 196 14.60 32.76 21.54
CA SER A 196 14.05 32.56 22.87
C SER A 196 12.97 31.48 22.93
N PHE A 197 12.31 31.16 21.84
CA PHE A 197 11.25 30.17 21.91
C PHE A 197 11.37 29.05 20.89
N GLU A 198 11.83 29.36 19.68
CA GLU A 198 11.78 28.37 18.59
C GLU A 198 12.76 27.23 18.81
N SER A 199 14.01 27.55 19.15
CA SER A 199 15.02 26.51 19.31
C SER A 199 14.67 25.57 20.45
N GLN A 200 14.23 26.13 21.59
CA GLN A 200 13.84 25.31 22.72
C GLN A 200 12.66 24.40 22.37
N PHE A 201 11.67 24.95 21.66
CA PHE A 201 10.52 24.16 21.26
C PHE A 201 10.92 23.03 20.33
N LEU A 202 11.80 23.30 19.37
CA LEU A 202 12.24 22.25 18.45
C LEU A 202 13.01 21.16 19.17
N ALA A 203 13.91 21.54 20.08
CA ALA A 203 14.66 20.54 20.83
C ALA A 203 13.72 19.68 21.68
N ASP A 204 12.75 20.32 22.35
CA ASP A 204 11.79 19.57 23.14
C ASP A 204 10.99 18.61 22.26
N THR A 205 10.58 19.06 21.08
CA THR A 205 9.82 18.20 20.18
C THR A 205 10.64 16.99 19.77
N GLU A 206 11.90 17.20 19.39
CA GLU A 206 12.71 16.07 18.95
C GLU A 206 12.96 15.10 20.09
N ARG A 207 13.19 15.60 21.31
CA ARG A 207 13.40 14.72 22.45
C ARG A 207 12.14 13.90 22.75
N PHE A 208 10.99 14.58 22.80
CA PHE A 208 9.74 13.88 23.11
C PHE A 208 9.44 12.81 22.08
N TYR A 209 9.64 13.11 20.80
CA TYR A 209 9.27 12.13 19.78
C TYR A 209 10.29 11.00 19.70
N THR A 210 11.57 11.27 19.93
CA THR A 210 12.54 10.18 20.06
C THR A 210 12.12 9.22 21.15
N ARG A 211 11.84 9.75 22.34
CA ARG A 211 11.47 8.90 23.48
C ARG A 211 10.19 8.13 23.19
N GLU A 212 9.17 8.80 22.66
CA GLU A 212 7.89 8.16 22.43
C GLU A 212 7.98 7.07 21.36
N SER A 213 8.68 7.36 20.25
CA SER A 213 8.81 6.36 19.20
C SER A 213 9.61 5.15 19.67
N THR A 214 10.69 5.37 20.43
CA THR A 214 11.46 4.24 20.94
C THR A 214 10.60 3.39 21.86
N GLU A 215 9.89 4.02 22.79
CA GLU A 215 9.07 3.26 23.73
C GLU A 215 7.96 2.51 23.01
N PHE A 216 7.37 3.12 21.97
CA PHE A 216 6.30 2.44 21.25
C PHE A 216 6.82 1.25 20.46
N LEU A 217 7.92 1.43 19.72
CA LEU A 217 8.45 0.33 18.93
C LEU A 217 9.04 -0.78 19.79
N GLN A 218 9.42 -0.48 21.03
CA GLN A 218 9.98 -1.54 21.87
C GLN A 218 8.92 -2.56 22.28
N GLN A 219 7.64 -2.18 22.29
CA GLN A 219 6.59 -3.06 22.81
C GLN A 219 5.36 -3.06 21.91
N ASN A 220 5.54 -2.94 20.61
CA ASN A 220 4.45 -2.98 19.65
C ASN A 220 4.99 -3.41 18.30
N PRO A 221 4.14 -3.94 17.42
CA PRO A 221 4.56 -4.23 16.05
C PRO A 221 4.72 -2.95 15.24
N VAL A 222 5.34 -3.09 14.07
CA VAL A 222 5.67 -1.93 13.25
C VAL A 222 4.42 -1.29 12.67
N THR A 223 3.39 -2.10 12.35
CA THR A 223 2.20 -1.56 11.68
C THR A 223 1.51 -0.51 12.55
N GLU A 224 1.34 -0.79 13.84
CA GLU A 224 0.73 0.19 14.72
C GLU A 224 1.57 1.44 14.84
N TYR A 225 2.90 1.29 14.82
CA TYR A 225 3.76 2.47 14.86
C TYR A 225 3.59 3.33 13.63
N MET A 226 3.47 2.71 12.45
CA MET A 226 3.23 3.47 11.24
C MET A 226 1.89 4.19 11.32
N LYS A 227 0.87 3.50 11.83
CA LYS A 227 -0.45 4.12 12.00
C LYS A 227 -0.35 5.34 12.91
N LYS A 228 0.40 5.23 14.00
CA LYS A 228 0.53 6.36 14.93
C LYS A 228 1.32 7.51 14.32
N ALA A 229 2.41 7.20 13.61
CA ALA A 229 3.24 8.25 13.04
C ALA A 229 2.50 9.04 11.97
N GLU A 230 1.69 8.36 11.16
CA GLU A 230 0.93 9.05 10.14
C GLU A 230 0.00 10.10 10.73
N ALA A 231 -0.60 9.80 11.88
CA ALA A 231 -1.46 10.77 12.56
C ALA A 231 -0.64 11.86 13.23
N ARG A 232 0.48 11.49 13.84
CA ARG A 232 1.28 12.46 14.59
C ARG A 232 1.83 13.55 13.67
N LEU A 233 2.20 13.19 12.45
CA LEU A 233 2.75 14.20 11.53
C LEU A 233 1.73 15.29 11.22
N LEU A 234 0.51 14.89 10.86
CA LEU A 234 -0.51 15.90 10.57
C LEU A 234 -0.95 16.63 11.82
N GLU A 235 -0.91 15.96 12.98
CA GLU A 235 -1.20 16.65 14.23
C GLU A 235 -0.23 17.79 14.48
N GLU A 236 1.07 17.53 14.28
CA GLU A 236 2.07 18.55 14.55
C GLU A 236 2.19 19.58 13.43
N GLN A 237 1.62 19.31 12.25
CA GLN A 237 1.48 20.40 11.30
C GLN A 237 0.26 21.26 11.61
N ARG A 238 -0.81 20.64 12.13
CA ARG A 238 -1.99 21.42 12.52
C ARG A 238 -1.68 22.35 13.68
N ARG A 239 -0.85 21.89 14.62
CA ARG A 239 -0.49 22.75 15.76
C ARG A 239 0.14 24.05 15.27
N VAL A 240 1.12 23.94 14.37
CA VAL A 240 1.78 25.13 13.84
C VAL A 240 0.80 25.98 13.04
N GLN A 241 -0.02 25.33 12.20
CA GLN A 241 -0.97 26.10 11.42
C GLN A 241 -1.97 26.84 12.29
N VAL A 242 -2.23 26.36 13.50
CA VAL A 242 -3.24 26.98 14.36
C VAL A 242 -2.63 28.06 15.24
N TYR A 243 -1.68 27.71 16.12
CA TYR A 243 -1.26 28.66 17.14
C TYR A 243 0.25 28.87 17.17
N LEU A 244 0.90 28.84 16.02
CA LEU A 244 2.33 29.11 15.94
C LEU A 244 2.61 29.87 14.65
N HIS A 245 3.76 30.55 14.63
CA HIS A 245 4.14 31.34 13.47
C HIS A 245 4.43 30.41 12.28
N GLU A 246 4.34 30.97 11.08
CA GLU A 246 4.48 30.16 9.88
C GLU A 246 5.94 29.79 9.62
N SER A 247 6.89 30.65 10.02
CA SER A 247 8.29 30.40 9.70
C SER A 247 8.79 29.08 10.29
N THR A 248 8.21 28.65 11.41
CA THR A 248 8.61 27.38 11.99
C THR A 248 8.17 26.20 11.14
N GLN A 249 7.00 26.31 10.50
CA GLN A 249 6.27 25.17 9.94
C GLN A 249 7.16 24.18 9.20
N ASP A 250 7.75 24.62 8.08
CA ASP A 250 8.56 23.72 7.28
C ASP A 250 9.63 23.05 8.11
N GLU A 251 10.38 23.85 8.88
CA GLU A 251 11.45 23.30 9.70
C GLU A 251 10.91 22.21 10.62
N LEU A 252 9.80 22.48 11.28
CA LEU A 252 9.25 21.49 12.20
C LEU A 252 8.98 20.18 11.48
N ALA A 253 8.38 20.26 10.29
CA ALA A 253 8.11 19.05 9.53
C ALA A 253 9.38 18.23 9.38
N ARG A 254 10.46 18.89 8.95
CA ARG A 254 11.73 18.18 8.77
C ARG A 254 12.10 17.42 10.03
N LYS A 255 12.06 18.11 11.18
CA LYS A 255 12.45 17.46 12.43
C LYS A 255 11.61 16.22 12.68
N CYS A 256 10.29 16.34 12.49
CA CYS A 256 9.44 15.17 12.70
C CYS A 256 9.83 14.04 11.76
N GLU A 257 10.05 14.36 10.49
CA GLU A 257 10.42 13.33 9.54
C GLU A 257 11.80 12.77 9.83
N GLN A 258 12.63 13.49 10.60
CA GLN A 258 13.94 12.98 10.97
C GLN A 258 13.90 12.11 12.21
N VAL A 259 12.76 12.04 12.91
CA VAL A 259 12.64 11.32 14.17
C VAL A 259 11.65 10.17 14.06
N LEU A 260 10.50 10.42 13.46
CA LEU A 260 9.46 9.41 13.39
C LEU A 260 9.67 8.42 12.23
N ILE A 261 10.40 8.81 11.20
CA ILE A 261 10.47 8.00 9.98
C ILE A 261 11.91 7.59 9.66
N GLU A 262 12.77 8.59 9.45
CA GLU A 262 14.09 8.32 8.89
C GLU A 262 14.94 7.46 9.82
N LYS A 263 14.99 7.83 11.10
CA LYS A 263 15.91 7.15 12.02
C LYS A 263 15.56 5.68 12.21
N HIS A 264 14.34 5.27 11.83
CA HIS A 264 13.93 3.87 11.95
C HIS A 264 13.93 3.14 10.61
N LEU A 265 14.49 3.77 9.56
CA LEU A 265 14.37 3.21 8.22
C LEU A 265 14.82 1.75 8.17
N GLU A 266 15.93 1.42 8.84
CA GLU A 266 16.41 0.05 8.81
C GLU A 266 15.32 -0.93 9.20
N ILE A 267 14.67 -0.68 10.35
CA ILE A 267 13.58 -1.55 10.79
C ILE A 267 12.53 -1.66 9.70
N PHE A 268 12.13 -0.50 9.15
CA PHE A 268 11.13 -0.48 8.09
C PHE A 268 11.51 -1.45 6.98
N HIS A 269 12.76 -1.37 6.53
CA HIS A 269 13.20 -2.22 5.43
C HIS A 269 12.90 -3.68 5.74
N THR A 270 13.32 -4.15 6.91
CA THR A 270 13.07 -5.54 7.26
C THR A 270 11.58 -5.82 7.26
N GLU A 271 10.81 -4.95 7.91
CA GLU A 271 9.37 -5.15 7.95
C GLU A 271 8.79 -5.24 6.54
N PHE A 272 9.31 -4.41 5.63
CA PHE A 272 8.83 -4.44 4.26
C PHE A 272 8.88 -5.86 3.71
N GLN A 273 10.04 -6.51 3.86
CA GLN A 273 10.16 -7.87 3.33
C GLN A 273 9.11 -8.79 3.94
N ASN A 274 8.93 -8.69 5.26
CA ASN A 274 7.94 -9.54 5.92
C ASN A 274 6.55 -9.30 5.35
N LEU A 275 6.22 -8.04 5.07
CA LEU A 275 4.91 -7.75 4.51
C LEU A 275 4.74 -8.44 3.16
N LEU A 276 5.80 -8.46 2.35
CA LEU A 276 5.71 -9.12 1.06
C LEU A 276 5.49 -10.62 1.20
N ASP A 277 5.85 -11.21 2.34
CA ASP A 277 5.62 -12.62 2.58
C ASP A 277 4.21 -12.90 3.09
N ALA A 278 3.42 -11.87 3.38
CA ALA A 278 2.06 -12.06 3.87
C ALA A 278 1.01 -11.41 2.99
N ASP A 279 1.40 -10.53 2.06
CA ASP A 279 0.48 -9.87 1.14
C ASP A 279 -0.58 -9.07 1.91
N LYS A 280 -0.11 -8.06 2.63
CA LYS A 280 -0.96 -7.11 3.34
C LYS A 280 -0.82 -5.78 2.61
N ASN A 281 -1.69 -5.55 1.63
CA ASN A 281 -1.50 -4.46 0.68
C ASN A 281 -1.68 -3.09 1.33
N GLU A 282 -2.63 -2.97 2.27
CA GLU A 282 -2.87 -1.68 2.91
C GLU A 282 -1.66 -1.23 3.72
N ASP A 283 -1.03 -2.15 4.43
CA ASP A 283 0.17 -1.80 5.18
C ASP A 283 1.31 -1.39 4.25
N LEU A 284 1.43 -2.05 3.10
CA LEU A 284 2.43 -1.65 2.12
C LEU A 284 2.14 -0.24 1.60
N GLY A 285 0.87 0.08 1.37
CA GLY A 285 0.53 1.44 0.97
C GLY A 285 0.89 2.46 2.02
N ARG A 286 0.61 2.15 3.29
CA ARG A 286 1.00 3.05 4.37
C ARG A 286 2.51 3.25 4.43
N MET A 287 3.26 2.16 4.30
CA MET A 287 4.72 2.27 4.36
C MET A 287 5.25 3.08 3.18
N TYR A 288 4.69 2.89 1.99
CA TYR A 288 5.10 3.69 0.85
C TYR A 288 4.80 5.16 1.07
N ASN A 289 3.61 5.46 1.60
CA ASN A 289 3.25 6.85 1.87
C ASN A 289 4.20 7.48 2.88
N LEU A 290 4.61 6.72 3.89
CA LEU A 290 5.51 7.26 4.91
C LEU A 290 6.91 7.48 4.35
N VAL A 291 7.45 6.49 3.65
CA VAL A 291 8.83 6.60 3.16
C VAL A 291 8.93 7.58 1.99
N SER A 292 7.81 7.92 1.34
CA SER A 292 7.87 8.87 0.24
C SER A 292 8.42 10.22 0.68
N ARG A 293 8.25 10.59 1.95
CA ARG A 293 8.70 11.90 2.41
C ARG A 293 10.22 11.98 2.48
N ILE A 294 10.89 10.89 2.84
CA ILE A 294 12.35 10.90 2.94
C ILE A 294 12.94 10.89 1.54
N GLN A 295 13.83 11.84 1.28
CA GLN A 295 14.47 11.91 -0.04
C GLN A 295 15.45 10.77 -0.22
N ASP A 296 15.44 10.17 -1.42
CA ASP A 296 16.30 9.05 -1.76
C ASP A 296 16.14 7.91 -0.75
N GLY A 297 14.92 7.67 -0.32
CA GLY A 297 14.65 6.62 0.64
C GLY A 297 13.86 5.48 0.03
N LEU A 298 13.51 5.61 -1.24
CA LEU A 298 12.72 4.61 -1.94
C LEU A 298 13.57 3.59 -2.69
N GLY A 299 14.87 3.82 -2.82
CA GLY A 299 15.69 2.92 -3.63
C GLY A 299 15.75 1.51 -3.09
N GLU A 300 15.99 1.39 -1.79
CA GLU A 300 16.05 0.06 -1.19
C GLU A 300 14.72 -0.67 -1.30
N LEU A 301 13.61 0.08 -1.24
CA LEU A 301 12.31 -0.54 -1.45
C LEU A 301 12.21 -1.13 -2.85
N LYS A 302 12.69 -0.40 -3.86
CA LYS A 302 12.66 -0.90 -5.23
C LYS A 302 13.52 -2.16 -5.37
N LYS A 303 14.73 -2.15 -4.79
CA LYS A 303 15.58 -3.33 -4.88
C LYS A 303 14.94 -4.53 -4.21
N LEU A 304 14.37 -4.33 -3.01
CA LEU A 304 13.73 -5.44 -2.31
C LEU A 304 12.53 -5.97 -3.10
N LEU A 305 11.73 -5.07 -3.67
CA LEU A 305 10.57 -5.52 -4.44
C LEU A 305 10.99 -6.32 -5.66
N GLU A 306 12.02 -5.85 -6.37
CA GLU A 306 12.48 -6.56 -7.56
C GLU A 306 13.00 -7.94 -7.20
N THR A 307 13.82 -8.03 -6.15
CA THR A 307 14.35 -9.33 -5.75
C THR A 307 13.24 -10.26 -5.31
N HIS A 308 12.26 -9.75 -4.58
CA HIS A 308 11.15 -10.59 -4.14
C HIS A 308 10.35 -11.11 -5.32
N ILE A 309 10.06 -10.26 -6.30
CA ILE A 309 9.30 -10.69 -7.47
C ILE A 309 10.08 -11.76 -8.23
N HIS A 310 11.38 -11.55 -8.41
CA HIS A 310 12.21 -12.53 -9.10
C HIS A 310 12.17 -13.88 -8.39
N ASN A 311 12.38 -13.88 -7.07
CA ASN A 311 12.41 -15.13 -6.33
C ASN A 311 11.06 -15.82 -6.37
N GLN A 312 9.97 -15.06 -6.23
CA GLN A 312 8.64 -15.65 -6.27
C GLN A 312 8.35 -16.29 -7.62
N GLY A 313 8.72 -15.61 -8.72
CA GLY A 313 8.49 -16.19 -10.02
C GLY A 313 9.31 -17.44 -10.25
N LEU A 314 10.59 -17.41 -9.85
CA LEU A 314 11.43 -18.60 -10.01
C LEU A 314 10.87 -19.78 -9.23
N ALA A 315 10.44 -19.55 -7.98
CA ALA A 315 9.88 -20.63 -7.18
C ALA A 315 8.58 -21.15 -7.79
N ALA A 316 7.73 -20.25 -8.28
CA ALA A 316 6.44 -20.68 -8.82
C ALA A 316 6.64 -21.52 -10.07
N ILE A 317 7.61 -21.16 -10.92
CA ILE A 317 7.85 -21.95 -12.12
C ILE A 317 8.55 -23.27 -11.78
N GLU A 318 9.42 -23.26 -10.77
CA GLU A 318 10.08 -24.50 -10.36
C GLU A 318 9.10 -25.49 -9.76
N LYS A 319 8.09 -25.01 -9.03
CA LYS A 319 7.15 -25.91 -8.36
C LYS A 319 6.42 -26.82 -9.33
N CYS A 320 6.23 -26.37 -10.58
CA CYS A 320 5.54 -27.21 -11.55
C CYS A 320 6.29 -28.51 -11.82
N GLY A 321 7.60 -28.41 -12.00
CA GLY A 321 8.44 -29.60 -12.09
C GLY A 321 8.64 -30.05 -13.52
N GLU A 322 8.58 -31.37 -13.73
CA GLU A 322 8.89 -31.96 -15.03
C GLU A 322 7.76 -31.78 -16.04
N ALA A 323 6.52 -31.61 -15.57
CA ALA A 323 5.38 -31.56 -16.48
C ALA A 323 5.35 -30.30 -17.33
N ALA A 324 6.15 -29.28 -17.01
CA ALA A 324 6.12 -28.04 -17.78
C ALA A 324 6.69 -28.23 -19.18
N LEU A 325 7.69 -29.09 -19.34
CA LEU A 325 8.36 -29.24 -20.61
C LEU A 325 7.45 -29.77 -21.72
N ASN A 326 6.32 -30.39 -21.36
CA ASN A 326 5.40 -30.92 -22.35
C ASN A 326 4.00 -30.32 -22.27
N ASP A 327 3.75 -29.42 -21.32
CA ASP A 327 2.45 -28.78 -21.16
C ASP A 327 2.62 -27.27 -21.20
N PRO A 328 2.39 -26.64 -22.35
CA PRO A 328 2.49 -25.18 -22.42
C PRO A 328 1.52 -24.46 -21.51
N LYS A 329 0.34 -25.03 -21.29
CA LYS A 329 -0.71 -24.34 -20.55
C LYS A 329 -0.26 -23.98 -19.15
N MET A 330 0.29 -24.94 -18.41
CA MET A 330 0.65 -24.66 -17.03
C MET A 330 1.81 -23.68 -16.94
N TYR A 331 2.77 -23.78 -17.86
CA TYR A 331 3.90 -22.85 -17.87
C TYR A 331 3.43 -21.41 -18.08
N VAL A 332 2.65 -21.19 -19.14
CA VAL A 332 2.20 -19.84 -19.45
C VAL A 332 1.25 -19.33 -18.37
N GLN A 333 0.41 -20.21 -17.81
CA GLN A 333 -0.53 -19.77 -16.79
C GLN A 333 0.17 -19.41 -15.49
N THR A 334 1.23 -20.15 -15.12
CA THR A 334 2.00 -19.78 -13.94
C THR A 334 2.66 -18.42 -14.13
N VAL A 335 3.28 -18.21 -15.29
CA VAL A 335 3.88 -16.90 -15.58
C VAL A 335 2.85 -15.80 -15.48
N LEU A 336 1.68 -16.01 -16.10
CA LEU A 336 0.67 -14.97 -16.13
C LEU A 336 0.10 -14.69 -14.76
N ASP A 337 -0.08 -15.73 -13.94
CA ASP A 337 -0.59 -15.52 -12.58
C ASP A 337 0.37 -14.67 -11.76
N VAL A 338 1.67 -15.00 -11.81
CA VAL A 338 2.64 -14.22 -11.05
C VAL A 338 2.65 -12.77 -11.52
N HIS A 339 2.71 -12.57 -12.84
CA HIS A 339 2.77 -11.22 -13.37
C HIS A 339 1.52 -10.43 -13.01
N LYS A 340 0.34 -11.04 -13.15
CA LYS A 340 -0.90 -10.33 -12.86
C LYS A 340 -0.97 -9.92 -11.40
N LYS A 341 -0.64 -10.85 -10.49
CA LYS A 341 -0.70 -10.51 -9.07
C LYS A 341 0.23 -9.36 -8.73
N TYR A 342 1.48 -9.43 -9.16
CA TYR A 342 2.41 -8.39 -8.74
C TYR A 342 2.19 -7.08 -9.48
N ASN A 343 1.67 -7.11 -10.71
CA ASN A 343 1.32 -5.86 -11.38
C ASN A 343 0.12 -5.20 -10.70
N ALA A 344 -0.86 -5.99 -10.28
CA ALA A 344 -1.97 -5.42 -9.52
C ALA A 344 -1.48 -4.78 -8.23
N LEU A 345 -0.57 -5.46 -7.52
CA LEU A 345 -0.02 -4.88 -6.31
C LEU A 345 0.71 -3.57 -6.58
N VAL A 346 1.56 -3.55 -7.61
CA VAL A 346 2.32 -2.34 -7.93
C VAL A 346 1.39 -1.20 -8.33
N MET A 347 0.31 -1.51 -9.05
CA MET A 347 -0.59 -0.46 -9.51
C MET A 347 -1.47 0.07 -8.38
N SER A 348 -1.84 -0.77 -7.43
CA SER A 348 -2.76 -0.35 -6.37
C SER A 348 -2.02 0.25 -5.18
N ALA A 349 -1.14 -0.54 -4.54
CA ALA A 349 -0.51 -0.07 -3.31
C ALA A 349 0.53 1.01 -3.57
N PHE A 350 1.37 0.81 -4.59
CA PHE A 350 2.51 1.69 -4.84
C PHE A 350 2.18 2.84 -5.79
N ASN A 351 0.90 3.05 -6.10
CA ASN A 351 0.44 4.22 -6.84
C ASN A 351 1.09 4.35 -8.21
N ASN A 352 1.41 3.23 -8.84
CA ASN A 352 1.88 3.20 -10.23
C ASN A 352 3.11 4.08 -10.43
N ASP A 353 4.03 4.04 -9.47
CA ASP A 353 5.26 4.80 -9.58
C ASP A 353 6.10 4.27 -10.75
N ALA A 354 6.81 5.19 -11.42
CA ALA A 354 7.62 4.80 -12.57
C ALA A 354 8.74 3.86 -12.17
N GLY A 355 9.42 4.15 -11.06
CA GLY A 355 10.50 3.29 -10.62
C GLY A 355 10.03 1.89 -10.26
N PHE A 356 8.85 1.78 -9.65
CA PHE A 356 8.35 0.47 -9.27
C PHE A 356 7.89 -0.31 -10.50
N VAL A 357 7.33 0.38 -11.50
CA VAL A 357 7.01 -0.28 -12.77
C VAL A 357 8.28 -0.79 -13.44
N ALA A 358 9.34 0.02 -13.43
CA ALA A 358 10.60 -0.44 -14.00
C ALA A 358 11.16 -1.63 -13.23
N ALA A 359 11.00 -1.64 -11.91
CA ALA A 359 11.44 -2.79 -11.12
C ALA A 359 10.66 -4.04 -11.49
N LEU A 360 9.35 -3.91 -11.66
CA LEU A 360 8.55 -5.06 -12.08
C LEU A 360 8.98 -5.57 -13.46
N ASP A 361 9.23 -4.65 -14.40
CA ASP A 361 9.65 -5.07 -15.73
C ASP A 361 11.01 -5.75 -15.69
N LYS A 362 11.96 -5.22 -14.92
CA LYS A 362 13.27 -5.85 -14.82
C LYS A 362 13.16 -7.23 -14.16
N ALA A 363 12.31 -7.37 -13.15
CA ALA A 363 12.16 -8.67 -12.50
C ALA A 363 11.52 -9.69 -13.42
N CYS A 364 10.51 -9.27 -14.18
CA CYS A 364 9.82 -10.21 -15.06
C CYS A 364 10.66 -10.55 -16.29
N GLY A 365 11.50 -9.64 -16.75
CA GLY A 365 12.32 -9.95 -17.90
C GLY A 365 13.52 -10.81 -17.61
N ARG A 366 13.65 -11.32 -16.38
CA ARG A 366 14.79 -12.11 -15.98
C ARG A 366 14.44 -13.52 -15.53
N PHE A 367 13.16 -13.83 -15.35
CA PHE A 367 12.74 -15.19 -15.04
C PHE A 367 11.84 -15.80 -16.12
N ILE A 368 11.51 -15.06 -17.16
CA ILE A 368 10.94 -15.67 -18.35
C ILE A 368 12.00 -16.49 -19.09
N ASN A 369 13.20 -15.93 -19.21
CA ASN A 369 14.26 -16.50 -20.03
C ASN A 369 15.06 -17.56 -19.26
N ASN A 370 15.59 -17.20 -18.11
CA ASN A 370 16.50 -18.07 -17.35
C ASN A 370 15.76 -18.57 -16.10
N ASN A 371 15.14 -19.75 -16.21
CA ASN A 371 14.47 -20.37 -15.08
C ASN A 371 14.74 -21.87 -15.13
N ALA A 372 13.99 -22.63 -14.33
CA ALA A 372 14.25 -24.07 -14.22
C ALA A 372 13.96 -24.80 -15.52
N VAL A 373 12.89 -24.44 -16.22
CA VAL A 373 12.47 -25.18 -17.40
C VAL A 373 13.52 -25.09 -18.50
N THR A 374 13.96 -23.87 -18.81
CA THR A 374 14.99 -23.72 -19.82
C THR A 374 16.32 -24.29 -19.36
N LYS A 375 16.60 -24.23 -18.05
CA LYS A 375 17.84 -24.79 -17.53
C LYS A 375 17.89 -26.30 -17.76
N MET A 376 16.79 -27.00 -17.51
CA MET A 376 16.77 -28.43 -17.79
C MET A 376 16.52 -28.72 -19.26
N ALA A 377 16.18 -27.72 -20.07
CA ALA A 377 16.13 -27.88 -21.51
C ALA A 377 17.45 -27.55 -22.18
N GLN A 378 18.45 -27.11 -21.41
CA GLN A 378 19.81 -26.88 -21.89
C GLN A 378 19.90 -25.80 -22.95
N SER A 379 18.90 -24.93 -23.04
CA SER A 379 18.90 -23.85 -24.01
C SER A 379 17.85 -22.82 -23.63
N SER A 380 18.24 -21.55 -23.66
CA SER A 380 17.32 -20.46 -23.32
C SER A 380 16.26 -20.22 -24.38
N SER A 381 16.27 -21.00 -25.47
CA SER A 381 15.28 -20.86 -26.54
C SER A 381 14.09 -21.78 -26.35
N LYS A 382 13.77 -22.12 -25.10
CA LYS A 382 12.59 -22.92 -24.79
C LYS A 382 11.43 -22.07 -24.29
N SER A 383 11.70 -20.92 -23.69
CA SER A 383 10.61 -20.04 -23.27
C SER A 383 9.78 -19.53 -24.43
N PRO A 384 10.35 -19.04 -25.54
CA PRO A 384 9.49 -18.64 -26.67
C PRO A 384 8.75 -19.81 -27.28
N GLU A 385 9.45 -20.91 -27.55
CA GLU A 385 8.84 -22.03 -28.26
C GLU A 385 7.54 -22.48 -27.61
N LEU A 386 7.59 -22.75 -26.30
CA LEU A 386 6.40 -23.18 -25.58
C LEU A 386 5.27 -22.17 -25.77
N LEU A 387 5.59 -20.89 -25.63
CA LEU A 387 4.58 -19.85 -25.84
C LEU A 387 3.90 -20.03 -27.18
N ALA A 388 4.69 -20.21 -28.24
CA ALA A 388 4.12 -20.40 -29.57
C ALA A 388 3.17 -21.60 -29.58
N ARG A 389 3.62 -22.72 -29.00
CA ARG A 389 2.77 -23.90 -28.97
C ARG A 389 1.48 -23.61 -28.22
N TYR A 390 1.56 -22.82 -27.15
CA TYR A 390 0.35 -22.44 -26.43
C TYR A 390 -0.64 -21.77 -27.37
N CYS A 391 -0.17 -20.82 -28.18
CA CYS A 391 -1.06 -20.15 -29.11
C CYS A 391 -1.74 -21.15 -30.02
N ASP A 392 -1.00 -22.18 -30.45
CA ASP A 392 -1.59 -23.21 -31.28
C ASP A 392 -2.79 -23.85 -30.59
N SER A 393 -2.62 -24.24 -29.32
CA SER A 393 -3.72 -24.89 -28.61
C SER A 393 -4.87 -23.94 -28.33
N LEU A 394 -4.67 -22.63 -28.53
CA LEU A 394 -5.77 -21.69 -28.38
C LEU A 394 -6.56 -21.48 -29.67
N LEU A 395 -6.09 -22.02 -30.79
CA LEU A 395 -6.74 -21.77 -32.07
C LEU A 395 -7.13 -23.02 -32.83
N LYS A 396 -6.65 -24.20 -32.44
CA LYS A 396 -7.11 -25.42 -33.07
C LYS A 396 -8.54 -25.73 -32.63
N LYS A 397 -9.24 -26.51 -33.44
CA LYS A 397 -10.60 -26.91 -33.11
C LYS A 397 -10.59 -27.85 -31.91
N SER A 398 -11.44 -27.55 -30.92
CA SER A 398 -11.50 -28.31 -29.69
C SER A 398 -12.95 -28.54 -29.30
N SER A 399 -13.14 -29.43 -28.32
CA SER A 399 -14.49 -29.78 -27.88
C SER A 399 -15.23 -28.58 -27.29
N LYS A 400 -14.54 -27.78 -26.48
CA LYS A 400 -15.13 -26.63 -25.81
C LYS A 400 -14.48 -25.36 -26.36
N ASN A 401 -15.18 -24.68 -27.25
CA ASN A 401 -14.66 -23.43 -27.80
C ASN A 401 -14.69 -22.35 -26.71
N PRO A 402 -13.56 -21.71 -26.42
CA PRO A 402 -13.54 -20.69 -25.38
C PRO A 402 -14.35 -19.47 -25.76
N GLU A 403 -14.79 -18.75 -24.72
CA GLU A 403 -15.58 -17.54 -24.91
C GLU A 403 -14.80 -16.50 -25.70
N GLU A 404 -15.50 -15.78 -26.58
CA GLU A 404 -14.84 -14.82 -27.45
C GLU A 404 -14.13 -13.73 -26.64
N ALA A 405 -14.82 -13.19 -25.64
CA ALA A 405 -14.17 -12.22 -24.75
C ALA A 405 -13.02 -12.87 -23.98
N GLU A 406 -13.23 -14.09 -23.51
CA GLU A 406 -12.15 -14.82 -22.84
C GLU A 406 -10.99 -15.08 -23.79
N LEU A 407 -11.29 -15.41 -25.05
CA LEU A 407 -10.23 -15.63 -26.03
C LEU A 407 -9.43 -14.35 -26.27
N GLU A 408 -10.11 -13.22 -26.42
CA GLU A 408 -9.40 -11.96 -26.64
C GLU A 408 -8.55 -11.58 -25.44
N ASP A 409 -9.08 -11.79 -24.23
CA ASP A 409 -8.29 -11.53 -23.03
C ASP A 409 -7.07 -12.42 -22.97
N THR A 410 -7.22 -13.69 -23.33
CA THR A 410 -6.09 -14.61 -23.31
C THR A 410 -5.03 -14.20 -24.33
N LEU A 411 -5.45 -13.77 -25.52
CA LEU A 411 -4.48 -13.33 -26.53
C LEU A 411 -3.75 -12.07 -26.07
N ASN A 412 -4.47 -11.14 -25.43
CA ASN A 412 -3.81 -9.95 -24.89
C ASN A 412 -2.81 -10.32 -23.81
N GLN A 413 -3.15 -11.30 -22.97
CA GLN A 413 -2.20 -11.78 -21.97
C GLN A 413 -0.99 -12.43 -22.62
N VAL A 414 -1.20 -13.18 -23.69
CA VAL A 414 -0.07 -13.76 -24.41
C VAL A 414 0.85 -12.67 -24.95
N MET A 415 0.27 -11.57 -25.44
CA MET A 415 1.10 -10.44 -25.87
C MET A 415 1.86 -9.81 -24.71
N VAL A 416 1.22 -9.63 -23.55
CA VAL A 416 1.93 -8.97 -22.47
C VAL A 416 3.02 -9.88 -21.91
N VAL A 417 2.92 -11.19 -22.16
CA VAL A 417 4.05 -12.07 -21.85
C VAL A 417 5.12 -11.99 -22.93
N PHE A 418 4.70 -12.03 -24.20
CA PHE A 418 5.64 -12.02 -25.32
C PHE A 418 6.48 -10.74 -25.35
N LYS A 419 6.00 -9.68 -24.71
CA LYS A 419 6.79 -8.45 -24.66
C LYS A 419 8.16 -8.65 -24.01
N TYR A 420 8.34 -9.71 -23.23
CA TYR A 420 9.54 -9.88 -22.41
C TYR A 420 10.58 -10.84 -22.99
N ILE A 421 10.17 -11.82 -23.80
CA ILE A 421 11.10 -12.87 -24.22
C ILE A 421 12.19 -12.27 -25.10
N GLU A 422 13.43 -12.67 -24.84
CA GLU A 422 14.58 -12.08 -25.53
C GLU A 422 14.63 -12.51 -26.99
N ASP A 423 14.50 -13.81 -27.26
CA ASP A 423 14.61 -14.35 -28.61
C ASP A 423 13.22 -14.37 -29.24
N LYS A 424 12.97 -13.43 -30.14
CA LYS A 424 11.67 -13.34 -30.79
C LYS A 424 11.63 -13.99 -32.17
N ASP A 425 12.78 -14.14 -32.84
CA ASP A 425 12.78 -14.81 -34.12
C ASP A 425 12.41 -16.29 -33.99
N VAL A 426 12.76 -16.91 -32.87
CA VAL A 426 12.32 -18.28 -32.62
C VAL A 426 10.81 -18.35 -32.52
N PHE A 427 10.21 -17.38 -31.82
CA PHE A 427 8.75 -17.34 -31.74
C PHE A 427 8.14 -17.15 -33.11
N GLN A 428 8.71 -16.27 -33.93
CA GLN A 428 8.17 -16.07 -35.27
C GLN A 428 8.24 -17.34 -36.09
N LYS A 429 9.37 -18.05 -36.03
CA LYS A 429 9.52 -19.29 -36.81
C LYS A 429 8.49 -20.33 -36.38
N PHE A 430 8.38 -20.56 -35.07
CA PHE A 430 7.46 -21.59 -34.60
C PHE A 430 6.01 -21.22 -34.88
N TYR A 431 5.67 -19.94 -34.74
CA TYR A 431 4.31 -19.52 -35.07
C TYR A 431 4.01 -19.71 -36.55
N ALA A 432 4.97 -19.39 -37.42
CA ALA A 432 4.75 -19.60 -38.85
C ALA A 432 4.52 -21.07 -39.15
N LYS A 433 5.32 -21.95 -38.55
CA LYS A 433 5.14 -23.38 -38.77
C LYS A 433 3.76 -23.84 -38.31
N MET A 434 3.36 -23.47 -37.10
CA MET A 434 2.07 -23.90 -36.57
C MET A 434 0.93 -23.36 -37.42
N LEU A 435 1.04 -22.10 -37.86
CA LEU A 435 0.01 -21.53 -38.70
C LEU A 435 -0.11 -22.27 -40.02
N ALA A 436 1.02 -22.61 -40.64
CA ALA A 436 0.97 -23.34 -41.90
C ALA A 436 0.30 -24.70 -41.72
N LYS A 437 0.69 -25.42 -40.67
CA LYS A 437 0.11 -26.75 -40.46
C LYS A 437 -1.37 -26.67 -40.11
N ARG A 438 -1.81 -25.58 -39.47
CA ARG A 438 -3.23 -25.42 -39.19
C ARG A 438 -4.00 -25.05 -40.46
N LEU A 439 -3.43 -24.17 -41.30
CA LEU A 439 -4.13 -23.73 -42.50
C LEU A 439 -4.29 -24.87 -43.49
N VAL A 440 -3.27 -25.71 -43.64
CA VAL A 440 -3.35 -26.78 -44.64
C VAL A 440 -4.47 -27.75 -44.30
N HIS A 441 -4.53 -28.19 -43.05
CA HIS A 441 -5.55 -29.14 -42.63
C HIS A 441 -6.88 -28.47 -42.28
N GLN A 442 -6.95 -27.14 -42.32
CA GLN A 442 -8.16 -26.38 -42.04
C GLN A 442 -8.67 -26.67 -40.62
N ASN A 443 -7.79 -26.49 -39.65
CA ASN A 443 -8.11 -26.68 -38.25
C ASN A 443 -8.43 -25.37 -37.54
N SER A 444 -8.48 -24.26 -38.27
CA SER A 444 -8.73 -22.96 -37.65
C SER A 444 -10.14 -22.93 -37.06
N ALA A 445 -10.22 -22.66 -35.75
CA ALA A 445 -11.53 -22.57 -35.10
C ALA A 445 -12.34 -21.40 -35.65
N SER A 446 -11.70 -20.25 -35.87
CA SER A 446 -12.39 -19.08 -36.38
C SER A 446 -11.39 -18.19 -37.10
N ASP A 447 -11.78 -17.70 -38.28
CA ASP A 447 -10.89 -16.83 -39.04
C ASP A 447 -10.75 -15.45 -38.40
N ASP A 448 -11.80 -14.97 -37.74
CA ASP A 448 -11.75 -13.63 -37.15
C ASP A 448 -10.70 -13.55 -36.04
N ALA A 449 -10.70 -14.53 -35.14
CA ALA A 449 -9.73 -14.52 -34.04
C ALA A 449 -8.30 -14.67 -34.57
N GLU A 450 -8.12 -15.48 -35.60
CA GLU A 450 -6.79 -15.69 -36.17
C GLU A 450 -6.28 -14.41 -36.85
N ALA A 451 -7.16 -13.71 -37.57
CA ALA A 451 -6.78 -12.43 -38.15
C ALA A 451 -6.47 -11.40 -37.08
N SER A 452 -7.23 -11.42 -35.97
CA SER A 452 -6.93 -10.53 -34.86
C SER A 452 -5.56 -10.83 -34.26
N MET A 453 -5.22 -12.11 -34.15
CA MET A 453 -3.90 -12.51 -33.67
C MET A 453 -2.80 -11.99 -34.57
N ILE A 454 -2.99 -12.12 -35.89
CA ILE A 454 -1.99 -11.61 -36.83
C ILE A 454 -1.87 -10.10 -36.71
N SER A 455 -3.00 -9.40 -36.53
CA SER A 455 -2.95 -7.96 -36.36
C SER A 455 -2.19 -7.56 -35.09
N LYS A 456 -2.41 -8.30 -34.00
CA LYS A 456 -1.67 -8.02 -32.77
C LYS A 456 -0.18 -8.20 -32.97
N LEU A 457 0.21 -9.28 -33.66
CA LEU A 457 1.63 -9.49 -33.93
C LEU A 457 2.19 -8.38 -34.80
N LYS A 458 1.44 -7.93 -35.79
CA LYS A 458 1.89 -6.85 -36.66
C LYS A 458 2.12 -5.56 -35.86
N GLN A 459 1.19 -5.23 -34.98
CA GLN A 459 1.37 -4.04 -34.14
C GLN A 459 2.56 -4.20 -33.21
N ALA A 460 2.76 -5.41 -32.66
CA ALA A 460 3.83 -5.63 -31.69
C ALA A 460 5.21 -5.50 -32.34
N CYS A 461 5.41 -6.16 -33.48
CA CYS A 461 6.75 -6.25 -34.04
C CYS A 461 6.94 -5.48 -35.34
N GLY A 462 5.92 -5.40 -36.20
CA GLY A 462 6.04 -4.68 -37.44
C GLY A 462 5.43 -5.46 -38.58
N PHE A 463 5.79 -5.08 -39.80
CA PHE A 463 5.25 -5.73 -40.99
C PHE A 463 6.00 -6.99 -41.39
N GLU A 464 7.22 -7.21 -40.87
CA GLU A 464 7.98 -8.39 -41.25
C GLU A 464 7.41 -9.65 -40.59
N TYR A 465 6.99 -9.55 -39.33
CA TYR A 465 6.40 -10.71 -38.66
C TYR A 465 5.09 -11.15 -39.29
N THR A 466 4.47 -10.33 -40.14
CA THR A 466 3.17 -10.65 -40.69
C THR A 466 3.11 -10.67 -42.20
N SER A 467 4.18 -10.26 -42.89
CA SER A 467 4.15 -10.31 -44.36
C SER A 467 3.99 -11.74 -44.86
N LYS A 468 4.76 -12.66 -44.29
CA LYS A 468 4.66 -14.07 -44.71
C LYS A 468 3.29 -14.64 -44.37
N LEU A 469 2.74 -14.28 -43.22
CA LEU A 469 1.44 -14.80 -42.82
C LEU A 469 0.33 -14.29 -43.72
N GLN A 470 0.39 -13.00 -44.08
CA GLN A 470 -0.57 -12.46 -45.04
C GLN A 470 -0.41 -13.13 -46.40
N ARG A 471 0.84 -13.43 -46.79
CA ARG A 471 1.05 -14.16 -48.03
C ARG A 471 0.40 -15.53 -47.99
N MET A 472 0.53 -16.24 -46.86
CA MET A 472 -0.12 -17.53 -46.72
C MET A 472 -1.64 -17.43 -46.83
N PHE A 473 -2.22 -16.42 -46.17
CA PHE A 473 -3.66 -16.24 -46.25
C PHE A 473 -4.13 -15.95 -47.67
N GLN A 474 -3.42 -15.05 -48.36
CA GLN A 474 -3.78 -14.75 -49.74
C GLN A 474 -3.63 -15.98 -50.63
N ASP A 475 -2.59 -16.78 -50.39
CA ASP A 475 -2.39 -17.99 -51.19
C ASP A 475 -3.52 -18.99 -50.96
N ILE A 476 -3.96 -19.15 -49.72
CA ILE A 476 -5.04 -20.09 -49.46
C ILE A 476 -6.35 -19.60 -50.09
N GLY A 477 -6.58 -18.28 -50.08
CA GLY A 477 -7.75 -17.74 -50.75
C GLY A 477 -7.70 -17.96 -52.25
N VAL A 478 -6.52 -17.75 -52.85
CA VAL A 478 -6.36 -17.97 -54.29
C VAL A 478 -6.58 -19.44 -54.62
N SER A 479 -6.08 -20.34 -53.77
CA SER A 479 -6.30 -21.76 -54.00
C SER A 479 -7.77 -22.12 -53.92
N LYS A 480 -8.50 -21.53 -52.96
CA LYS A 480 -9.93 -21.77 -52.88
C LYS A 480 -10.65 -21.29 -54.15
N ASP A 481 -10.27 -20.11 -54.63
CA ASP A 481 -10.89 -19.58 -55.86
C ASP A 481 -10.57 -20.48 -57.06
N LEU A 482 -9.33 -20.95 -57.15
CA LEU A 482 -8.96 -21.84 -58.25
C LEU A 482 -9.70 -23.15 -58.17
N ASN A 483 -9.89 -23.69 -56.96
CA ASN A 483 -10.66 -24.91 -56.81
C ASN A 483 -12.10 -24.70 -57.25
N GLU A 484 -12.70 -23.56 -56.90
CA GLU A 484 -14.06 -23.27 -57.35
C GLU A 484 -14.12 -23.15 -58.88
N GLN A 485 -13.12 -22.50 -59.48
CA GLN A 485 -13.11 -22.38 -60.94
C GLN A 485 -12.96 -23.74 -61.62
N PHE A 486 -12.11 -24.61 -61.06
CA PHE A 486 -11.97 -25.94 -61.64
C PHE A 486 -13.23 -26.77 -61.43
N LYS A 487 -13.94 -26.55 -60.32
CA LYS A 487 -15.25 -27.20 -60.15
C LYS A 487 -16.23 -26.72 -61.21
N LYS A 488 -16.21 -25.43 -61.52
CA LYS A 488 -17.05 -24.92 -62.61
C LYS A 488 -16.69 -25.56 -63.93
N HIS A 489 -15.39 -25.68 -64.22
CA HIS A 489 -14.95 -26.32 -65.46
C HIS A 489 -15.37 -27.78 -65.50
N LEU A 490 -15.29 -28.47 -64.37
CA LEU A 490 -15.75 -29.87 -64.31
C LEU A 490 -17.24 -29.96 -64.56
N THR A 491 -18.03 -29.03 -64.00
CA THR A 491 -19.45 -29.00 -64.28
C THR A 491 -19.74 -28.67 -65.73
N ASN A 492 -18.80 -28.00 -66.41
CA ASN A 492 -18.91 -27.72 -67.84
C ASN A 492 -18.29 -28.81 -68.71
N SER A 493 -17.82 -29.90 -68.11
CA SER A 493 -17.16 -30.98 -68.85
C SER A 493 -17.46 -32.29 -68.13
N GLU A 494 -16.65 -33.31 -68.40
CA GLU A 494 -16.80 -34.59 -67.73
C GLU A 494 -16.48 -34.45 -66.25
N PRO A 495 -17.38 -34.85 -65.35
CA PRO A 495 -17.10 -34.72 -63.92
C PRO A 495 -16.12 -35.79 -63.44
N LEU A 496 -15.59 -35.57 -62.24
CA LEU A 496 -14.66 -36.50 -61.63
C LEU A 496 -15.41 -37.63 -60.92
N ASP A 497 -14.68 -38.71 -60.65
CA ASP A 497 -15.27 -39.87 -59.97
C ASP A 497 -15.57 -39.54 -58.51
N LEU A 498 -14.60 -38.93 -57.81
CA LEU A 498 -14.73 -38.62 -56.39
C LEU A 498 -14.47 -37.14 -56.15
N ASP A 499 -15.09 -36.62 -55.10
CA ASP A 499 -14.97 -35.20 -54.75
C ASP A 499 -13.75 -35.03 -53.86
N PHE A 500 -12.69 -34.46 -54.41
CA PHE A 500 -11.46 -34.19 -53.68
C PHE A 500 -11.15 -32.69 -53.71
N SER A 501 -10.41 -32.25 -52.70
CA SER A 501 -10.02 -30.85 -52.56
C SER A 501 -8.54 -30.71 -52.86
N ILE A 502 -8.21 -29.73 -53.69
CA ILE A 502 -6.83 -29.46 -54.08
C ILE A 502 -6.51 -27.99 -53.79
N GLN A 503 -5.32 -27.74 -53.27
CA GLN A 503 -4.86 -26.39 -52.96
C GLN A 503 -3.48 -26.19 -53.57
N VAL A 504 -3.31 -25.08 -54.28
CA VAL A 504 -2.04 -24.74 -54.91
C VAL A 504 -1.32 -23.72 -54.04
N LEU A 505 -0.09 -24.05 -53.65
CA LEU A 505 0.68 -23.25 -52.71
C LEU A 505 1.98 -22.79 -53.37
N SER A 506 2.24 -21.49 -53.34
CA SER A 506 3.49 -20.98 -53.90
C SER A 506 4.67 -21.46 -53.08
N SER A 507 5.71 -21.91 -53.79
CA SER A 507 6.86 -22.51 -53.12
C SER A 507 7.67 -21.48 -52.34
N GLY A 508 7.53 -20.21 -52.68
CA GLY A 508 8.33 -19.18 -52.04
C GLY A 508 7.85 -18.69 -50.71
N SER A 509 6.71 -19.18 -50.22
CA SER A 509 6.14 -18.74 -48.96
C SER A 509 6.08 -19.85 -47.92
N TRP A 510 5.45 -20.97 -48.25
CA TRP A 510 5.19 -22.00 -47.26
C TRP A 510 6.49 -22.75 -46.90
N PRO A 511 6.62 -23.18 -45.64
CA PRO A 511 7.85 -23.83 -45.20
C PRO A 511 7.96 -25.32 -45.55
N PHE A 512 7.05 -25.85 -46.36
CA PHE A 512 7.05 -27.27 -46.65
C PHE A 512 8.20 -27.65 -47.56
N GLN A 513 8.74 -28.86 -47.34
CA GLN A 513 9.83 -29.41 -48.12
C GLN A 513 9.51 -30.83 -48.53
N GLN A 514 9.96 -31.22 -49.72
CA GLN A 514 9.74 -32.57 -50.22
C GLN A 514 10.92 -33.45 -49.83
N SER A 515 10.62 -34.55 -49.14
CA SER A 515 11.67 -35.44 -48.65
C SER A 515 11.30 -36.91 -48.78
N CYS A 516 10.44 -37.29 -49.73
CA CYS A 516 10.02 -38.67 -49.87
C CYS A 516 9.67 -38.94 -51.33
N THR A 517 9.70 -40.22 -51.69
CA THR A 517 9.34 -40.68 -53.02
C THR A 517 8.13 -41.60 -52.94
N PHE A 518 7.19 -41.40 -53.87
CA PHE A 518 5.92 -42.11 -53.83
C PHE A 518 5.53 -42.55 -55.23
N ALA A 519 4.70 -43.58 -55.30
CA ALA A 519 4.17 -44.10 -56.56
C ALA A 519 2.66 -43.87 -56.60
N LEU A 520 2.19 -43.24 -57.67
CA LEU A 520 0.78 -42.87 -57.76
C LEU A 520 -0.07 -44.10 -58.08
N PRO A 521 -1.11 -44.37 -57.29
CA PRO A 521 -2.11 -45.37 -57.71
C PRO A 521 -2.83 -44.91 -58.97
N SER A 522 -3.39 -45.88 -59.68
CA SER A 522 -4.07 -45.60 -60.94
C SER A 522 -5.38 -44.83 -60.74
N GLU A 523 -5.91 -44.78 -59.52
CA GLU A 523 -7.18 -44.11 -59.29
C GLU A 523 -7.06 -42.60 -59.47
N LEU A 524 -5.98 -42.00 -58.96
CA LEU A 524 -5.79 -40.57 -59.03
C LEU A 524 -4.99 -40.12 -60.25
N GLU A 525 -4.61 -41.05 -61.13
CA GLU A 525 -3.75 -40.69 -62.25
C GLU A 525 -4.45 -39.75 -63.22
N ARG A 526 -5.73 -40.00 -63.52
CA ARG A 526 -6.45 -39.15 -64.46
C ARG A 526 -6.63 -37.74 -63.91
N SER A 527 -6.98 -37.62 -62.62
CA SER A 527 -7.08 -36.31 -62.00
C SER A 527 -5.73 -35.60 -61.99
N TYR A 528 -4.67 -36.34 -61.68
CA TYR A 528 -3.32 -35.78 -61.70
C TYR A 528 -2.99 -35.19 -63.05
N GLN A 529 -3.15 -35.98 -64.12
CA GLN A 529 -2.74 -35.51 -65.44
C GLN A 529 -3.64 -34.36 -65.92
N ARG A 530 -4.94 -34.44 -65.66
CA ARG A 530 -5.82 -33.36 -66.07
C ARG A 530 -5.48 -32.06 -65.35
N PHE A 531 -5.20 -32.13 -64.05
CA PHE A 531 -4.86 -30.92 -63.30
C PHE A 531 -3.52 -30.36 -63.76
N THR A 532 -2.53 -31.22 -64.03
CA THR A 532 -1.26 -30.72 -64.53
C THR A 532 -1.42 -30.03 -65.87
N ALA A 533 -2.21 -30.62 -66.78
CA ALA A 533 -2.45 -29.99 -68.06
C ALA A 533 -3.16 -28.66 -67.91
N PHE A 534 -4.17 -28.60 -67.04
CA PHE A 534 -4.91 -27.37 -66.84
C PHE A 534 -4.03 -26.27 -66.25
N TYR A 535 -3.20 -26.62 -65.27
CA TYR A 535 -2.34 -25.62 -64.65
C TYR A 535 -1.26 -25.16 -65.61
N ALA A 536 -0.73 -26.06 -66.44
CA ALA A 536 0.22 -25.65 -67.47
C ALA A 536 -0.43 -24.69 -68.46
N SER A 537 -1.69 -24.95 -68.81
CA SER A 537 -2.42 -24.01 -69.66
C SER A 537 -2.69 -22.70 -68.96
N ARG A 538 -2.75 -22.70 -67.62
CA ARG A 538 -3.07 -21.50 -66.86
C ARG A 538 -1.82 -20.74 -66.43
N HIS A 539 -0.93 -21.39 -65.69
CA HIS A 539 0.20 -20.72 -65.06
C HIS A 539 1.52 -21.27 -65.61
N SER A 540 2.56 -20.42 -65.56
CA SER A 540 3.91 -20.80 -65.94
C SER A 540 4.89 -19.91 -65.20
N GLY A 541 6.15 -20.34 -65.17
CA GLY A 541 7.20 -19.60 -64.52
C GLY A 541 7.47 -19.97 -63.08
N ARG A 542 6.64 -20.82 -62.48
CA ARG A 542 6.85 -21.29 -61.12
C ARG A 542 6.88 -22.82 -61.11
N LYS A 543 7.06 -23.38 -59.92
CA LYS A 543 7.09 -24.83 -59.73
C LYS A 543 5.94 -25.26 -58.83
N LEU A 544 5.25 -26.31 -59.25
CA LEU A 544 4.14 -26.85 -58.47
C LEU A 544 4.64 -27.45 -57.16
N THR A 545 3.90 -27.19 -56.08
CA THR A 545 4.19 -27.77 -54.77
C THR A 545 3.38 -29.05 -54.65
N TRP A 546 3.95 -30.15 -55.12
CA TRP A 546 3.31 -31.47 -55.08
C TRP A 546 3.85 -32.24 -53.89
N LEU A 547 3.03 -32.33 -52.84
CA LEU A 547 3.35 -33.10 -51.65
C LEU A 547 2.23 -34.08 -51.38
N TYR A 548 2.58 -35.26 -50.89
CA TYR A 548 1.60 -36.33 -50.68
C TYR A 548 1.40 -36.70 -49.22
N GLN A 549 2.43 -36.58 -48.38
CA GLN A 549 2.27 -36.96 -46.98
C GLN A 549 1.39 -35.98 -46.21
N LEU A 550 1.11 -34.80 -46.77
CA LEU A 550 0.19 -33.85 -46.18
C LEU A 550 -1.21 -33.92 -46.78
N SER A 551 -1.46 -34.89 -47.65
CA SER A 551 -2.76 -35.04 -48.29
C SER A 551 -3.55 -36.13 -47.59
N LYS A 552 -4.77 -35.79 -47.17
CA LYS A 552 -5.68 -36.72 -46.50
C LYS A 552 -7.04 -36.67 -47.20
N GLY A 553 -7.97 -37.46 -46.71
CA GLY A 553 -9.30 -37.46 -47.30
C GLY A 553 -10.16 -38.55 -46.69
N GLU A 554 -11.24 -38.87 -47.39
CA GLU A 554 -12.20 -39.88 -46.97
C GLU A 554 -12.35 -40.95 -48.03
N LEU A 555 -12.66 -42.17 -47.60
CA LEU A 555 -12.85 -43.28 -48.50
C LEU A 555 -14.02 -44.13 -48.03
N VAL A 556 -14.67 -44.79 -49.00
CA VAL A 556 -15.83 -45.63 -48.76
C VAL A 556 -15.46 -47.06 -49.11
N THR A 557 -15.74 -47.99 -48.20
CA THR A 557 -15.41 -49.39 -48.38
C THR A 557 -16.69 -50.19 -48.65
N ASN A 558 -16.65 -51.02 -49.68
CA ASN A 558 -17.74 -51.94 -50.01
C ASN A 558 -17.46 -53.35 -49.51
N CYS A 559 -16.45 -53.53 -48.68
CA CYS A 559 -16.04 -54.85 -48.21
C CYS A 559 -16.56 -55.16 -46.81
N PHE A 560 -17.47 -54.35 -46.28
CA PHE A 560 -18.05 -54.59 -44.97
C PHE A 560 -19.56 -54.69 -45.07
N LYS A 561 -20.16 -55.44 -44.15
CA LYS A 561 -21.61 -55.63 -44.17
C LYS A 561 -22.34 -54.31 -43.96
N ASN A 562 -21.86 -53.49 -43.03
CA ASN A 562 -22.41 -52.15 -42.80
C ASN A 562 -21.49 -51.12 -43.42
N ARG A 563 -22.05 -50.26 -44.26
CA ARG A 563 -21.26 -49.27 -44.98
C ARG A 563 -20.62 -48.30 -44.00
N TYR A 564 -19.29 -48.22 -44.03
CA TYR A 564 -18.53 -47.34 -43.15
C TYR A 564 -17.67 -46.40 -43.99
N THR A 565 -17.49 -45.17 -43.50
CA THR A 565 -16.66 -44.17 -44.15
C THR A 565 -15.41 -43.98 -43.30
N LEU A 566 -14.24 -44.20 -43.90
CA LEU A 566 -12.97 -44.12 -43.20
C LEU A 566 -12.24 -42.86 -43.65
N GLN A 567 -11.91 -41.98 -42.73
CA GLN A 567 -11.09 -40.81 -43.05
C GLN A 567 -9.64 -41.09 -42.69
N ALA A 568 -8.76 -40.91 -43.67
CA ALA A 568 -7.37 -41.36 -43.55
C ALA A 568 -6.47 -40.54 -44.45
N SER A 569 -5.17 -40.68 -44.21
CA SER A 569 -4.15 -40.00 -45.00
C SER A 569 -3.89 -40.76 -46.31
N THR A 570 -3.06 -40.18 -47.17
CA THR A 570 -2.83 -40.74 -48.50
C THR A 570 -2.13 -42.09 -48.42
N PHE A 571 -1.21 -42.26 -47.47
CA PHE A 571 -0.52 -43.54 -47.33
C PHE A 571 -1.50 -44.65 -46.95
N GLN A 572 -2.40 -44.37 -46.00
CA GLN A 572 -3.44 -45.33 -45.67
C GLN A 572 -4.39 -45.56 -46.84
N MET A 573 -4.68 -44.51 -47.61
CA MET A 573 -5.49 -44.68 -48.80
C MET A 573 -4.84 -45.64 -49.80
N ALA A 574 -3.54 -45.49 -50.03
CA ALA A 574 -2.84 -46.38 -50.94
C ALA A 574 -2.83 -47.82 -50.40
N ILE A 575 -2.62 -47.96 -49.08
CA ILE A 575 -2.61 -49.29 -48.48
C ILE A 575 -3.95 -49.98 -48.67
N LEU A 576 -5.04 -49.25 -48.44
CA LEU A 576 -6.37 -49.84 -48.60
C LEU A 576 -6.71 -50.09 -50.06
N LEU A 577 -6.25 -49.21 -50.96
CA LEU A 577 -6.52 -49.39 -52.38
C LEU A 577 -5.76 -50.58 -52.94
N GLN A 578 -4.59 -50.89 -52.40
CA GLN A 578 -3.88 -52.08 -52.81
C GLN A 578 -4.63 -53.36 -52.47
N TYR A 579 -5.53 -53.31 -51.49
CA TYR A 579 -6.34 -54.46 -51.11
C TYR A 579 -7.58 -54.64 -51.98
N ASN A 580 -7.78 -53.79 -52.98
CA ASN A 580 -8.95 -53.92 -53.84
C ASN A 580 -8.95 -55.24 -54.61
N THR A 581 -7.76 -55.78 -54.89
CA THR A 581 -7.63 -57.04 -55.62
C THR A 581 -7.31 -58.21 -54.70
N GLU A 582 -6.22 -58.10 -53.92
CA GLU A 582 -5.81 -59.12 -52.99
C GLU A 582 -5.76 -58.55 -51.58
N ASP A 583 -6.44 -59.22 -50.66
CA ASP A 583 -6.53 -58.75 -49.27
C ASP A 583 -5.35 -59.19 -48.41
N ALA A 584 -4.52 -60.11 -48.89
CA ALA A 584 -3.41 -60.66 -48.12
C ALA A 584 -2.10 -60.22 -48.77
N TYR A 585 -1.34 -59.37 -48.08
CA TYR A 585 -0.08 -58.86 -48.61
C TYR A 585 1.04 -59.04 -47.60
N THR A 586 2.23 -59.30 -48.12
CA THR A 586 3.42 -59.36 -47.30
C THR A 586 4.02 -57.97 -47.14
N VAL A 587 4.74 -57.76 -46.04
CA VAL A 587 5.28 -56.44 -45.73
C VAL A 587 6.35 -56.04 -46.74
N GLN A 588 7.17 -57.00 -47.16
CA GLN A 588 8.21 -56.70 -48.14
C GLN A 588 7.62 -56.25 -49.47
N GLN A 589 6.57 -56.95 -49.93
CA GLN A 589 5.90 -56.55 -51.17
C GLN A 589 5.24 -55.18 -51.03
N LEU A 590 4.65 -54.91 -49.86
CA LEU A 590 4.05 -53.61 -49.62
C LEU A 590 5.09 -52.50 -49.67
N THR A 591 6.26 -52.73 -49.06
CA THR A 591 7.33 -51.75 -49.11
C THR A 591 7.82 -51.55 -50.54
N ASP A 592 7.96 -52.64 -51.30
CA ASP A 592 8.43 -52.52 -52.68
C ASP A 592 7.44 -51.76 -53.55
N SER A 593 6.15 -51.99 -53.36
CA SER A 593 5.14 -51.38 -54.22
C SER A 593 4.81 -49.96 -53.79
N THR A 594 4.30 -49.79 -52.57
CA THR A 594 3.82 -48.50 -52.11
C THR A 594 4.94 -47.49 -51.88
N GLN A 595 6.20 -47.92 -51.85
CA GLN A 595 7.34 -47.04 -51.65
C GLN A 595 7.22 -46.25 -50.35
N ILE A 596 6.78 -46.91 -49.29
CA ILE A 596 6.63 -46.31 -47.97
C ILE A 596 7.79 -46.77 -47.10
N LYS A 597 8.38 -45.83 -46.37
CA LYS A 597 9.52 -46.15 -45.52
C LYS A 597 9.09 -47.12 -44.42
N MET A 598 10.08 -47.87 -43.91
CA MET A 598 9.79 -48.97 -42.99
C MET A 598 9.15 -48.46 -41.70
N ASP A 599 9.62 -47.32 -41.18
CA ASP A 599 9.05 -46.78 -39.95
C ASP A 599 7.62 -46.30 -40.16
N ILE A 600 7.40 -45.53 -41.23
CA ILE A 600 6.06 -45.00 -41.51
C ILE A 600 5.10 -46.14 -41.81
N LEU A 601 5.53 -47.09 -42.64
CA LEU A 601 4.66 -48.23 -42.96
C LEU A 601 4.35 -49.05 -41.72
N ALA A 602 5.36 -49.28 -40.87
CA ALA A 602 5.13 -50.03 -39.64
C ALA A 602 4.14 -49.33 -38.73
N GLN A 603 4.30 -48.01 -38.56
CA GLN A 603 3.39 -47.25 -37.70
C GLN A 603 1.96 -47.29 -38.26
N VAL A 604 1.82 -47.13 -39.57
CA VAL A 604 0.52 -47.25 -40.20
C VAL A 604 -0.05 -48.65 -39.96
N LEU A 605 0.81 -49.66 -39.93
CA LEU A 605 0.36 -51.02 -39.69
C LEU A 605 -0.17 -51.21 -38.28
N GLN A 606 0.53 -50.70 -37.27
CA GLN A 606 -0.02 -50.80 -35.92
C GLN A 606 -1.32 -50.02 -35.80
N ILE A 607 -1.39 -48.84 -36.44
CA ILE A 607 -2.61 -48.04 -36.37
C ILE A 607 -3.79 -48.80 -37.00
N LEU A 608 -3.55 -49.43 -38.15
CA LEU A 608 -4.61 -50.20 -38.80
C LEU A 608 -5.02 -51.41 -37.97
N LEU A 609 -4.04 -52.13 -37.41
CA LEU A 609 -4.36 -53.34 -36.64
C LEU A 609 -5.11 -53.00 -35.36
N LYS A 610 -4.75 -51.90 -34.69
CA LYS A 610 -5.43 -51.52 -33.47
C LYS A 610 -6.88 -51.15 -33.75
N SER A 611 -7.14 -50.54 -34.91
CA SER A 611 -8.51 -50.23 -35.33
C SER A 611 -9.30 -51.46 -35.72
N LYS A 612 -8.65 -52.62 -35.81
CA LYS A 612 -9.28 -53.89 -36.18
C LYS A 612 -9.78 -53.92 -37.62
N LEU A 613 -9.29 -53.01 -38.45
CA LEU A 613 -9.61 -53.06 -39.87
C LEU A 613 -8.81 -54.14 -40.60
N LEU A 614 -7.69 -54.57 -40.02
CA LEU A 614 -6.85 -55.61 -40.58
C LEU A 614 -6.49 -56.62 -39.52
N VAL A 615 -5.93 -57.75 -39.96
CA VAL A 615 -5.47 -58.80 -39.06
C VAL A 615 -4.09 -59.26 -39.50
N LEU A 616 -3.35 -59.82 -38.55
CA LEU A 616 -2.05 -60.39 -38.81
C LEU A 616 -2.21 -61.85 -39.23
N GLU A 617 -1.11 -62.59 -39.28
CA GLU A 617 -1.19 -64.02 -39.55
C GLU A 617 -1.97 -64.74 -38.45
N ASP A 618 -1.71 -64.37 -37.20
CA ASP A 618 -2.47 -64.86 -36.05
C ASP A 618 -3.37 -63.73 -35.56
N GLU A 619 -4.69 -63.94 -35.67
CA GLU A 619 -5.63 -62.88 -35.29
C GLU A 619 -5.60 -62.61 -33.79
N ASN A 620 -5.31 -63.62 -32.98
CA ASN A 620 -5.26 -63.46 -31.53
C ASN A 620 -3.94 -62.90 -31.04
N ALA A 621 -2.94 -62.77 -31.91
CA ALA A 621 -1.65 -62.23 -31.50
C ALA A 621 -1.77 -60.77 -31.12
N ASN A 622 -1.11 -60.39 -30.02
CA ASN A 622 -1.15 -59.02 -29.55
C ASN A 622 -0.31 -58.13 -30.46
N VAL A 623 -0.90 -57.02 -30.90
CA VAL A 623 -0.21 -56.14 -31.85
C VAL A 623 1.02 -55.51 -31.21
N ASP A 624 0.90 -55.06 -29.95
CA ASP A 624 2.02 -54.40 -29.30
C ASP A 624 3.18 -55.35 -29.04
N GLU A 625 2.89 -56.63 -28.80
CA GLU A 625 3.91 -57.61 -28.44
C GLU A 625 4.43 -58.38 -29.65
N VAL A 626 4.00 -58.03 -30.85
CA VAL A 626 4.43 -58.71 -32.07
C VAL A 626 5.14 -57.71 -32.97
N GLU A 627 6.37 -58.02 -33.35
CA GLU A 627 7.14 -57.16 -34.24
C GLU A 627 6.76 -57.42 -35.68
N LEU A 628 6.82 -56.37 -36.50
CA LEU A 628 6.45 -56.43 -37.91
C LEU A 628 7.72 -56.56 -38.74
N LYS A 629 8.01 -57.78 -39.18
CA LYS A 629 9.13 -58.10 -40.05
C LYS A 629 8.73 -57.93 -41.50
N PRO A 630 9.70 -57.81 -42.42
CA PRO A 630 9.35 -57.66 -43.83
C PRO A 630 8.56 -58.83 -44.40
N ASP A 631 8.61 -60.00 -43.79
CA ASP A 631 7.86 -61.17 -44.24
C ASP A 631 6.50 -61.30 -43.56
N THR A 632 6.11 -60.33 -42.74
CA THR A 632 4.82 -60.39 -42.07
C THR A 632 3.68 -60.26 -43.08
N LEU A 633 2.63 -61.06 -42.88
CA LEU A 633 1.47 -61.04 -43.76
C LEU A 633 0.32 -60.33 -43.08
N ILE A 634 -0.35 -59.45 -43.81
CA ILE A 634 -1.50 -58.69 -43.33
C ILE A 634 -2.69 -59.02 -44.21
N LYS A 635 -3.82 -59.32 -43.56
CA LYS A 635 -5.05 -59.67 -44.25
C LYS A 635 -6.14 -58.67 -43.89
N LEU A 636 -7.12 -58.53 -44.78
CA LEU A 636 -8.23 -57.62 -44.55
C LEU A 636 -9.25 -58.24 -43.60
N TYR A 637 -9.73 -57.42 -42.66
CA TYR A 637 -10.77 -57.83 -41.71
C TYR A 637 -12.12 -57.58 -42.39
N LEU A 638 -12.57 -58.55 -43.18
CA LEU A 638 -13.80 -58.37 -43.95
C LEU A 638 -15.02 -58.19 -43.06
N GLY A 639 -15.09 -58.96 -41.97
CA GLY A 639 -16.24 -58.89 -41.09
C GLY A 639 -16.14 -57.80 -40.04
N TYR A 640 -15.91 -56.57 -40.49
CA TYR A 640 -15.80 -55.44 -39.58
C TYR A 640 -17.19 -54.98 -39.16
N LYS A 641 -17.46 -55.01 -37.86
CA LYS A 641 -18.74 -54.56 -37.30
C LYS A 641 -18.45 -53.54 -36.21
N ASN A 642 -19.14 -52.40 -36.26
CA ASN A 642 -18.95 -51.35 -35.28
C ASN A 642 -20.23 -50.53 -35.16
N LYS A 643 -20.36 -49.83 -34.03
CA LYS A 643 -21.53 -49.02 -33.78
C LYS A 643 -21.53 -47.72 -34.56
N LYS A 644 -20.35 -47.11 -34.77
CA LYS A 644 -20.24 -45.83 -35.43
C LYS A 644 -19.90 -46.03 -36.90
N LEU A 645 -20.63 -45.34 -37.77
CA LEU A 645 -20.42 -45.50 -39.21
C LEU A 645 -19.13 -44.83 -39.68
N ARG A 646 -18.84 -43.64 -39.16
CA ARG A 646 -17.66 -42.90 -39.56
C ARG A 646 -16.50 -43.24 -38.63
N VAL A 647 -15.34 -43.58 -39.21
CA VAL A 647 -14.17 -43.99 -38.45
C VAL A 647 -12.97 -43.16 -38.88
N ASN A 648 -12.27 -42.59 -37.89
CA ASN A 648 -11.03 -41.86 -38.11
C ASN A 648 -9.86 -42.75 -37.73
N ILE A 649 -8.88 -42.86 -38.62
CA ILE A 649 -7.72 -43.71 -38.39
C ILE A 649 -6.45 -42.90 -38.60
N ASN A 650 -6.58 -41.74 -39.25
CA ASN A 650 -5.44 -40.87 -39.51
C ASN A 650 -5.07 -40.13 -38.22
N VAL A 651 -4.29 -40.81 -37.39
CA VAL A 651 -3.86 -40.27 -36.10
C VAL A 651 -2.37 -39.99 -36.16
N PRO A 652 -1.90 -38.85 -35.64
CA PRO A 652 -0.45 -38.61 -35.57
C PRO A 652 0.24 -39.69 -34.74
N MET A 653 1.45 -40.06 -35.18
CA MET A 653 2.16 -41.18 -34.60
C MET A 653 3.09 -40.71 -33.48
N LYS A 654 3.22 -41.54 -32.45
CA LYS A 654 4.17 -41.25 -31.37
C LYS A 654 5.60 -41.24 -31.89
N THR A 655 5.96 -42.20 -32.74
CA THR A 655 7.25 -42.17 -33.41
C THR A 655 7.36 -40.93 -34.30
N GLU A 656 6.28 -40.61 -35.01
CA GLU A 656 6.25 -39.35 -35.76
C GLU A 656 6.31 -38.15 -34.83
N GLN A 657 5.77 -38.27 -33.62
CA GLN A 657 5.89 -37.19 -32.64
C GLN A 657 7.34 -36.95 -32.26
N LYS A 658 8.09 -38.03 -32.01
CA LYS A 658 9.51 -37.85 -31.67
C LYS A 658 10.31 -37.39 -32.89
N GLN A 659 9.91 -37.83 -34.09
CA GLN A 659 10.53 -37.30 -35.30
C GLN A 659 10.27 -35.80 -35.44
N GLU A 660 9.07 -35.37 -35.06
CA GLU A 660 8.76 -33.94 -35.09
C GLU A 660 9.55 -33.18 -34.04
N GLN A 661 9.82 -33.81 -32.89
CA GLN A 661 10.74 -33.23 -31.92
C GLN A 661 12.13 -33.05 -32.51
N GLU A 662 12.60 -34.07 -33.24
CA GLU A 662 13.88 -33.95 -33.92
C GLU A 662 13.86 -32.83 -34.96
N THR A 663 12.73 -32.68 -35.67
CA THR A 663 12.61 -31.58 -36.62
C THR A 663 12.59 -30.23 -35.92
N THR A 664 12.04 -30.16 -34.70
CA THR A 664 12.14 -28.92 -33.93
C THR A 664 13.57 -28.62 -33.54
N HIS A 665 14.35 -29.66 -33.21
CA HIS A 665 15.77 -29.46 -32.96
C HIS A 665 16.47 -28.94 -34.21
N LYS A 666 16.13 -29.51 -35.37
CA LYS A 666 16.70 -29.02 -36.63
C LYS A 666 16.27 -27.60 -36.92
N ASN A 667 15.04 -27.25 -36.56
CA ASN A 667 14.56 -25.89 -36.73
C ASN A 667 15.36 -24.93 -35.85
N ILE A 668 15.65 -25.34 -34.61
CA ILE A 668 16.42 -24.49 -33.72
C ILE A 668 17.83 -24.28 -34.25
N GLU A 669 18.46 -25.34 -34.75
CA GLU A 669 19.80 -25.17 -35.30
C GLU A 669 19.78 -24.34 -36.58
N GLU A 670 18.75 -24.49 -37.41
CA GLU A 670 18.62 -23.64 -38.60
C GLU A 670 18.46 -22.17 -38.20
N ASP A 671 17.64 -21.91 -37.18
CA ASP A 671 17.55 -20.57 -36.62
C ASP A 671 18.92 -20.07 -36.21
N ARG A 672 19.70 -20.90 -35.52
CA ARG A 672 21.02 -20.48 -35.07
C ARG A 672 21.90 -20.08 -36.25
N LYS A 673 21.99 -20.93 -37.27
CA LYS A 673 22.88 -20.63 -38.40
C LYS A 673 22.41 -19.39 -39.15
N LEU A 674 21.12 -19.34 -39.52
CA LEU A 674 20.61 -18.19 -40.26
C LEU A 674 20.80 -16.92 -39.47
N LEU A 675 20.33 -16.90 -38.22
CA LEU A 675 20.54 -15.79 -37.30
C LEU A 675 21.99 -15.32 -37.37
N ILE A 676 22.92 -16.17 -36.94
CA ILE A 676 24.32 -15.76 -36.83
C ILE A 676 24.80 -15.15 -38.13
N GLN A 677 24.86 -15.96 -39.18
CA GLN A 677 25.52 -15.49 -40.38
C GLN A 677 24.70 -14.41 -41.06
N ALA A 678 23.51 -14.76 -41.54
CA ALA A 678 22.76 -13.83 -42.38
C ALA A 678 22.11 -12.70 -41.60
N ALA A 679 22.43 -12.51 -40.32
CA ALA A 679 21.97 -11.33 -39.62
C ALA A 679 23.08 -10.59 -38.88
N ILE A 680 24.30 -11.12 -38.83
CA ILE A 680 25.40 -10.37 -38.27
C ILE A 680 26.46 -10.02 -39.31
N VAL A 681 26.67 -10.84 -40.34
CA VAL A 681 27.67 -10.49 -41.35
C VAL A 681 27.19 -9.29 -42.15
N ARG A 682 25.88 -9.20 -42.42
CA ARG A 682 25.34 -8.05 -43.15
C ARG A 682 25.51 -6.76 -42.37
N ILE A 683 25.21 -6.79 -41.07
CA ILE A 683 25.35 -5.57 -40.28
C ILE A 683 26.81 -5.21 -40.08
N MET A 684 27.70 -6.21 -40.01
CA MET A 684 29.12 -5.93 -39.93
C MET A 684 29.62 -5.25 -41.20
N LYS A 685 29.13 -5.70 -42.36
CA LYS A 685 29.42 -4.98 -43.59
C LYS A 685 28.86 -3.57 -43.55
N MET A 686 27.66 -3.40 -43.00
CA MET A 686 27.04 -2.08 -42.96
C MET A 686 27.85 -1.10 -42.13
N ARG A 687 28.38 -1.55 -40.99
CA ARG A 687 29.09 -0.65 -40.10
C ARG A 687 30.46 -0.23 -40.60
N LYS A 688 30.98 -0.88 -41.64
CA LYS A 688 32.30 -0.55 -42.20
C LYS A 688 33.40 -0.80 -41.18
N VAL A 689 34.42 0.06 -41.15
CA VAL A 689 35.63 -0.17 -40.36
C VAL A 689 35.67 0.82 -39.20
N LEU A 690 35.99 0.30 -38.01
CA LEU A 690 36.10 1.14 -36.81
C LEU A 690 37.07 0.43 -35.86
N LYS A 691 37.15 0.91 -34.62
CA LYS A 691 38.15 0.50 -33.64
C LYS A 691 37.99 -0.95 -33.19
N HIS A 692 36.87 -1.59 -33.49
CA HIS A 692 36.57 -3.01 -33.22
C HIS A 692 36.18 -3.29 -31.77
N GLN A 693 36.04 -2.27 -30.92
CA GLN A 693 35.54 -2.46 -29.57
C GLN A 693 34.20 -1.76 -29.34
N GLN A 694 34.13 -0.44 -29.59
CA GLN A 694 32.84 0.22 -29.55
C GLN A 694 31.94 -0.25 -30.68
N LEU A 695 32.52 -0.73 -31.79
CA LEU A 695 31.72 -1.36 -32.82
C LEU A 695 31.01 -2.60 -32.29
N LEU A 696 31.75 -3.44 -31.55
CA LEU A 696 31.14 -4.60 -30.91
C LEU A 696 30.09 -4.18 -29.90
N GLY A 697 30.37 -3.14 -29.12
CA GLY A 697 29.42 -2.68 -28.13
C GLY A 697 28.14 -2.13 -28.71
N GLU A 698 28.23 -1.50 -29.88
CA GLU A 698 27.10 -0.79 -30.48
C GLU A 698 26.36 -1.62 -31.53
N VAL A 699 26.95 -2.69 -32.04
CA VAL A 699 26.20 -3.58 -32.93
C VAL A 699 25.16 -4.37 -32.17
N LEU A 700 25.35 -4.51 -30.85
CA LEU A 700 24.41 -5.26 -30.03
C LEU A 700 23.09 -4.52 -29.87
N THR A 701 23.08 -3.20 -30.01
CA THR A 701 21.86 -2.41 -29.86
C THR A 701 21.22 -2.05 -31.18
N GLN A 702 21.70 -2.62 -32.29
CA GLN A 702 21.04 -2.46 -33.58
C GLN A 702 20.27 -3.70 -34.00
N LEU A 703 20.65 -4.87 -33.48
CA LEU A 703 19.91 -6.11 -33.68
C LEU A 703 19.13 -6.52 -32.44
N SER A 704 19.16 -5.73 -31.37
CA SER A 704 18.57 -6.14 -30.10
C SER A 704 17.05 -6.23 -30.15
N SER A 705 16.41 -5.66 -31.17
CA SER A 705 14.96 -5.67 -31.21
C SER A 705 14.37 -7.04 -31.52
N ARG A 706 15.20 -8.00 -31.95
CA ARG A 706 14.68 -9.32 -32.31
C ARG A 706 15.52 -10.48 -31.80
N PHE A 707 16.65 -10.24 -31.16
CA PHE A 707 17.42 -11.26 -30.45
C PHE A 707 18.51 -10.54 -29.68
N LYS A 708 19.41 -11.31 -29.06
CA LYS A 708 20.60 -10.74 -28.44
C LYS A 708 21.82 -11.54 -28.91
N PRO A 709 22.69 -10.95 -29.72
CA PRO A 709 23.87 -11.69 -30.18
C PRO A 709 24.85 -11.95 -29.05
N ARG A 710 25.60 -13.03 -29.19
CA ARG A 710 26.62 -13.41 -28.23
C ARG A 710 28.00 -12.97 -28.73
N VAL A 711 28.84 -12.52 -27.80
CA VAL A 711 30.14 -11.95 -28.18
C VAL A 711 31.00 -12.92 -28.97
N PRO A 712 31.17 -14.19 -28.57
CA PRO A 712 31.96 -15.11 -29.41
C PRO A 712 31.41 -15.26 -30.81
N VAL A 713 30.09 -15.22 -30.99
CA VAL A 713 29.50 -15.31 -32.32
C VAL A 713 29.93 -14.13 -33.18
N ILE A 714 29.88 -12.92 -32.62
CA ILE A 714 30.27 -11.74 -33.38
C ILE A 714 31.76 -11.77 -33.68
N LYS A 715 32.57 -12.25 -32.74
CA LYS A 715 34.01 -12.37 -33.00
C LYS A 715 34.27 -13.35 -34.14
N LYS A 716 33.56 -14.48 -34.15
CA LYS A 716 33.71 -15.45 -35.23
C LYS A 716 33.28 -14.85 -36.56
N CYS A 717 32.20 -14.07 -36.56
CA CYS A 717 31.75 -13.43 -37.80
C CYS A 717 32.78 -12.43 -38.31
N ILE A 718 33.38 -11.65 -37.41
CA ILE A 718 34.42 -10.72 -37.81
C ILE A 718 35.62 -11.47 -38.38
N ASP A 719 35.98 -12.58 -37.75
CA ASP A 719 37.11 -13.38 -38.25
C ASP A 719 36.80 -13.94 -39.63
N ILE A 720 35.56 -14.36 -39.87
CA ILE A 720 35.18 -14.85 -41.19
C ILE A 720 35.23 -13.73 -42.22
N LEU A 721 34.77 -12.53 -41.84
CA LEU A 721 34.71 -11.42 -42.76
C LEU A 721 36.06 -10.75 -42.99
N ILE A 722 37.06 -11.06 -42.16
CA ILE A 722 38.38 -10.43 -42.31
C ILE A 722 38.97 -10.65 -43.68
N GLU A 723 38.48 -11.65 -44.42
CA GLU A 723 38.93 -11.85 -45.79
C GLU A 723 38.56 -10.66 -46.67
N LYS A 724 37.36 -10.12 -46.52
CA LYS A 724 36.93 -8.98 -47.30
C LYS A 724 36.54 -7.81 -46.40
N LEU A 727 37.64 -4.22 -44.73
CA LEU A 727 37.82 -4.96 -43.49
C LEU A 727 37.97 -6.44 -43.77
N SER B 13 30.20 24.53 -35.70
CA SER B 13 30.23 24.12 -37.10
C SER B 13 30.00 22.63 -37.24
N THR B 14 29.51 22.00 -36.17
CA THR B 14 29.26 20.57 -36.20
C THR B 14 28.04 20.24 -37.06
N ALA B 15 26.88 20.74 -36.67
CA ALA B 15 25.63 20.46 -37.39
C ALA B 15 25.33 21.54 -38.44
N ALA B 16 26.32 21.82 -39.29
CA ALA B 16 26.16 22.76 -40.39
C ALA B 16 26.35 22.10 -41.74
N PHE B 17 27.47 21.42 -41.95
CA PHE B 17 27.71 20.65 -43.17
C PHE B 17 27.54 19.16 -42.96
N HIS B 18 27.39 18.70 -41.72
CA HIS B 18 27.21 17.28 -41.46
C HIS B 18 25.90 16.78 -42.06
N ILE B 19 24.82 17.55 -41.90
CA ILE B 19 23.52 17.12 -42.42
C ILE B 19 23.53 17.13 -43.94
N SER B 20 24.03 18.22 -44.53
CA SER B 20 24.00 18.36 -45.99
C SER B 20 24.89 17.34 -46.69
N SER B 21 25.99 16.94 -46.05
CA SER B 21 26.87 15.94 -46.64
C SER B 21 26.14 14.61 -46.79
N LEU B 22 25.36 14.22 -45.78
CA LEU B 22 24.64 12.96 -45.82
C LEU B 22 23.46 12.96 -46.77
N LEU B 23 22.99 14.14 -47.20
CA LEU B 23 21.81 14.19 -48.06
C LEU B 23 22.06 13.53 -49.40
N GLU B 24 23.26 13.72 -49.97
CA GLU B 24 23.60 13.10 -51.25
C GLU B 24 23.75 11.60 -51.15
N LYS B 25 23.81 11.04 -49.94
CA LYS B 25 23.99 9.61 -49.77
C LYS B 25 22.71 8.80 -49.97
N MET B 26 21.56 9.45 -50.01
CA MET B 26 20.29 8.77 -50.24
C MET B 26 19.89 8.73 -51.71
N THR B 27 20.87 8.81 -52.62
CA THR B 27 20.56 8.75 -54.05
C THR B 27 20.65 7.33 -54.58
N SER B 28 19.97 6.39 -53.91
CA SER B 28 19.85 4.99 -54.33
C SER B 28 21.19 4.28 -54.47
N SER B 29 22.29 4.90 -54.04
CA SER B 29 23.60 4.27 -54.14
C SER B 29 24.03 3.62 -52.84
N ASP B 30 23.41 4.01 -51.71
CA ASP B 30 23.76 3.47 -50.41
C ASP B 30 22.55 2.85 -49.75
N LYS B 31 21.80 2.04 -50.51
CA LYS B 31 20.59 1.40 -49.96
C LYS B 31 20.93 0.55 -48.74
N ASP B 32 22.02 -0.21 -48.82
CA ASP B 32 22.48 -0.94 -47.65
C ASP B 32 22.99 0.03 -46.58
N PHE B 33 23.64 1.12 -47.00
CA PHE B 33 24.20 2.07 -46.05
C PHE B 33 23.18 3.07 -45.54
N ARG B 34 22.03 3.20 -46.21
CA ARG B 34 21.00 4.14 -45.75
C ARG B 34 20.47 3.76 -44.37
N PHE B 35 20.39 2.46 -44.09
CA PHE B 35 19.86 2.00 -42.81
C PHE B 35 20.72 2.49 -41.66
N MET B 36 22.04 2.46 -41.85
CA MET B 36 22.97 3.00 -40.87
C MET B 36 23.05 4.52 -40.93
N ALA B 37 22.79 5.10 -42.10
CA ALA B 37 22.84 6.56 -42.24
C ALA B 37 21.75 7.23 -41.42
N THR B 38 20.53 6.70 -41.48
CA THR B 38 19.44 7.27 -40.67
C THR B 38 19.69 7.04 -39.18
N SER B 39 20.18 5.85 -38.81
CA SER B 39 20.49 5.57 -37.42
C SER B 39 21.60 6.47 -36.90
N ASP B 40 22.53 6.87 -37.76
CA ASP B 40 23.56 7.82 -37.35
C ASP B 40 23.01 9.23 -37.31
N LEU B 41 22.06 9.56 -38.19
CA LEU B 41 21.44 10.88 -38.16
C LEU B 41 20.72 11.09 -36.83
N MET B 42 20.04 10.06 -36.34
CA MET B 42 19.55 10.09 -34.96
C MET B 42 20.68 9.66 -34.02
N SER B 43 21.29 10.62 -33.36
CA SER B 43 22.36 10.35 -32.41
C SER B 43 22.16 11.25 -31.19
N GLU B 44 23.19 11.36 -30.36
CA GLU B 44 23.14 12.25 -29.19
C GLU B 44 23.44 13.66 -29.67
N LEU B 45 22.45 14.25 -30.35
CA LEU B 45 22.55 15.62 -30.85
C LEU B 45 21.26 16.39 -30.63
N GLN B 46 20.35 15.86 -29.81
CA GLN B 46 19.01 16.43 -29.65
C GLN B 46 18.99 17.61 -28.69
N LYS B 47 19.86 18.59 -28.92
CA LYS B 47 19.86 19.82 -28.13
C LYS B 47 19.53 21.04 -28.99
N ASP B 48 20.29 21.29 -30.04
CA ASP B 48 20.04 22.42 -30.94
C ASP B 48 20.30 22.03 -32.38
N SER B 49 19.96 20.80 -32.75
CA SER B 49 20.19 20.33 -34.11
C SER B 49 19.02 20.67 -35.03
N ILE B 50 18.63 21.94 -35.04
CA ILE B 50 17.55 22.43 -35.89
C ILE B 50 17.94 23.79 -36.43
N GLN B 51 17.69 24.00 -37.72
CA GLN B 51 17.99 25.28 -38.36
C GLN B 51 16.98 25.48 -39.48
N LEU B 52 17.28 26.40 -40.39
CA LEU B 52 16.38 26.74 -41.48
C LEU B 52 16.45 25.67 -42.56
N ASP B 53 15.89 25.97 -43.73
CA ASP B 53 15.92 25.07 -44.89
C ASP B 53 15.22 23.74 -44.57
N GLU B 54 13.91 23.85 -44.34
CA GLU B 54 13.04 22.69 -44.17
C GLU B 54 12.98 21.81 -45.41
N ASP B 55 13.59 22.24 -46.52
CA ASP B 55 13.74 21.37 -47.68
C ASP B 55 14.43 20.07 -47.29
N SER B 56 15.39 20.15 -46.35
CA SER B 56 16.02 18.94 -45.85
C SER B 56 15.01 18.02 -45.19
N GLU B 57 14.07 18.58 -44.42
CA GLU B 57 13.12 17.74 -43.70
C GLU B 57 12.07 17.15 -44.62
N ARG B 58 11.65 17.89 -45.66
CA ARG B 58 10.74 17.28 -46.62
C ARG B 58 11.45 16.20 -47.45
N LYS B 59 12.73 16.40 -47.74
CA LYS B 59 13.50 15.31 -48.33
C LYS B 59 13.60 14.12 -47.38
N VAL B 60 13.69 14.38 -46.07
CA VAL B 60 13.71 13.30 -45.09
C VAL B 60 12.40 12.52 -45.13
N VAL B 61 11.26 13.20 -45.17
CA VAL B 61 10.00 12.46 -45.21
C VAL B 61 9.86 11.72 -46.54
N LYS B 62 10.33 12.30 -47.65
CA LYS B 62 10.31 11.60 -48.93
C LYS B 62 11.18 10.35 -48.89
N MET B 63 12.33 10.43 -48.21
CA MET B 63 13.23 9.28 -48.13
C MET B 63 12.73 8.22 -47.15
N LEU B 64 12.01 8.63 -46.11
CA LEU B 64 11.37 7.70 -45.20
C LEU B 64 10.11 7.10 -45.80
N LEU B 65 9.63 7.67 -46.91
CA LEU B 65 8.72 6.94 -47.79
C LEU B 65 9.43 5.80 -48.49
N ARG B 66 10.77 5.77 -48.47
CA ARG B 66 11.55 4.65 -48.99
C ARG B 66 12.03 3.70 -47.91
N LEU B 67 11.60 3.88 -46.66
CA LEU B 67 11.87 2.96 -45.55
C LEU B 67 10.56 2.25 -45.25
N LEU B 68 9.90 1.80 -46.32
CA LEU B 68 8.47 1.57 -46.40
C LEU B 68 8.27 0.38 -47.36
N GLU B 69 7.10 0.27 -47.98
CA GLU B 69 6.71 -0.94 -48.73
C GLU B 69 7.86 -1.52 -49.56
N ASP B 70 8.75 -0.66 -50.08
CA ASP B 70 9.85 -1.13 -50.92
C ASP B 70 10.73 -2.14 -50.20
N LYS B 71 11.59 -2.83 -50.95
CA LYS B 71 12.49 -3.88 -50.47
C LYS B 71 11.79 -4.80 -49.47
N ASN B 72 10.53 -5.15 -49.75
CA ASN B 72 9.68 -5.94 -48.87
C ASN B 72 9.49 -5.29 -47.50
N GLY B 73 9.87 -4.03 -47.36
CA GLY B 73 9.76 -3.35 -46.09
C GLY B 73 10.61 -3.95 -45.00
N GLU B 74 11.80 -4.45 -45.34
CA GLU B 74 12.64 -5.11 -44.34
C GLU B 74 13.01 -4.14 -43.22
N VAL B 75 13.45 -2.95 -43.59
CA VAL B 75 13.71 -1.90 -42.59
C VAL B 75 12.42 -1.08 -42.49
N GLN B 76 11.50 -1.60 -41.69
CA GLN B 76 10.29 -0.86 -41.32
C GLN B 76 10.18 -0.67 -39.81
N ASN B 77 10.35 -1.73 -39.03
CA ASN B 77 10.28 -1.59 -37.58
C ASN B 77 11.43 -0.73 -37.05
N LEU B 78 12.66 -1.01 -37.50
CA LEU B 78 13.78 -0.15 -37.13
C LEU B 78 13.60 1.24 -37.71
N ALA B 79 13.07 1.34 -38.93
CA ALA B 79 12.83 2.64 -39.54
C ALA B 79 11.90 3.49 -38.68
N VAL B 80 10.87 2.87 -38.10
CA VAL B 80 9.90 3.65 -37.34
C VAL B 80 10.40 3.91 -35.92
N LYS B 81 11.13 2.96 -35.32
CA LYS B 81 11.79 3.24 -34.06
C LYS B 81 12.81 4.37 -34.19
N CYS B 82 13.34 4.59 -35.41
CA CYS B 82 14.21 5.73 -35.65
C CYS B 82 13.43 7.00 -35.99
N LEU B 83 12.31 6.88 -36.71
CA LEU B 83 11.55 8.05 -37.11
C LEU B 83 10.72 8.64 -35.98
N GLY B 84 10.44 7.87 -34.93
CA GLY B 84 9.74 8.40 -33.77
C GLY B 84 10.35 9.71 -33.30
N PRO B 85 11.59 9.66 -32.84
CA PRO B 85 12.30 10.92 -32.54
C PRO B 85 12.43 11.83 -33.74
N LEU B 86 12.49 11.27 -34.96
CA LEU B 86 12.53 12.11 -36.14
C LEU B 86 11.20 12.84 -36.34
N VAL B 87 10.08 12.14 -36.18
CA VAL B 87 8.78 12.79 -36.36
C VAL B 87 8.39 13.65 -35.16
N VAL B 88 9.13 13.56 -34.05
CA VAL B 88 8.98 14.59 -33.03
C VAL B 88 9.95 15.75 -33.25
N LYS B 89 11.03 15.52 -34.01
CA LYS B 89 11.94 16.59 -34.43
C LYS B 89 11.55 17.11 -35.81
N VAL B 90 10.33 17.63 -35.91
CA VAL B 90 9.80 18.07 -37.19
C VAL B 90 9.24 19.49 -37.17
N LYS B 91 8.89 20.04 -36.00
CA LYS B 91 8.39 21.40 -35.83
C LYS B 91 7.01 21.59 -36.44
N GLU B 92 6.22 22.53 -35.87
CA GLU B 92 4.79 22.57 -36.13
C GLU B 92 4.47 22.87 -37.58
N TYR B 93 5.19 23.82 -38.20
CA TYR B 93 4.93 24.18 -39.58
C TYR B 93 5.08 23.00 -40.52
N GLN B 94 5.87 22.00 -40.14
CA GLN B 94 5.90 20.73 -40.83
C GLN B 94 5.04 19.68 -40.14
N VAL B 95 4.61 19.89 -38.90
CA VAL B 95 3.67 18.97 -38.27
C VAL B 95 2.37 18.93 -39.05
N GLU B 96 1.83 20.10 -39.42
CA GLU B 96 0.59 20.08 -40.19
C GLU B 96 0.79 19.37 -41.52
N THR B 97 1.92 19.61 -42.18
CA THR B 97 2.18 18.98 -43.48
C THR B 97 2.31 17.47 -43.35
N ILE B 98 3.01 16.99 -42.33
CA ILE B 98 3.19 15.55 -42.18
C ILE B 98 1.88 14.88 -41.81
N VAL B 99 1.05 15.53 -40.98
CA VAL B 99 -0.26 14.96 -40.68
C VAL B 99 -1.10 14.88 -41.95
N ASP B 100 -1.08 15.93 -42.77
CA ASP B 100 -1.84 15.91 -44.01
C ASP B 100 -1.37 14.81 -44.94
N THR B 101 -0.05 14.65 -45.09
CA THR B 101 0.45 13.62 -46.00
C THR B 101 0.21 12.23 -45.44
N LEU B 102 0.23 12.06 -44.12
CA LEU B 102 -0.12 10.77 -43.54
C LEU B 102 -1.58 10.43 -43.82
N CYS B 103 -2.47 11.41 -43.73
CA CYS B 103 -3.87 11.16 -44.08
C CYS B 103 -4.00 10.80 -45.56
N THR B 104 -3.31 11.53 -46.43
CA THR B 104 -3.41 11.27 -47.86
C THR B 104 -2.90 9.88 -48.22
N ASN B 105 -1.80 9.45 -47.60
CA ASN B 105 -1.30 8.11 -47.90
C ASN B 105 -2.06 7.02 -47.15
N MET B 106 -2.82 7.38 -46.11
CA MET B 106 -3.84 6.47 -45.59
C MET B 106 -4.92 6.24 -46.64
N ARG B 107 -5.30 7.30 -47.36
CA ARG B 107 -6.21 7.13 -48.48
C ARG B 107 -5.63 6.24 -49.57
N SER B 108 -4.31 6.07 -49.61
CA SER B 108 -3.70 5.23 -50.64
C SER B 108 -4.08 3.77 -50.45
N ASP B 109 -4.21 3.05 -51.56
CA ASP B 109 -4.60 1.65 -51.57
C ASP B 109 -3.35 0.79 -51.82
N LYS B 110 -2.60 0.55 -50.75
CA LYS B 110 -1.40 -0.26 -50.83
C LYS B 110 -1.28 -1.29 -49.72
N GLU B 111 -2.10 -1.22 -48.67
CA GLU B 111 -2.11 -2.12 -47.52
C GLU B 111 -0.74 -2.23 -46.86
N GLN B 112 0.17 -1.34 -47.20
CA GLN B 112 1.46 -1.27 -46.52
C GLN B 112 1.77 0.13 -46.00
N LEU B 113 1.46 1.17 -46.77
CA LEU B 113 1.69 2.53 -46.29
C LEU B 113 0.82 2.85 -45.10
N ARG B 114 -0.34 2.20 -45.00
CA ARG B 114 -1.30 2.52 -43.95
C ARG B 114 -0.75 2.17 -42.57
N ASP B 115 0.01 1.08 -42.47
CA ASP B 115 0.61 0.71 -41.19
C ASP B 115 1.57 1.79 -40.69
N ILE B 116 2.50 2.21 -41.56
CA ILE B 116 3.45 3.24 -41.16
C ILE B 116 2.73 4.55 -40.86
N ALA B 117 1.72 4.89 -41.66
CA ALA B 117 0.96 6.11 -41.41
C ALA B 117 0.30 6.08 -40.04
N GLY B 118 -0.36 4.97 -39.72
CA GLY B 118 -1.04 4.86 -38.43
C GLY B 118 -0.08 4.93 -37.27
N ILE B 119 1.03 4.20 -37.35
CA ILE B 119 1.94 4.19 -36.20
C ILE B 119 2.67 5.52 -36.07
N GLY B 120 2.96 6.20 -37.18
CA GLY B 120 3.54 7.53 -37.09
C GLY B 120 2.57 8.54 -36.51
N LEU B 121 1.30 8.46 -36.90
CA LEU B 121 0.29 9.34 -36.30
C LEU B 121 0.14 9.06 -34.82
N LYS B 122 0.23 7.79 -34.43
CA LYS B 122 0.20 7.45 -33.01
C LYS B 122 1.39 8.05 -32.27
N THR B 123 2.57 8.01 -32.89
CA THR B 123 3.75 8.63 -32.29
C THR B 123 3.56 10.14 -32.13
N VAL B 124 3.01 10.79 -33.16
CA VAL B 124 2.77 12.23 -33.08
C VAL B 124 1.79 12.56 -31.98
N LEU B 125 0.71 11.78 -31.86
CA LEU B 125 -0.25 12.00 -30.79
C LEU B 125 0.40 11.78 -29.42
N SER B 126 1.27 10.77 -29.31
CA SER B 126 1.95 10.53 -28.05
C SER B 126 2.84 11.71 -27.66
N GLU B 127 3.55 12.28 -28.64
CA GLU B 127 4.41 13.42 -28.33
C GLU B 127 3.60 14.64 -27.94
N LEU B 128 2.55 14.96 -28.69
CA LEU B 128 1.76 16.15 -28.43
C LEU B 128 0.87 15.95 -27.20
N GLY B 136 -3.88 25.72 -30.63
CA GLY B 136 -4.51 25.94 -31.92
C GLY B 136 -4.12 24.91 -32.96
N LEU B 137 -2.81 24.80 -33.23
CA LEU B 137 -2.34 23.86 -34.23
C LEU B 137 -2.57 22.42 -33.79
N ALA B 138 -2.33 22.12 -32.50
CA ALA B 138 -2.59 20.78 -31.99
C ALA B 138 -4.07 20.43 -32.11
N THR B 139 -4.94 21.37 -31.77
CA THR B 139 -6.38 21.14 -31.91
C THR B 139 -6.75 20.91 -33.36
N ASN B 140 -6.18 21.72 -34.27
CA ASN B 140 -6.51 21.58 -35.69
C ASN B 140 -6.08 20.21 -36.23
N VAL B 141 -4.86 19.78 -35.90
CA VAL B 141 -4.41 18.48 -36.40
C VAL B 141 -5.23 17.36 -35.77
N CYS B 142 -5.63 17.51 -34.50
CA CYS B 142 -6.50 16.50 -33.89
C CYS B 142 -7.84 16.43 -34.60
N ARG B 143 -8.40 17.60 -34.96
CA ARG B 143 -9.68 17.60 -35.68
C ARG B 143 -9.53 16.93 -37.04
N LYS B 144 -8.41 17.21 -37.72
CA LYS B 144 -8.17 16.56 -39.01
C LYS B 144 -8.05 15.06 -38.87
N ILE B 145 -7.36 14.59 -37.82
CA ILE B 145 -7.22 13.15 -37.59
C ILE B 145 -8.59 12.52 -37.32
N THR B 146 -9.40 13.18 -36.49
CA THR B 146 -10.72 12.65 -36.17
C THR B 146 -11.61 12.60 -37.41
N GLY B 147 -11.56 13.64 -38.25
CA GLY B 147 -12.33 13.62 -39.48
C GLY B 147 -11.88 12.52 -40.44
N GLN B 148 -10.56 12.32 -40.54
CA GLN B 148 -10.04 11.24 -41.37
C GLN B 148 -10.52 9.89 -40.86
N LEU B 149 -10.47 9.69 -39.53
CA LEU B 149 -10.91 8.43 -38.95
C LEU B 149 -12.40 8.21 -39.20
N THR B 150 -13.20 9.27 -39.04
CA THR B 150 -14.64 9.15 -39.28
C THR B 150 -14.93 8.80 -40.74
N SER B 151 -14.23 9.45 -41.67
CA SER B 151 -14.41 9.13 -43.08
C SER B 151 -13.99 7.70 -43.38
N ALA B 152 -12.93 7.22 -42.73
CA ALA B 152 -12.50 5.84 -42.92
C ALA B 152 -13.55 4.86 -42.39
N ILE B 153 -14.12 5.15 -41.22
CA ILE B 153 -15.09 4.24 -40.61
C ILE B 153 -16.36 4.20 -41.44
N ALA B 154 -16.88 5.37 -41.82
CA ALA B 154 -18.19 5.43 -42.47
C ALA B 154 -18.08 5.32 -43.99
N GLN B 155 -17.34 6.23 -44.62
CA GLN B 155 -17.32 6.29 -46.08
C GLN B 155 -16.56 5.11 -46.68
N GLN B 156 -15.39 4.78 -46.13
CA GLN B 156 -14.56 3.74 -46.73
C GLN B 156 -15.17 2.37 -46.47
N GLU B 157 -16.05 1.92 -47.37
CA GLU B 157 -16.78 0.68 -47.19
C GLU B 157 -15.95 -0.53 -47.61
N ASP B 158 -14.75 -0.67 -47.06
CA ASP B 158 -13.94 -1.87 -47.20
C ASP B 158 -13.43 -2.28 -45.83
N VAL B 159 -13.45 -3.59 -45.57
CA VAL B 159 -13.22 -4.11 -44.23
C VAL B 159 -11.83 -3.75 -43.72
N ALA B 160 -10.82 -3.87 -44.59
CA ALA B 160 -9.44 -3.71 -44.18
C ALA B 160 -9.13 -2.30 -43.68
N VAL B 161 -9.91 -1.30 -44.10
CA VAL B 161 -9.68 0.06 -43.62
C VAL B 161 -10.50 0.34 -42.36
N GLN B 162 -11.76 -0.08 -42.34
CA GLN B 162 -12.59 0.14 -41.16
C GLN B 162 -12.00 -0.52 -39.93
N LEU B 163 -11.50 -1.74 -40.07
CA LEU B 163 -11.01 -2.48 -38.91
C LEU B 163 -9.81 -1.76 -38.27
N GLU B 164 -8.85 -1.36 -39.08
CA GLU B 164 -7.69 -0.67 -38.53
C GLU B 164 -8.02 0.75 -38.08
N ALA B 165 -8.98 1.40 -38.73
CA ALA B 165 -9.43 2.70 -38.25
C ALA B 165 -10.04 2.58 -36.86
N LEU B 166 -10.86 1.56 -36.64
CA LEU B 166 -11.42 1.32 -35.31
C LEU B 166 -10.33 0.96 -34.31
N ASP B 167 -9.32 0.18 -34.74
CA ASP B 167 -8.21 -0.15 -33.86
C ASP B 167 -7.52 1.12 -33.37
N ILE B 168 -7.13 2.00 -34.29
CA ILE B 168 -6.41 3.20 -33.89
C ILE B 168 -7.33 4.13 -33.10
N LEU B 169 -8.61 4.19 -33.45
CA LEU B 169 -9.54 5.06 -32.72
C LEU B 169 -9.70 4.59 -31.28
N SER B 170 -9.79 3.27 -31.06
CA SER B 170 -9.89 2.75 -29.70
C SER B 170 -8.61 3.00 -28.92
N ASP B 171 -7.46 2.67 -29.53
CA ASP B 171 -6.19 2.88 -28.84
C ASP B 171 -5.88 4.35 -28.60
N MET B 172 -6.55 5.24 -29.33
CA MET B 172 -6.36 6.67 -29.15
C MET B 172 -7.33 7.25 -28.12
N LEU B 173 -8.58 6.76 -28.08
CA LEU B 173 -9.46 7.13 -26.97
C LEU B 173 -8.98 6.61 -25.64
N SER B 174 -8.22 5.51 -25.63
CA SER B 174 -7.74 4.95 -24.37
C SER B 174 -6.84 5.93 -23.62
N ARG B 175 -6.28 6.94 -24.30
CA ARG B 175 -5.42 7.91 -23.64
C ARG B 175 -5.69 9.36 -24.03
N LEU B 176 -6.66 9.63 -24.89
CA LEU B 176 -6.95 10.99 -25.37
C LEU B 176 -8.42 11.33 -25.16
N GLY B 177 -8.92 11.05 -23.95
CA GLY B 177 -10.33 11.25 -23.69
C GLY B 177 -10.75 12.72 -23.70
N VAL B 178 -9.98 13.58 -23.07
CA VAL B 178 -10.37 14.98 -22.88
C VAL B 178 -10.19 15.85 -24.12
N PRO B 179 -9.14 15.71 -24.94
CA PRO B 179 -8.99 16.67 -26.06
C PRO B 179 -10.06 16.56 -27.12
N LEU B 180 -10.81 15.46 -27.17
CA LEU B 180 -11.80 15.23 -28.21
C LEU B 180 -13.21 15.67 -27.81
N GLY B 181 -13.35 16.42 -26.71
CA GLY B 181 -14.67 16.77 -26.22
C GLY B 181 -15.51 17.53 -27.23
N ALA B 182 -14.87 18.22 -28.17
CA ALA B 182 -15.62 18.94 -29.20
C ALA B 182 -16.15 18.00 -30.27
N PHE B 183 -15.41 16.95 -30.59
CA PHE B 183 -15.76 16.05 -31.68
C PHE B 183 -16.56 14.84 -31.22
N HIS B 184 -16.61 14.59 -29.90
CA HIS B 184 -17.27 13.39 -29.38
C HIS B 184 -18.68 13.24 -29.93
N ALA B 185 -19.47 14.33 -29.90
CA ALA B 185 -20.86 14.26 -30.31
C ALA B 185 -21.00 13.75 -31.74
N SER B 186 -20.04 14.10 -32.61
CA SER B 186 -20.09 13.57 -33.97
C SER B 186 -19.61 12.14 -34.02
N LEU B 187 -18.57 11.80 -33.25
CA LEU B 187 -18.04 10.44 -33.27
C LEU B 187 -19.12 9.42 -32.97
N LEU B 188 -19.91 9.66 -31.92
CA LEU B 188 -20.99 8.74 -31.59
C LEU B 188 -21.85 8.45 -32.80
N HIS B 189 -22.17 9.48 -33.58
CA HIS B 189 -23.00 9.29 -34.77
C HIS B 189 -22.35 8.28 -35.71
N CYS B 190 -21.08 8.48 -36.06
CA CYS B 190 -20.46 7.56 -37.01
C CYS B 190 -20.29 6.16 -36.44
N LEU B 191 -20.50 5.99 -35.14
CA LEU B 191 -20.43 4.68 -34.51
C LEU B 191 -21.80 4.06 -34.29
N LEU B 192 -22.88 4.79 -34.55
CA LEU B 192 -24.20 4.23 -34.24
C LEU B 192 -24.67 3.23 -35.30
N PRO B 193 -24.62 3.54 -36.60
CA PRO B 193 -25.02 2.53 -37.59
C PRO B 193 -24.12 1.31 -37.61
N GLN B 194 -22.89 1.42 -37.09
CA GLN B 194 -21.94 0.31 -37.14
C GLN B 194 -22.44 -0.91 -36.37
N LEU B 195 -23.31 -0.71 -35.38
CA LEU B 195 -23.87 -1.83 -34.65
C LEU B 195 -24.89 -2.63 -35.47
N SER B 196 -25.10 -2.27 -36.73
CA SER B 196 -25.99 -2.99 -37.62
C SER B 196 -25.30 -3.50 -38.87
N SER B 197 -24.02 -3.19 -39.06
CA SER B 197 -23.31 -3.62 -40.26
C SER B 197 -23.07 -5.12 -40.23
N PRO B 198 -23.01 -5.76 -41.40
CA PRO B 198 -22.62 -7.18 -41.44
C PRO B 198 -21.13 -7.37 -41.18
N ARG B 199 -20.63 -8.60 -41.32
CA ARG B 199 -19.23 -8.92 -41.07
C ARG B 199 -18.86 -8.55 -39.62
N LEU B 200 -19.41 -9.35 -38.71
CA LEU B 200 -19.37 -9.08 -37.27
C LEU B 200 -17.97 -8.79 -36.74
N ALA B 201 -16.93 -9.07 -37.54
CA ALA B 201 -15.58 -8.68 -37.15
C ALA B 201 -15.46 -7.17 -36.97
N VAL B 202 -16.24 -6.40 -37.72
CA VAL B 202 -16.28 -4.95 -37.49
C VAL B 202 -17.26 -4.62 -36.38
N ARG B 203 -18.33 -5.41 -36.24
CA ARG B 203 -19.37 -5.12 -35.27
C ARG B 203 -18.85 -5.22 -33.84
N LYS B 204 -18.06 -6.26 -33.56
CA LYS B 204 -17.54 -6.46 -32.21
C LYS B 204 -16.61 -5.32 -31.81
N ARG B 205 -15.72 -4.91 -32.71
CA ARG B 205 -14.81 -3.83 -32.38
C ARG B 205 -15.52 -2.49 -32.35
N ALA B 206 -16.61 -2.34 -33.11
CA ALA B 206 -17.44 -1.15 -32.97
C ALA B 206 -18.06 -1.10 -31.58
N VAL B 207 -18.56 -2.23 -31.09
CA VAL B 207 -19.12 -2.29 -29.74
C VAL B 207 -18.06 -1.95 -28.71
N GLY B 208 -16.86 -2.50 -28.86
CA GLY B 208 -15.78 -2.18 -27.93
C GLY B 208 -15.40 -0.72 -27.94
N ALA B 209 -15.28 -0.13 -29.12
CA ALA B 209 -14.95 1.28 -29.23
C ALA B 209 -16.04 2.15 -28.64
N LEU B 210 -17.31 1.79 -28.86
CA LEU B 210 -18.41 2.55 -28.28
C LEU B 210 -18.39 2.47 -26.76
N GLY B 211 -18.12 1.28 -26.22
CA GLY B 211 -18.00 1.15 -24.78
C GLY B 211 -16.86 1.98 -24.21
N HIS B 212 -15.72 2.01 -24.91
CA HIS B 212 -14.62 2.84 -24.46
C HIS B 212 -14.98 4.32 -24.52
N LEU B 213 -15.70 4.73 -25.58
CA LEU B 213 -16.11 6.12 -25.71
C LEU B 213 -17.06 6.53 -24.61
N ALA B 214 -17.98 5.64 -24.24
CA ALA B 214 -18.98 5.96 -23.21
C ALA B 214 -18.37 5.85 -21.80
N ALA B 215 -17.28 6.58 -21.60
CA ALA B 215 -16.63 6.63 -20.30
C ALA B 215 -16.36 8.07 -19.89
N ALA B 216 -16.18 8.94 -20.89
CA ALA B 216 -15.95 10.36 -20.63
C ALA B 216 -16.71 11.24 -21.62
N CYS B 217 -17.85 10.75 -22.12
CA CYS B 217 -18.64 11.46 -23.13
C CYS B 217 -19.58 12.45 -22.43
N SER B 218 -18.98 13.51 -21.90
CA SER B 218 -19.72 14.61 -21.27
C SER B 218 -20.66 14.11 -20.19
N THR B 219 -21.86 14.69 -20.13
CA THR B 219 -22.87 14.26 -19.16
C THR B 219 -24.21 14.07 -19.87
N ASP B 220 -24.38 14.72 -21.02
CA ASP B 220 -25.59 14.58 -21.82
C ASP B 220 -25.39 13.68 -23.03
N LEU B 221 -24.16 13.57 -23.54
CA LEU B 221 -23.89 12.67 -24.65
C LEU B 221 -24.15 11.23 -24.24
N PHE B 222 -23.79 10.87 -23.00
CA PHE B 222 -24.08 9.52 -22.52
C PHE B 222 -25.57 9.29 -22.44
N VAL B 223 -26.33 10.31 -22.03
CA VAL B 223 -27.79 10.18 -21.98
C VAL B 223 -28.35 9.96 -23.37
N GLU B 224 -27.84 10.72 -24.35
CA GLU B 224 -28.28 10.54 -25.73
C GLU B 224 -27.97 9.14 -26.23
N LEU B 225 -26.77 8.64 -25.94
CA LEU B 225 -26.42 7.28 -26.36
C LEU B 225 -27.33 6.25 -25.71
N ALA B 226 -27.59 6.41 -24.41
CA ALA B 226 -28.38 5.43 -23.68
C ALA B 226 -29.81 5.39 -24.19
N ASP B 227 -30.45 6.55 -24.32
CA ASP B 227 -31.84 6.55 -24.76
C ASP B 227 -31.98 6.39 -26.26
N HIS B 228 -30.89 6.41 -27.02
CA HIS B 228 -30.96 5.96 -28.40
C HIS B 228 -30.84 4.45 -28.49
N LEU B 229 -29.88 3.86 -27.77
CA LEU B 229 -29.71 2.42 -27.76
C LEU B 229 -30.94 1.71 -27.20
N LEU B 230 -31.61 2.33 -26.22
CA LEU B 230 -32.82 1.72 -25.67
C LEU B 230 -33.92 1.66 -26.71
N ASP B 231 -34.03 2.66 -27.58
CA ASP B 231 -35.14 2.70 -28.53
C ASP B 231 -35.11 1.52 -29.50
N ARG B 232 -33.94 1.18 -30.02
CA ARG B 232 -33.84 0.11 -31.01
C ARG B 232 -33.92 -1.28 -30.40
N LEU B 233 -33.90 -1.38 -29.06
CA LEU B 233 -33.83 -2.69 -28.42
C LEU B 233 -35.16 -3.44 -28.46
N PRO B 234 -36.26 -2.92 -27.93
CA PRO B 234 -37.42 -3.78 -27.64
C PRO B 234 -38.17 -4.18 -28.91
N GLY B 235 -39.01 -5.18 -28.74
CA GLY B 235 -40.01 -5.54 -29.72
C GLY B 235 -41.39 -5.29 -29.18
N PRO B 236 -42.26 -4.68 -29.99
CA PRO B 236 -43.58 -4.27 -29.46
C PRO B 236 -44.47 -5.46 -29.15
N ARG B 237 -44.18 -6.14 -28.04
CA ARG B 237 -44.94 -7.31 -27.60
C ARG B 237 -45.04 -8.35 -28.71
N VAL B 238 -43.93 -8.57 -29.39
CA VAL B 238 -43.86 -9.53 -30.49
C VAL B 238 -42.45 -10.10 -30.56
N PRO B 239 -42.30 -11.41 -30.69
CA PRO B 239 -40.95 -11.99 -30.79
C PRO B 239 -40.24 -11.51 -32.05
N THR B 240 -38.91 -11.36 -31.94
CA THR B 240 -38.06 -10.93 -33.02
C THR B 240 -36.86 -11.86 -33.11
N SER B 241 -36.09 -11.72 -34.19
CA SER B 241 -34.91 -12.55 -34.37
C SER B 241 -33.86 -12.20 -33.33
N PRO B 242 -33.26 -13.20 -32.67
CA PRO B 242 -32.24 -12.88 -31.65
C PRO B 242 -31.02 -12.17 -32.19
N THR B 243 -30.74 -12.31 -33.49
CA THR B 243 -29.56 -11.66 -34.07
C THR B 243 -29.67 -10.15 -34.00
N ALA B 244 -30.90 -9.62 -34.12
CA ALA B 244 -31.08 -8.17 -34.10
C ALA B 244 -30.76 -7.59 -32.72
N ILE B 245 -31.18 -8.27 -31.65
CA ILE B 245 -31.07 -7.68 -30.32
C ILE B 245 -29.80 -8.14 -29.61
N ARG B 246 -29.13 -9.16 -30.15
CA ARG B 246 -27.95 -9.68 -29.47
C ARG B 246 -26.86 -8.63 -29.37
N THR B 247 -26.59 -7.92 -30.47
CA THR B 247 -25.53 -6.92 -30.45
C THR B 247 -25.92 -5.75 -29.57
N LEU B 248 -27.19 -5.36 -29.56
CA LEU B 248 -27.63 -4.28 -28.69
C LEU B 248 -27.43 -4.64 -27.23
N ILE B 249 -27.78 -5.87 -26.85
CA ILE B 249 -27.59 -6.30 -25.46
C ILE B 249 -26.11 -6.40 -25.12
N GLN B 250 -25.29 -6.84 -26.07
CA GLN B 250 -23.85 -6.89 -25.83
C GLN B 250 -23.27 -5.49 -25.62
N CYS B 251 -23.73 -4.52 -26.42
CA CYS B 251 -23.29 -3.13 -26.23
C CYS B 251 -23.78 -2.60 -24.89
N LEU B 252 -24.99 -2.99 -24.48
CA LEU B 252 -25.49 -2.61 -23.17
C LEU B 252 -24.59 -3.15 -22.06
N GLY B 253 -24.19 -4.41 -22.18
CA GLY B 253 -23.29 -4.99 -21.20
C GLY B 253 -21.94 -4.31 -21.19
N SER B 254 -21.42 -3.96 -22.37
CA SER B 254 -20.13 -3.30 -22.45
C SER B 254 -20.17 -1.93 -21.79
N VAL B 255 -21.20 -1.13 -22.11
CA VAL B 255 -21.32 0.18 -21.47
C VAL B 255 -21.59 0.01 -19.98
N GLY B 256 -22.24 -1.08 -19.58
CA GLY B 256 -22.38 -1.41 -18.17
C GLY B 256 -21.03 -1.54 -17.51
N ARG B 257 -20.25 -2.54 -17.92
CA ARG B 257 -18.94 -2.77 -17.32
C ARG B 257 -18.07 -1.51 -17.36
N GLN B 258 -18.24 -0.67 -18.37
CA GLN B 258 -17.39 0.53 -18.46
C GLN B 258 -17.85 1.61 -17.50
N ALA B 259 -19.07 2.12 -17.67
CA ALA B 259 -19.54 3.29 -16.92
C ALA B 259 -20.99 3.10 -16.47
N GLY B 260 -21.28 1.98 -15.80
CA GLY B 260 -22.64 1.71 -15.37
C GLY B 260 -23.19 2.75 -14.41
N HIS B 261 -22.33 3.42 -13.66
CA HIS B 261 -22.77 4.31 -12.60
C HIS B 261 -23.45 5.57 -13.12
N ARG B 262 -23.64 5.65 -14.45
CA ARG B 262 -24.34 6.78 -15.07
C ARG B 262 -25.67 6.37 -15.69
N LEU B 263 -26.15 5.16 -15.43
CA LEU B 263 -27.30 4.60 -16.12
C LEU B 263 -28.44 4.27 -15.16
N GLY B 264 -28.40 4.78 -13.93
CA GLY B 264 -29.45 4.49 -12.98
C GLY B 264 -30.81 5.02 -13.39
N ALA B 265 -30.83 6.18 -14.08
CA ALA B 265 -32.10 6.74 -14.52
C ALA B 265 -32.80 5.85 -15.54
N HIS B 266 -32.03 5.16 -16.38
CA HIS B 266 -32.59 4.29 -17.40
C HIS B 266 -32.67 2.83 -16.98
N LEU B 267 -32.10 2.47 -15.83
CA LEU B 267 -32.17 1.09 -15.37
C LEU B 267 -33.62 0.63 -15.17
N ASP B 268 -34.46 1.51 -14.61
CA ASP B 268 -35.84 1.12 -14.30
C ASP B 268 -36.60 0.70 -15.54
N ARG B 269 -36.22 1.21 -16.70
CA ARG B 269 -36.86 0.83 -17.96
C ARG B 269 -36.07 -0.22 -18.74
N LEU B 270 -34.76 -0.33 -18.50
CA LEU B 270 -33.98 -1.35 -19.20
C LEU B 270 -34.17 -2.73 -18.61
N VAL B 271 -34.31 -2.82 -17.28
CA VAL B 271 -34.29 -4.14 -16.63
C VAL B 271 -35.43 -5.05 -17.10
N PRO B 272 -36.70 -4.62 -17.13
CA PRO B 272 -37.76 -5.56 -17.55
C PRO B 272 -37.57 -6.06 -18.97
N LEU B 273 -37.09 -5.22 -19.89
CA LEU B 273 -36.86 -5.68 -21.25
C LEU B 273 -35.76 -6.74 -21.30
N VAL B 274 -34.68 -6.53 -20.55
CA VAL B 274 -33.60 -7.52 -20.52
C VAL B 274 -34.11 -8.83 -19.95
N GLU B 275 -34.96 -8.76 -18.92
CA GLU B 275 -35.55 -9.99 -18.38
C GLU B 275 -36.42 -10.69 -19.41
N ASP B 276 -37.23 -9.92 -20.14
CA ASP B 276 -38.09 -10.51 -21.16
C ASP B 276 -37.28 -11.21 -22.25
N PHE B 277 -36.19 -10.58 -22.69
CA PHE B 277 -35.31 -11.24 -23.66
C PHE B 277 -34.63 -12.46 -23.06
N CYS B 278 -34.27 -12.40 -21.77
CA CYS B 278 -33.67 -13.55 -21.11
C CYS B 278 -34.62 -14.73 -21.08
N ASN B 279 -35.93 -14.47 -21.01
CA ASN B 279 -36.89 -15.56 -21.06
C ASN B 279 -36.93 -16.26 -22.42
N LEU B 280 -36.37 -15.64 -23.46
CA LEU B 280 -36.36 -16.25 -24.78
C LEU B 280 -35.40 -17.43 -24.83
N ASP B 281 -35.64 -18.34 -25.76
CA ASP B 281 -34.90 -19.59 -25.87
C ASP B 281 -33.67 -19.37 -26.75
N ASP B 282 -32.55 -19.02 -26.12
CA ASP B 282 -31.27 -18.92 -26.82
C ASP B 282 -30.15 -18.87 -25.78
N ASP B 283 -29.14 -19.70 -25.98
CA ASP B 283 -28.07 -19.82 -25.00
C ASP B 283 -27.21 -18.56 -24.95
N GLU B 284 -26.77 -18.07 -26.11
CA GLU B 284 -25.94 -16.88 -26.14
C GLU B 284 -26.70 -15.66 -25.67
N LEU B 285 -27.99 -15.58 -26.01
CA LEU B 285 -28.81 -14.47 -25.53
C LEU B 285 -28.93 -14.49 -24.01
N ARG B 286 -29.11 -15.68 -23.44
CA ARG B 286 -29.16 -15.80 -21.98
C ARG B 286 -27.84 -15.39 -21.36
N GLU B 287 -26.72 -15.81 -21.96
CA GLU B 287 -25.40 -15.36 -21.52
C GLU B 287 -25.32 -13.84 -21.48
N SER B 288 -25.73 -13.18 -22.57
CA SER B 288 -25.62 -11.73 -22.64
C SER B 288 -26.50 -11.06 -21.60
N CYS B 289 -27.73 -11.55 -21.43
CA CYS B 289 -28.62 -10.97 -20.43
C CYS B 289 -28.07 -11.11 -19.03
N LEU B 290 -27.53 -12.28 -18.70
CA LEU B 290 -27.02 -12.51 -17.35
C LEU B 290 -25.75 -11.69 -17.09
N GLN B 291 -24.90 -11.55 -18.09
CA GLN B 291 -23.72 -10.70 -17.94
C GLN B 291 -24.11 -9.24 -17.74
N ALA B 292 -25.13 -8.78 -18.49
CA ALA B 292 -25.62 -7.42 -18.30
C ALA B 292 -26.17 -7.22 -16.90
N PHE B 293 -26.93 -8.21 -16.40
CA PHE B 293 -27.44 -8.13 -15.03
C PHE B 293 -26.31 -8.06 -14.02
N GLU B 294 -25.27 -8.88 -14.23
CA GLU B 294 -24.10 -8.82 -13.34
C GLU B 294 -23.48 -7.44 -13.34
N ALA B 295 -23.29 -6.85 -14.52
CA ALA B 295 -22.68 -5.53 -14.61
C ALA B 295 -23.52 -4.48 -13.89
N PHE B 296 -24.84 -4.50 -14.12
CA PHE B 296 -25.71 -3.53 -13.47
C PHE B 296 -25.70 -3.71 -11.95
N LEU B 297 -25.75 -4.96 -11.49
CA LEU B 297 -25.80 -5.21 -10.05
C LEU B 297 -24.52 -4.79 -9.36
N ARG B 298 -23.37 -5.06 -9.99
CA ARG B 298 -22.11 -4.68 -9.36
C ARG B 298 -21.83 -3.19 -9.47
N LYS B 299 -22.37 -2.52 -10.49
CA LYS B 299 -22.06 -1.11 -10.70
C LYS B 299 -23.09 -0.16 -10.11
N CYS B 300 -24.36 -0.56 -10.05
CA CYS B 300 -25.43 0.29 -9.53
C CYS B 300 -26.20 -0.46 -8.46
N PRO B 301 -25.72 -0.45 -7.22
CA PRO B 301 -26.44 -1.18 -6.16
C PRO B 301 -27.70 -0.48 -5.70
N LYS B 302 -27.67 0.84 -5.54
CA LYS B 302 -28.82 1.56 -5.00
C LYS B 302 -29.98 1.56 -5.99
N GLU B 303 -29.72 1.90 -7.24
CA GLU B 303 -30.79 2.00 -8.24
C GLU B 303 -31.37 0.64 -8.60
N MET B 304 -30.65 -0.44 -8.34
CA MET B 304 -31.13 -1.79 -8.63
C MET B 304 -31.92 -2.40 -7.48
N GLY B 305 -32.14 -1.65 -6.40
CA GLY B 305 -32.86 -2.12 -5.24
C GLY B 305 -34.19 -2.78 -5.55
N PRO B 306 -35.14 -2.00 -6.07
CA PRO B 306 -36.47 -2.56 -6.36
C PRO B 306 -36.47 -3.68 -7.38
N HIS B 307 -35.33 -3.99 -7.99
CA HIS B 307 -35.22 -5.08 -8.95
C HIS B 307 -34.46 -6.28 -8.43
N VAL B 308 -33.98 -6.23 -7.17
CA VAL B 308 -33.20 -7.34 -6.63
C VAL B 308 -34.00 -8.64 -6.59
N PRO B 309 -35.25 -8.68 -6.11
CA PRO B 309 -35.96 -9.97 -6.09
C PRO B 309 -36.11 -10.61 -7.46
N ASN B 310 -36.66 -9.88 -8.44
CA ASN B 310 -36.98 -10.45 -9.73
C ASN B 310 -35.79 -11.20 -10.33
N VAL B 311 -34.68 -10.48 -10.55
CA VAL B 311 -33.51 -11.10 -11.16
C VAL B 311 -33.06 -12.30 -10.35
N THR B 312 -33.17 -12.22 -9.03
CA THR B 312 -32.77 -13.34 -8.18
C THR B 312 -33.46 -14.63 -8.62
N SER B 313 -34.78 -14.57 -8.79
CA SER B 313 -35.51 -15.75 -9.23
C SER B 313 -34.91 -16.31 -10.50
N LEU B 314 -34.60 -15.43 -11.47
CA LEU B 314 -34.01 -15.88 -12.72
C LEU B 314 -32.77 -16.73 -12.45
N CYS B 315 -31.87 -16.22 -11.62
CA CYS B 315 -30.67 -16.99 -11.31
C CYS B 315 -31.03 -18.35 -10.75
N LEU B 316 -31.96 -18.36 -9.77
CA LEU B 316 -32.31 -19.61 -9.10
C LEU B 316 -32.89 -20.62 -10.07
N GLN B 317 -33.33 -20.17 -11.24
CA GLN B 317 -33.74 -21.11 -12.27
C GLN B 317 -32.56 -21.53 -13.13
N TYR B 318 -31.81 -20.57 -13.66
CA TYR B 318 -30.85 -20.89 -14.71
C TYR B 318 -29.55 -21.45 -14.18
N ILE B 319 -29.31 -21.38 -12.87
CA ILE B 319 -28.20 -22.15 -12.31
C ILE B 319 -28.47 -23.64 -12.42
N LYS B 320 -29.75 -24.04 -12.51
CA LYS B 320 -30.13 -25.43 -12.68
C LYS B 320 -30.35 -25.82 -14.13
N HIS B 321 -30.31 -24.86 -15.06
CA HIS B 321 -30.64 -25.11 -16.46
C HIS B 321 -29.64 -26.06 -17.11
N ASP B 322 -30.09 -27.26 -17.45
CA ASP B 322 -29.26 -28.23 -18.16
C ASP B 322 -30.17 -29.27 -18.80
N PRO B 323 -30.89 -28.91 -19.88
CA PRO B 323 -31.87 -29.85 -20.44
C PRO B 323 -31.28 -31.14 -20.98
N ASN B 324 -30.05 -31.09 -21.52
CA ASN B 324 -29.46 -32.26 -22.14
C ASN B 324 -29.03 -33.33 -21.13
N TYR B 325 -28.99 -33.01 -19.84
CA TYR B 325 -28.57 -33.95 -18.81
C TYR B 325 -29.77 -34.33 -17.96
N ASN B 326 -30.03 -35.62 -17.87
CA ASN B 326 -31.14 -36.11 -17.06
C ASN B 326 -30.74 -36.18 -15.59
N TYR B 327 -31.72 -35.98 -14.71
CA TYR B 327 -31.47 -36.00 -13.28
C TYR B 327 -32.26 -37.10 -12.59
N SER B 353 -22.40 -35.31 -29.60
CA SER B 353 -23.04 -34.00 -29.56
C SER B 353 -22.38 -33.10 -28.51
N ASP B 354 -21.07 -33.20 -28.41
CA ASP B 354 -20.29 -32.41 -27.46
C ASP B 354 -19.86 -31.05 -28.02
N ASP B 355 -19.93 -30.86 -29.33
CA ASP B 355 -19.52 -29.62 -29.96
C ASP B 355 -20.68 -28.64 -30.16
N ASP B 356 -21.90 -29.02 -29.81
CA ASP B 356 -23.08 -28.20 -30.06
C ASP B 356 -23.89 -28.04 -28.79
N ASP B 357 -23.22 -27.75 -27.67
CA ASP B 357 -23.87 -27.48 -26.41
C ASP B 357 -23.21 -26.25 -25.76
N MET B 358 -24.04 -25.38 -25.19
CA MET B 358 -23.52 -24.20 -24.51
C MET B 358 -24.27 -23.91 -23.22
N SER B 359 -25.04 -24.86 -22.69
CA SER B 359 -25.78 -24.62 -21.45
C SER B 359 -24.84 -24.37 -20.27
N TRP B 360 -23.65 -24.98 -20.30
CA TRP B 360 -22.69 -24.75 -19.22
C TRP B 360 -22.30 -23.29 -19.14
N LYS B 361 -22.29 -22.58 -20.27
CA LYS B 361 -22.06 -21.14 -20.23
C LYS B 361 -23.19 -20.43 -19.50
N VAL B 362 -24.44 -20.87 -19.72
CA VAL B 362 -25.56 -20.30 -18.99
C VAL B 362 -25.39 -20.50 -17.50
N ARG B 363 -25.01 -21.71 -17.09
CA ARG B 363 -24.84 -21.99 -15.67
C ARG B 363 -23.70 -21.17 -15.06
N ARG B 364 -22.58 -21.05 -15.79
CA ARG B 364 -21.47 -20.26 -15.29
C ARG B 364 -21.86 -18.79 -15.13
N ALA B 365 -22.60 -18.25 -16.11
CA ALA B 365 -23.05 -16.87 -16.01
C ALA B 365 -23.99 -16.69 -14.83
N ALA B 366 -24.90 -17.65 -14.60
CA ALA B 366 -25.80 -17.56 -13.46
C ALA B 366 -25.05 -17.58 -12.15
N ALA B 367 -24.06 -18.46 -12.02
CA ALA B 367 -23.28 -18.52 -10.79
C ALA B 367 -22.51 -17.22 -10.56
N LYS B 368 -21.93 -16.65 -11.62
CA LYS B 368 -21.24 -15.39 -11.48
C LYS B 368 -22.19 -14.27 -11.08
N CYS B 369 -23.41 -14.27 -11.63
CA CYS B 369 -24.39 -13.28 -11.24
C CYS B 369 -24.76 -13.41 -9.76
N ILE B 370 -24.92 -14.65 -9.28
CA ILE B 370 -25.21 -14.84 -7.86
C ILE B 370 -24.07 -14.35 -7.00
N ALA B 371 -22.83 -14.60 -7.42
CA ALA B 371 -21.69 -14.12 -6.66
C ALA B 371 -21.67 -12.60 -6.60
N ALA B 372 -21.95 -11.93 -7.73
CA ALA B 372 -21.97 -10.47 -7.74
C ALA B 372 -23.09 -9.94 -6.85
N LEU B 373 -24.26 -10.57 -6.90
CA LEU B 373 -25.37 -10.16 -6.04
C LEU B 373 -25.01 -10.29 -4.56
N ILE B 374 -24.35 -11.40 -4.20
CA ILE B 374 -23.97 -11.63 -2.81
C ILE B 374 -22.94 -10.61 -2.36
N SER B 375 -21.97 -10.30 -3.20
CA SER B 375 -20.90 -9.38 -2.80
C SER B 375 -21.38 -7.93 -2.79
N SER B 376 -22.35 -7.58 -3.62
CA SER B 376 -22.72 -6.17 -3.77
C SER B 376 -23.55 -5.66 -2.59
N ARG B 377 -24.46 -6.49 -2.06
CA ARG B 377 -25.47 -6.04 -1.10
C ARG B 377 -25.35 -6.84 0.19
N PRO B 378 -24.48 -6.44 1.11
CA PRO B 378 -24.38 -7.16 2.40
C PRO B 378 -25.63 -7.09 3.24
N ASP B 379 -26.46 -6.05 3.06
CA ASP B 379 -27.60 -5.84 3.95
C ASP B 379 -28.51 -7.06 3.98
N LEU B 380 -28.56 -7.83 2.88
CA LEU B 380 -29.44 -8.98 2.78
C LEU B 380 -28.72 -10.31 3.06
N LEU B 381 -27.68 -10.31 3.89
CA LEU B 381 -27.03 -11.58 4.23
C LEU B 381 -27.98 -12.61 4.81
N PRO B 382 -28.83 -12.30 5.80
CA PRO B 382 -29.71 -13.35 6.35
C PRO B 382 -30.59 -14.01 5.31
N ASP B 383 -31.22 -13.21 4.43
CA ASP B 383 -32.12 -13.78 3.44
C ASP B 383 -31.40 -14.78 2.54
N PHE B 384 -30.18 -14.43 2.11
CA PHE B 384 -29.39 -15.37 1.31
C PHE B 384 -29.23 -16.70 2.03
N HIS B 385 -28.98 -16.65 3.34
CA HIS B 385 -28.75 -17.88 4.09
C HIS B 385 -29.97 -18.80 4.10
N CYS B 386 -31.14 -18.27 3.73
CA CYS B 386 -32.33 -19.10 3.63
C CYS B 386 -32.71 -19.44 2.20
N THR B 387 -32.15 -18.75 1.22
CA THR B 387 -32.57 -18.99 -0.16
C THR B 387 -31.42 -19.28 -1.11
N LEU B 388 -30.27 -18.65 -0.90
CA LEU B 388 -29.12 -18.82 -1.77
C LEU B 388 -28.17 -19.91 -1.32
N ALA B 389 -27.82 -19.94 -0.04
CA ALA B 389 -26.84 -20.92 0.46
C ALA B 389 -27.27 -22.36 0.24
N PRO B 390 -28.50 -22.77 0.53
CA PRO B 390 -28.86 -24.18 0.25
C PRO B 390 -28.72 -24.56 -1.22
N VAL B 391 -29.32 -23.79 -2.13
CA VAL B 391 -29.29 -24.15 -3.55
C VAL B 391 -27.84 -24.28 -4.02
N LEU B 392 -27.01 -23.29 -3.70
CA LEU B 392 -25.59 -23.36 -4.05
C LEU B 392 -24.98 -24.68 -3.63
N ILE B 393 -25.27 -25.11 -2.39
CA ILE B 393 -24.70 -26.36 -1.89
C ILE B 393 -25.16 -27.53 -2.74
N ARG B 394 -26.43 -27.55 -3.13
CA ARG B 394 -26.93 -28.63 -3.97
C ARG B 394 -26.21 -28.69 -5.30
N ARG B 395 -25.59 -27.58 -5.72
CA ARG B 395 -24.86 -27.54 -6.98
C ARG B 395 -23.38 -27.80 -6.82
N PHE B 396 -22.95 -28.30 -5.65
CA PHE B 396 -21.56 -28.70 -5.50
C PHE B 396 -21.21 -29.94 -6.30
N LYS B 397 -22.21 -30.64 -6.83
CA LYS B 397 -22.02 -31.86 -7.61
C LYS B 397 -22.11 -31.61 -9.11
N GLU B 398 -21.84 -30.38 -9.54
CA GLU B 398 -21.90 -30.04 -10.95
C GLU B 398 -20.97 -30.95 -11.76
N ARG B 399 -21.47 -31.42 -12.91
CA ARG B 399 -20.68 -32.34 -13.72
C ARG B 399 -19.53 -31.64 -14.43
N GLU B 400 -19.66 -30.35 -14.69
CA GLU B 400 -18.62 -29.62 -15.40
C GLU B 400 -17.50 -29.22 -14.45
N GLU B 401 -16.55 -28.45 -14.96
CA GLU B 401 -15.42 -27.99 -14.17
C GLU B 401 -15.45 -26.49 -13.90
N ASN B 402 -15.64 -25.67 -14.94
CA ASN B 402 -15.69 -24.23 -14.74
C ASN B 402 -16.94 -23.82 -13.97
N VAL B 403 -18.06 -24.48 -14.23
CA VAL B 403 -19.29 -24.21 -13.47
C VAL B 403 -19.07 -24.53 -12.00
N LYS B 404 -18.45 -25.68 -11.72
CA LYS B 404 -18.18 -26.05 -10.34
C LYS B 404 -17.23 -25.07 -9.67
N ALA B 405 -16.21 -24.62 -10.41
CA ALA B 405 -15.28 -23.65 -9.86
C ALA B 405 -15.99 -22.34 -9.51
N ASP B 406 -16.91 -21.90 -10.35
CA ASP B 406 -17.63 -20.66 -10.06
C ASP B 406 -18.61 -20.83 -8.91
N VAL B 407 -19.24 -22.00 -8.79
CA VAL B 407 -20.09 -22.26 -7.62
C VAL B 407 -19.26 -22.21 -6.35
N PHE B 408 -18.07 -22.81 -6.38
CA PHE B 408 -17.17 -22.75 -5.23
C PHE B 408 -16.79 -21.32 -4.91
N THR B 409 -16.50 -20.52 -5.93
CA THR B 409 -16.13 -19.12 -5.70
C THR B 409 -17.29 -18.34 -5.09
N ALA B 410 -18.52 -18.61 -5.55
CA ALA B 410 -19.68 -17.94 -4.97
C ALA B 410 -19.84 -18.30 -3.50
N TYR B 411 -19.69 -19.58 -3.16
CA TYR B 411 -19.82 -19.96 -1.76
C TYR B 411 -18.70 -19.39 -0.92
N ILE B 412 -17.49 -19.30 -1.46
CA ILE B 412 -16.38 -18.71 -0.73
C ILE B 412 -16.63 -17.23 -0.49
N VAL B 413 -17.22 -16.54 -1.47
CA VAL B 413 -17.59 -15.13 -1.29
C VAL B 413 -18.63 -15.00 -0.18
N LEU B 414 -19.62 -15.90 -0.16
CA LEU B 414 -20.61 -15.89 0.91
C LEU B 414 -19.94 -16.10 2.27
N LEU B 415 -19.00 -17.04 2.35
CA LEU B 415 -18.28 -17.29 3.61
C LEU B 415 -17.53 -16.06 4.07
N ARG B 416 -16.79 -15.41 3.16
CA ARG B 416 -16.05 -14.21 3.53
C ARG B 416 -17.01 -13.08 3.94
N GLN B 417 -18.21 -13.05 3.36
CA GLN B 417 -19.20 -12.06 3.78
C GLN B 417 -19.70 -12.33 5.19
N THR B 418 -19.89 -13.61 5.54
CA THR B 418 -20.41 -13.95 6.86
C THR B 418 -19.36 -13.77 7.96
N GLN B 419 -18.12 -13.44 7.60
CA GLN B 419 -17.06 -13.29 8.58
C GLN B 419 -17.41 -12.21 9.60
N PRO B 420 -17.35 -12.52 10.90
CA PRO B 420 -17.56 -11.49 11.92
C PRO B 420 -16.43 -10.48 11.90
N PRO B 421 -16.64 -9.27 12.44
CA PRO B 421 -15.60 -8.24 12.37
C PRO B 421 -14.31 -8.70 13.05
N LYS B 422 -13.18 -8.35 12.44
CA LYS B 422 -11.89 -8.81 12.91
C LYS B 422 -11.50 -8.08 14.20
N GLY B 423 -10.50 -8.65 14.88
CA GLY B 423 -10.06 -8.12 16.15
C GLY B 423 -10.91 -8.52 17.33
N TRP B 424 -11.91 -9.38 17.14
CA TRP B 424 -12.80 -9.80 18.21
C TRP B 424 -12.88 -11.32 18.34
N LEU B 425 -12.01 -12.07 17.66
CA LEU B 425 -12.06 -13.51 17.70
C LEU B 425 -11.25 -14.04 18.89
N GLU B 426 -11.59 -13.55 20.09
CA GLU B 426 -10.91 -13.97 21.31
C GLU B 426 -11.86 -14.34 22.43
N ALA B 427 -13.16 -14.09 22.30
CA ALA B 427 -14.13 -14.40 23.33
C ALA B 427 -15.50 -14.59 22.70
N MET B 428 -16.41 -15.17 23.48
CA MET B 428 -17.77 -15.40 22.99
C MET B 428 -18.50 -14.08 22.79
N GLU B 429 -19.47 -14.09 21.88
CA GLU B 429 -20.25 -12.92 21.54
C GLU B 429 -21.72 -13.15 21.89
N GLU B 430 -22.43 -12.05 22.14
CA GLU B 430 -23.84 -12.10 22.42
C GLU B 430 -24.62 -12.48 21.16
N PRO B 431 -25.84 -13.04 21.33
CA PRO B 431 -26.62 -13.43 20.15
C PRO B 431 -27.18 -12.25 19.37
N THR B 432 -26.31 -11.50 18.71
CA THR B 432 -26.70 -10.40 17.84
C THR B 432 -26.96 -10.95 16.43
N GLN B 433 -27.06 -10.05 15.45
CA GLN B 433 -27.27 -10.48 14.07
C GLN B 433 -26.13 -11.35 13.58
N THR B 434 -24.88 -10.96 13.89
CA THR B 434 -23.75 -11.81 13.56
C THR B 434 -23.87 -13.16 14.26
N GLY B 435 -24.45 -13.19 15.45
CA GLY B 435 -24.71 -14.47 16.10
C GLY B 435 -25.65 -15.35 15.29
N SER B 436 -26.71 -14.74 14.73
CA SER B 436 -27.64 -15.49 13.90
C SER B 436 -26.94 -16.02 12.65
N ASN B 437 -26.11 -15.19 12.01
CA ASN B 437 -25.39 -15.64 10.83
C ASN B 437 -24.45 -16.80 11.17
N LEU B 438 -23.72 -16.69 12.29
CA LEU B 438 -22.80 -17.75 12.67
C LEU B 438 -23.55 -19.03 13.02
N HIS B 439 -24.73 -18.90 13.65
CA HIS B 439 -25.53 -20.09 13.91
C HIS B 439 -25.99 -20.75 12.62
N MET B 440 -26.39 -19.94 11.64
CA MET B 440 -26.76 -20.49 10.34
C MET B 440 -25.60 -21.23 9.70
N LEU B 441 -24.41 -20.64 9.74
CA LEU B 441 -23.23 -21.31 9.15
C LEU B 441 -22.89 -22.59 9.91
N ARG B 442 -23.02 -22.58 11.24
CA ARG B 442 -22.73 -23.76 12.04
C ARG B 442 -23.70 -24.88 11.72
N GLY B 443 -24.97 -24.54 11.47
CA GLY B 443 -25.90 -25.55 10.99
C GLY B 443 -25.64 -25.96 9.56
N GLN B 444 -24.98 -25.11 8.78
CA GLN B 444 -24.67 -25.42 7.38
C GLN B 444 -23.52 -26.39 7.24
N VAL B 445 -22.54 -26.34 8.15
CA VAL B 445 -21.29 -27.09 7.97
C VAL B 445 -21.51 -28.58 7.69
N PRO B 446 -22.37 -29.30 8.41
CA PRO B 446 -22.54 -30.73 8.10
C PRO B 446 -22.95 -31.01 6.66
N LEU B 447 -23.81 -30.18 6.08
CA LEU B 447 -24.22 -30.39 4.70
C LEU B 447 -23.06 -30.16 3.74
N VAL B 448 -22.24 -29.14 4.00
CA VAL B 448 -21.07 -28.89 3.17
C VAL B 448 -20.12 -30.08 3.21
N VAL B 449 -19.86 -30.60 4.41
CA VAL B 449 -18.96 -31.74 4.54
C VAL B 449 -19.52 -32.96 3.84
N LYS B 450 -20.81 -33.22 4.00
CA LYS B 450 -21.43 -34.38 3.34
C LYS B 450 -21.36 -34.25 1.82
N ALA B 451 -21.57 -33.04 1.30
CA ALA B 451 -21.52 -32.87 -0.15
C ALA B 451 -20.10 -32.92 -0.69
N LEU B 452 -19.12 -32.53 0.11
CA LEU B 452 -17.73 -32.51 -0.33
C LEU B 452 -16.97 -33.80 0.00
N GLN B 453 -17.60 -34.75 0.69
CA GLN B 453 -16.88 -35.94 1.12
C GLN B 453 -16.38 -36.76 -0.07
N ARG B 454 -17.22 -36.94 -1.09
CA ARG B 454 -16.84 -37.80 -2.21
C ARG B 454 -15.76 -37.16 -3.07
N GLN B 455 -15.81 -35.84 -3.24
CA GLN B 455 -14.89 -35.18 -4.15
C GLN B 455 -13.44 -35.23 -3.69
N LEU B 456 -13.20 -35.42 -2.40
CA LEU B 456 -11.82 -35.43 -1.88
C LEU B 456 -11.02 -36.60 -2.43
N LYS B 457 -11.68 -37.64 -2.94
CA LYS B 457 -11.01 -38.77 -3.58
C LYS B 457 -11.26 -38.80 -5.08
N ASP B 458 -11.55 -37.65 -5.68
CA ASP B 458 -11.72 -37.56 -7.13
C ASP B 458 -10.37 -37.72 -7.82
N ARG B 459 -10.40 -38.15 -9.08
CA ARG B 459 -9.17 -38.31 -9.83
C ARG B 459 -8.60 -36.97 -10.29
N SER B 460 -9.45 -35.97 -10.47
CA SER B 460 -8.98 -34.69 -10.98
C SER B 460 -8.29 -33.89 -9.90
N VAL B 461 -7.21 -33.21 -10.28
CA VAL B 461 -6.48 -32.34 -9.34
C VAL B 461 -7.31 -31.12 -9.00
N ARG B 462 -8.00 -30.54 -9.98
CA ARG B 462 -8.69 -29.28 -9.79
C ARG B 462 -9.78 -29.39 -8.74
N ALA B 463 -10.57 -30.47 -8.78
CA ALA B 463 -11.65 -30.63 -7.82
C ALA B 463 -11.12 -30.75 -6.40
N ARG B 464 -10.05 -31.54 -6.22
CA ARG B 464 -9.46 -31.69 -4.89
C ARG B 464 -8.91 -30.37 -4.38
N GLN B 465 -8.26 -29.60 -5.26
CA GLN B 465 -7.74 -28.30 -4.85
C GLN B 465 -8.87 -27.37 -4.43
N GLY B 466 -9.98 -27.39 -5.19
CA GLY B 466 -11.12 -26.56 -4.81
C GLY B 466 -11.71 -26.97 -3.47
N CYS B 467 -11.83 -28.27 -3.24
CA CYS B 467 -12.35 -28.74 -1.95
C CYS B 467 -11.44 -28.31 -0.81
N PHE B 468 -10.12 -28.43 -1.00
CA PHE B 468 -9.19 -28.01 0.03
C PHE B 468 -9.33 -26.52 0.35
N SER B 469 -9.40 -25.69 -0.70
CA SER B 469 -9.53 -24.25 -0.46
C SER B 469 -10.84 -23.91 0.25
N LEU B 470 -11.95 -24.52 -0.19
CA LEU B 470 -13.23 -24.21 0.44
C LEU B 470 -13.26 -24.65 1.89
N LEU B 471 -12.73 -25.85 2.19
CA LEU B 471 -12.73 -26.32 3.57
C LEU B 471 -11.81 -25.48 4.43
N THR B 472 -10.69 -25.01 3.88
CA THR B 472 -9.82 -24.11 4.62
C THR B 472 -10.53 -22.81 4.98
N GLU B 473 -11.26 -22.24 4.02
CA GLU B 473 -12.01 -21.01 4.31
C GLU B 473 -13.08 -21.26 5.37
N LEU B 474 -13.82 -22.36 5.25
CA LEU B 474 -14.87 -22.65 6.20
C LEU B 474 -14.30 -22.85 7.60
N ALA B 475 -13.17 -23.55 7.72
CA ALA B 475 -12.52 -23.71 9.01
C ALA B 475 -12.05 -22.37 9.55
N GLY B 476 -11.53 -21.51 8.68
CA GLY B 476 -11.06 -20.20 9.14
C GLY B 476 -12.18 -19.36 9.71
N VAL B 477 -13.35 -19.38 9.07
CA VAL B 477 -14.47 -18.58 9.58
C VAL B 477 -15.00 -19.16 10.89
N LEU B 478 -15.13 -20.48 10.97
CA LEU B 478 -15.68 -21.16 12.15
C LEU B 478 -14.62 -22.09 12.74
N PRO B 479 -13.84 -21.63 13.71
CA PRO B 479 -12.87 -22.52 14.35
C PRO B 479 -13.57 -23.60 15.17
N GLY B 480 -12.94 -24.77 15.22
CA GLY B 480 -13.45 -25.86 16.02
C GLY B 480 -14.73 -26.48 15.55
N SER B 481 -15.05 -26.37 14.25
CA SER B 481 -16.31 -26.90 13.74
C SER B 481 -16.13 -28.17 12.92
N LEU B 482 -14.95 -28.39 12.35
CA LEU B 482 -14.70 -29.56 11.52
C LEU B 482 -14.22 -30.76 12.33
N ALA B 483 -14.12 -30.64 13.65
CA ALA B 483 -13.58 -31.73 14.46
C ALA B 483 -14.43 -32.99 14.35
N GLU B 484 -15.75 -32.84 14.43
CA GLU B 484 -16.64 -33.99 14.41
C GLU B 484 -16.54 -34.78 13.11
N HIS B 485 -16.05 -34.14 12.04
CA HIS B 485 -15.91 -34.79 10.75
C HIS B 485 -14.46 -35.17 10.46
N MET B 486 -13.62 -35.19 11.49
CA MET B 486 -12.21 -35.55 11.29
C MET B 486 -12.01 -36.93 10.65
N PRO B 487 -12.77 -37.98 11.00
CA PRO B 487 -12.53 -39.27 10.34
C PRO B 487 -12.65 -39.22 8.82
N VAL B 488 -13.45 -38.30 8.28
CA VAL B 488 -13.55 -38.16 6.83
C VAL B 488 -12.37 -37.39 6.27
N LEU B 489 -12.21 -36.14 6.74
CA LEU B 489 -11.19 -35.25 6.17
C LEU B 489 -9.81 -35.91 6.16
N VAL B 490 -9.42 -36.52 7.28
CA VAL B 490 -8.10 -37.15 7.37
C VAL B 490 -7.92 -38.16 6.25
N SER B 491 -8.94 -38.99 6.02
CA SER B 491 -8.86 -39.97 4.94
C SER B 491 -8.51 -39.29 3.62
N GLY B 492 -9.23 -38.21 3.30
CA GLY B 492 -8.95 -37.49 2.06
C GLY B 492 -7.51 -37.04 1.98
N ILE B 493 -6.97 -36.51 3.09
CA ILE B 493 -5.59 -36.05 3.08
C ILE B 493 -4.66 -37.19 2.70
N ILE B 494 -4.89 -38.38 3.27
CA ILE B 494 -4.02 -39.51 2.97
C ILE B 494 -4.06 -39.81 1.47
N PHE B 495 -5.24 -39.70 0.86
CA PHE B 495 -5.35 -40.00 -0.56
C PHE B 495 -4.50 -39.05 -1.40
N SER B 496 -4.25 -37.84 -0.92
CA SER B 496 -3.43 -36.90 -1.66
C SER B 496 -1.97 -36.94 -1.23
N LEU B 497 -1.61 -37.80 -0.28
CA LEU B 497 -0.22 -37.92 0.14
C LEU B 497 0.48 -39.15 -0.44
N ALA B 498 -0.29 -40.19 -0.78
CA ALA B 498 0.26 -41.35 -1.46
C ALA B 498 0.24 -41.21 -2.98
N ASP B 499 -0.31 -40.10 -3.49
CA ASP B 499 -0.34 -39.88 -4.94
C ASP B 499 1.07 -39.72 -5.49
N ARG B 500 1.34 -40.41 -6.60
CA ARG B 500 2.66 -40.41 -7.21
C ARG B 500 2.64 -39.93 -8.66
N SER B 501 1.64 -40.34 -9.44
CA SER B 501 1.66 -40.07 -10.88
C SER B 501 1.55 -38.58 -11.17
N SER B 502 0.63 -37.89 -10.51
CA SER B 502 0.37 -36.48 -10.82
C SER B 502 1.53 -35.61 -10.35
N SER B 503 1.37 -34.30 -10.54
CA SER B 503 2.39 -33.35 -10.15
C SER B 503 2.49 -33.26 -8.62
N SER B 504 3.50 -32.52 -8.16
CA SER B 504 3.70 -32.30 -6.73
C SER B 504 2.80 -31.20 -6.17
N THR B 505 2.05 -30.51 -7.03
CA THR B 505 1.18 -29.44 -6.55
C THR B 505 0.11 -29.99 -5.63
N ILE B 506 -0.48 -31.14 -5.97
CA ILE B 506 -1.51 -31.72 -5.12
C ILE B 506 -0.93 -32.15 -3.78
N ARG B 507 0.29 -32.70 -3.79
CA ARG B 507 0.93 -33.11 -2.54
C ARG B 507 1.19 -31.91 -1.65
N MET B 508 1.72 -30.83 -2.22
CA MET B 508 1.99 -29.64 -1.41
C MET B 508 0.71 -29.02 -0.89
N ASP B 509 -0.37 -29.04 -1.69
CA ASP B 509 -1.64 -28.50 -1.22
C ASP B 509 -2.21 -29.36 -0.10
N ALA B 510 -2.06 -30.68 -0.18
CA ALA B 510 -2.51 -31.54 0.91
C ALA B 510 -1.74 -31.24 2.20
N LEU B 511 -0.42 -31.06 2.08
CA LEU B 511 0.37 -30.74 3.27
C LEU B 511 -0.03 -29.39 3.85
N ALA B 512 -0.28 -28.39 3.00
CA ALA B 512 -0.70 -27.09 3.51
C ALA B 512 -2.06 -27.17 4.20
N PHE B 513 -2.99 -27.96 3.64
CA PHE B 513 -4.28 -28.15 4.28
C PHE B 513 -4.13 -28.82 5.64
N LEU B 514 -3.25 -29.82 5.73
CA LEU B 514 -3.02 -30.47 7.02
C LEU B 514 -2.43 -29.49 8.03
N GLN B 515 -1.50 -28.64 7.60
CA GLN B 515 -0.93 -27.66 8.51
C GLN B 515 -1.99 -26.68 9.01
N GLY B 516 -2.86 -26.21 8.11
CA GLY B 516 -3.94 -25.34 8.53
C GLY B 516 -4.88 -26.01 9.51
N LEU B 517 -5.24 -27.27 9.24
CA LEU B 517 -6.12 -28.00 10.14
C LEU B 517 -5.50 -28.17 11.51
N LEU B 518 -4.20 -28.44 11.56
CA LEU B 518 -3.50 -28.50 12.85
C LEU B 518 -3.55 -27.16 13.55
N GLY B 519 -3.43 -26.07 12.80
CA GLY B 519 -3.47 -24.75 13.40
C GLY B 519 -4.84 -24.41 13.99
N THR B 520 -5.91 -24.86 13.33
CA THR B 520 -7.25 -24.41 13.72
C THR B 520 -7.93 -25.34 14.73
N GLU B 521 -8.13 -26.61 14.36
CA GLU B 521 -8.90 -27.52 15.18
C GLU B 521 -8.15 -27.86 16.48
N PRO B 522 -8.88 -28.27 17.51
CA PRO B 522 -8.21 -28.68 18.75
C PRO B 522 -7.38 -29.94 18.56
N ALA B 523 -6.34 -30.06 19.39
CA ALA B 523 -5.40 -31.17 19.25
C ALA B 523 -6.04 -32.53 19.52
N GLU B 524 -6.95 -32.60 20.49
CA GLU B 524 -7.47 -33.89 20.94
C GLU B 524 -8.06 -34.69 19.79
N ALA B 525 -8.72 -34.01 18.84
CA ALA B 525 -9.40 -34.71 17.75
C ALA B 525 -8.44 -35.48 16.86
N PHE B 526 -7.14 -35.21 16.94
CA PHE B 526 -6.16 -35.93 16.14
C PHE B 526 -5.68 -37.21 16.80
N HIS B 527 -6.06 -37.47 18.05
CA HIS B 527 -5.51 -38.61 18.76
C HIS B 527 -5.86 -39.95 18.12
N PRO B 528 -7.12 -40.26 17.80
CA PRO B 528 -7.41 -41.58 17.22
C PRO B 528 -6.74 -41.83 15.88
N HIS B 529 -6.52 -40.81 15.07
CA HIS B 529 -6.02 -40.98 13.71
C HIS B 529 -4.51 -40.81 13.59
N LEU B 530 -3.80 -40.63 14.70
CA LEU B 530 -2.35 -40.49 14.63
C LEU B 530 -1.63 -41.70 14.05
N PRO B 531 -1.97 -42.95 14.39
CA PRO B 531 -1.24 -44.08 13.80
C PRO B 531 -1.28 -44.14 12.29
N ILE B 532 -2.31 -43.57 11.66
CA ILE B 532 -2.44 -43.65 10.20
C ILE B 532 -1.94 -42.36 9.56
N LEU B 533 -2.11 -41.24 10.26
CA LEU B 533 -1.75 -39.95 9.69
C LEU B 533 -0.24 -39.70 9.73
N LEU B 534 0.46 -40.27 10.71
CA LEU B 534 1.85 -39.91 10.95
C LEU B 534 2.85 -40.52 9.96
N PRO B 535 2.73 -41.78 9.57
CA PRO B 535 3.72 -42.36 8.64
C PRO B 535 3.83 -41.57 7.34
N PRO B 536 2.72 -41.34 6.61
CA PRO B 536 2.89 -40.68 5.29
C PRO B 536 3.59 -39.34 5.36
N VAL B 537 3.29 -38.53 6.37
CA VAL B 537 3.97 -37.25 6.52
C VAL B 537 5.46 -37.45 6.64
N MET B 538 5.88 -38.43 7.46
CA MET B 538 7.29 -38.73 7.56
C MET B 538 7.85 -39.20 6.22
N ALA B 539 7.06 -39.98 5.48
CA ALA B 539 7.50 -40.41 4.16
C ALA B 539 7.70 -39.25 3.20
N CYS B 540 7.09 -38.09 3.48
CA CYS B 540 7.30 -36.93 2.64
C CYS B 540 8.55 -36.15 3.04
N VAL B 541 9.13 -36.41 4.21
CA VAL B 541 10.34 -35.70 4.59
C VAL B 541 11.52 -36.18 3.77
N ALA B 542 11.58 -37.48 3.48
CA ALA B 542 12.67 -38.08 2.72
C ALA B 542 12.44 -38.04 1.21
N ASP B 543 11.60 -37.13 0.73
CA ASP B 543 11.35 -37.03 -0.70
C ASP B 543 12.55 -36.41 -1.42
N SER B 544 12.63 -36.69 -2.72
CA SER B 544 13.72 -36.18 -3.53
C SER B 544 13.47 -34.77 -4.06
N PHE B 545 12.26 -34.25 -3.89
CA PHE B 545 11.94 -32.88 -4.29
C PHE B 545 11.97 -32.00 -3.04
N TYR B 546 12.88 -31.02 -3.02
CA TYR B 546 13.20 -30.34 -1.78
C TYR B 546 12.04 -29.51 -1.24
N LYS B 547 11.16 -29.01 -2.10
CA LYS B 547 10.00 -28.25 -1.63
C LYS B 547 9.10 -29.12 -0.77
N ILE B 548 8.86 -30.36 -1.20
CA ILE B 548 8.03 -31.28 -0.41
C ILE B 548 8.71 -31.59 0.91
N ALA B 549 10.03 -31.74 0.90
CA ALA B 549 10.74 -31.99 2.15
C ALA B 549 10.59 -30.83 3.13
N ALA B 550 10.72 -29.60 2.63
CA ALA B 550 10.56 -28.44 3.51
C ALA B 550 9.14 -28.37 4.06
N GLU B 551 8.14 -28.60 3.22
CA GLU B 551 6.75 -28.55 3.68
C GLU B 551 6.48 -29.63 4.71
N ALA B 552 6.99 -30.84 4.48
CA ALA B 552 6.81 -31.91 5.45
C ALA B 552 7.48 -31.60 6.77
N LEU B 553 8.66 -30.97 6.71
CA LEU B 553 9.34 -30.60 7.96
C LEU B 553 8.56 -29.56 8.74
N VAL B 554 7.99 -28.56 8.05
CA VAL B 554 7.19 -27.56 8.74
C VAL B 554 5.96 -28.19 9.36
N VAL B 555 5.28 -29.08 8.62
CA VAL B 555 4.10 -29.73 9.15
C VAL B 555 4.45 -30.61 10.35
N LEU B 556 5.60 -31.28 10.28
CA LEU B 556 6.03 -32.13 11.39
C LEU B 556 6.30 -31.29 12.64
N GLN B 557 6.97 -30.14 12.46
CA GLN B 557 7.22 -29.26 13.59
C GLN B 557 5.92 -28.77 14.21
N GLU B 558 4.96 -28.37 13.38
CA GLU B 558 3.67 -27.93 13.91
C GLU B 558 2.97 -29.06 14.66
N LEU B 559 3.03 -30.28 14.12
CA LEU B 559 2.38 -31.41 14.75
C LEU B 559 2.99 -31.71 16.12
N VAL B 560 4.32 -31.69 16.21
CA VAL B 560 4.96 -32.00 17.49
C VAL B 560 4.78 -30.86 18.48
N ARG B 561 4.63 -29.63 18.00
CA ARG B 561 4.39 -28.52 18.91
C ARG B 561 2.94 -28.47 19.38
N ALA B 562 2.02 -29.05 18.62
CA ALA B 562 0.61 -28.99 19.00
C ALA B 562 0.15 -30.20 19.80
N LEU B 563 0.58 -31.40 19.43
CA LEU B 563 0.07 -32.59 20.12
C LEU B 563 0.66 -32.77 21.50
N TRP B 564 1.88 -32.28 21.74
CA TRP B 564 2.58 -32.44 23.01
C TRP B 564 2.96 -31.05 23.52
N PRO B 565 2.04 -30.34 24.18
CA PRO B 565 2.35 -28.97 24.60
C PRO B 565 3.42 -28.96 25.69
N LEU B 566 4.07 -27.80 25.83
CA LEU B 566 5.29 -27.74 26.62
C LEU B 566 5.01 -27.76 28.11
N HIS B 567 4.13 -26.89 28.59
CA HIS B 567 3.95 -26.65 30.02
C HIS B 567 2.80 -27.45 30.62
N ARG B 568 2.28 -28.44 29.92
CA ARG B 568 1.16 -29.23 30.41
C ARG B 568 1.53 -30.70 30.44
N PRO B 569 0.90 -31.48 31.31
CA PRO B 569 1.20 -32.92 31.35
C PRO B 569 0.83 -33.60 30.04
N ARG B 570 1.58 -34.64 29.71
CA ARG B 570 1.41 -35.34 28.44
C ARG B 570 0.21 -36.27 28.52
N MET B 571 -0.78 -36.06 27.65
CA MET B 571 -1.96 -36.92 27.59
C MET B 571 -1.77 -38.10 26.65
N LEU B 572 -0.87 -38.00 25.68
CA LEU B 572 -0.62 -39.05 24.71
C LEU B 572 0.81 -39.55 24.86
N ASP B 573 0.97 -40.87 24.92
CA ASP B 573 2.29 -41.45 25.08
C ASP B 573 3.09 -41.26 23.79
N PRO B 574 4.25 -40.59 23.85
CA PRO B 574 5.02 -40.33 22.63
C PRO B 574 6.07 -41.39 22.30
N GLU B 575 6.13 -42.48 23.06
CA GLU B 575 7.15 -43.50 22.81
C GLU B 575 7.08 -44.11 21.40
N PRO B 576 5.92 -44.50 20.86
CA PRO B 576 5.92 -45.19 19.56
C PRO B 576 6.47 -44.37 18.40
N TYR B 577 6.46 -43.04 18.48
CA TYR B 577 6.78 -42.21 17.32
C TYR B 577 8.14 -41.53 17.40
N VAL B 578 8.60 -41.15 18.60
CA VAL B 578 9.77 -40.29 18.72
C VAL B 578 10.99 -40.92 18.07
N GLY B 579 11.13 -42.23 18.12
CA GLY B 579 12.27 -42.87 17.47
C GLY B 579 12.30 -42.61 15.97
N GLU B 580 11.17 -42.82 15.30
CA GLU B 580 11.10 -42.58 13.86
C GLU B 580 11.24 -41.11 13.54
N MET B 581 10.60 -40.24 14.34
CA MET B 581 10.75 -38.81 14.16
C MET B 581 12.21 -38.40 14.19
N SER B 582 12.93 -38.84 15.22
CA SER B 582 14.34 -38.49 15.38
C SER B 582 15.17 -39.08 14.24
N ALA B 583 14.91 -40.31 13.86
CA ALA B 583 15.69 -40.93 12.79
C ALA B 583 15.54 -40.15 11.49
N VAL B 584 14.29 -39.80 11.13
CA VAL B 584 14.06 -39.08 9.89
C VAL B 584 14.71 -37.70 9.94
N THR B 585 14.51 -36.96 11.03
CA THR B 585 15.06 -35.61 11.10
C THR B 585 16.58 -35.64 11.08
N LEU B 586 17.21 -36.57 11.81
CA LEU B 586 18.65 -36.64 11.83
C LEU B 586 19.20 -37.06 10.47
N ALA B 587 18.56 -38.02 9.80
CA ALA B 587 19.02 -38.43 8.48
C ALA B 587 18.92 -37.28 7.49
N ARG B 588 17.89 -36.45 7.61
CA ARG B 588 17.78 -35.30 6.73
C ARG B 588 18.79 -34.21 7.09
N LEU B 589 19.14 -34.10 8.37
CA LEU B 589 20.07 -33.07 8.81
C LEU B 589 21.52 -33.42 8.55
N ARG B 590 21.85 -34.71 8.44
CA ARG B 590 23.24 -35.14 8.34
C ARG B 590 23.78 -35.12 6.91
N ALA B 591 22.98 -34.76 5.92
CA ALA B 591 23.43 -34.68 4.54
C ALA B 591 23.79 -33.23 4.23
N THR B 592 25.05 -32.99 3.85
CA THR B 592 25.56 -31.64 3.64
C THR B 592 25.46 -31.17 2.20
N ASP B 593 24.95 -32.01 1.30
CA ASP B 593 24.79 -31.62 -0.11
C ASP B 593 23.37 -31.19 -0.43
N LEU B 594 22.57 -30.90 0.59
CA LEU B 594 21.18 -30.53 0.41
C LEU B 594 21.04 -29.03 0.20
N ASP B 595 19.80 -28.57 0.05
CA ASP B 595 19.54 -27.16 -0.18
C ASP B 595 19.51 -26.41 1.16
N GLN B 596 19.50 -25.08 1.06
CA GLN B 596 19.49 -24.25 2.27
C GLN B 596 18.16 -24.34 2.99
N GLU B 597 17.06 -24.33 2.24
CA GLU B 597 15.73 -24.32 2.85
C GLU B 597 15.50 -25.57 3.70
N VAL B 598 15.85 -26.73 3.16
CA VAL B 598 15.69 -27.97 3.91
C VAL B 598 16.59 -27.98 5.14
N LYS B 599 17.79 -27.41 5.02
CA LYS B 599 18.69 -27.32 6.17
C LYS B 599 18.07 -26.50 7.29
N GLU B 600 17.55 -25.32 6.95
CA GLU B 600 16.94 -24.46 7.97
C GLU B 600 15.74 -25.14 8.61
N ARG B 601 14.87 -25.75 7.80
CA ARG B 601 13.69 -26.40 8.35
C ARG B 601 14.07 -27.57 9.24
N ALA B 602 15.09 -28.34 8.84
CA ALA B 602 15.53 -29.46 9.67
C ALA B 602 16.09 -28.97 10.99
N ILE B 603 16.86 -27.88 10.97
CA ILE B 603 17.42 -27.36 12.22
C ILE B 603 16.30 -26.93 13.15
N SER B 604 15.32 -26.18 12.63
CA SER B 604 14.21 -25.73 13.47
C SER B 604 13.40 -26.90 14.01
N CYS B 605 13.11 -27.89 13.16
CA CYS B 605 12.31 -29.03 13.59
C CYS B 605 13.04 -29.84 14.66
N MET B 606 14.36 -30.02 14.50
CA MET B 606 15.11 -30.76 15.50
C MET B 606 15.18 -29.98 16.82
N GLY B 607 15.30 -28.65 16.73
CA GLY B 607 15.25 -27.86 17.95
C GLY B 607 13.94 -28.01 18.69
N HIS B 608 12.82 -27.94 17.96
CA HIS B 608 11.51 -28.14 18.60
C HIS B 608 11.39 -29.54 19.17
N LEU B 609 11.86 -30.55 18.43
CA LEU B 609 11.77 -31.93 18.89
C LEU B 609 12.53 -32.13 20.19
N VAL B 610 13.76 -31.62 20.26
CA VAL B 610 14.54 -31.74 21.49
C VAL B 610 13.85 -30.98 22.62
N GLY B 611 13.46 -29.73 22.37
CA GLY B 611 12.86 -28.92 23.41
C GLY B 611 11.60 -29.52 24.00
N HIS B 612 10.79 -30.20 23.18
CA HIS B 612 9.54 -30.75 23.66
C HIS B 612 9.63 -32.19 24.13
N LEU B 613 10.62 -32.97 23.69
CA LEU B 613 10.68 -34.38 24.06
C LEU B 613 12.10 -34.81 24.41
N GLY B 614 12.87 -33.95 25.08
CA GLY B 614 14.22 -34.32 25.47
C GLY B 614 14.31 -35.58 26.29
N ASP B 615 13.25 -35.94 27.00
CA ASP B 615 13.28 -37.18 27.78
C ASP B 615 13.41 -38.41 26.90
N ARG B 616 12.70 -38.44 25.78
CA ARG B 616 12.57 -39.66 25.00
C ARG B 616 13.61 -39.83 23.90
N LEU B 617 14.42 -38.81 23.61
CA LEU B 617 15.49 -38.98 22.64
C LEU B 617 16.48 -40.04 23.10
N GLY B 618 16.85 -40.02 24.37
CA GLY B 618 17.75 -41.03 24.89
C GLY B 618 19.12 -40.92 24.27
N ASP B 619 19.58 -42.02 23.66
CA ASP B 619 20.94 -42.10 23.15
C ASP B 619 21.20 -41.09 22.04
N ASP B 620 20.16 -40.53 21.43
CA ASP B 620 20.33 -39.53 20.38
C ASP B 620 20.41 -38.11 20.91
N LEU B 621 20.31 -37.92 22.23
CA LEU B 621 20.37 -36.57 22.77
C LEU B 621 21.77 -35.99 22.68
N GLU B 622 22.78 -36.78 23.08
CA GLU B 622 24.16 -36.28 23.07
C GLU B 622 24.66 -35.93 21.66
N PRO B 623 24.50 -36.78 20.64
CA PRO B 623 24.97 -36.37 19.31
C PRO B 623 24.21 -35.17 18.75
N THR B 624 22.88 -35.17 18.88
CA THR B 624 22.07 -34.11 18.29
C THR B 624 22.56 -32.73 18.73
N LEU B 625 22.75 -32.56 20.03
CA LEU B 625 23.24 -31.28 20.55
C LEU B 625 24.50 -30.85 19.81
N LEU B 626 25.47 -31.77 19.68
CA LEU B 626 26.72 -31.43 19.01
C LEU B 626 26.46 -30.95 17.58
N LEU B 627 25.53 -31.62 16.88
CA LEU B 627 25.19 -31.17 15.53
C LEU B 627 24.79 -29.71 15.54
N LEU B 628 23.88 -29.33 16.45
CA LEU B 628 23.48 -27.93 16.55
C LEU B 628 24.69 -27.04 16.74
N LEU B 629 25.59 -27.45 17.63
CA LEU B 629 26.80 -26.67 17.87
C LEU B 629 27.57 -26.43 16.58
N ASP B 630 27.71 -27.48 15.76
CA ASP B 630 28.42 -27.32 14.49
C ASP B 630 27.69 -26.31 13.61
N ARG B 631 26.37 -26.41 13.52
CA ARG B 631 25.62 -25.46 12.71
C ARG B 631 25.71 -24.05 13.25
N LEU B 632 26.17 -23.90 14.50
CA LEU B 632 26.34 -22.59 15.11
C LEU B 632 27.57 -21.86 14.58
N ARG B 633 28.44 -22.53 13.81
CA ARG B 633 29.67 -21.91 13.33
C ARG B 633 29.58 -21.38 11.91
N ASN B 634 28.78 -22.01 11.05
CA ASN B 634 28.69 -21.57 9.66
C ASN B 634 28.04 -20.20 9.56
N GLU B 635 28.38 -19.47 8.49
CA GLU B 635 27.84 -18.14 8.27
C GLU B 635 26.43 -18.17 7.70
N ILE B 636 25.91 -19.34 7.35
CA ILE B 636 24.58 -19.45 6.74
C ILE B 636 23.55 -20.04 7.68
N THR B 637 23.96 -20.66 8.78
CA THR B 637 23.03 -21.22 9.76
C THR B 637 23.32 -20.71 11.16
N ARG B 638 23.82 -19.48 11.28
CA ARG B 638 24.03 -18.89 12.60
C ARG B 638 22.70 -18.68 13.32
N LEU B 639 21.75 -18.05 12.65
CA LEU B 639 20.53 -17.60 13.33
C LEU B 639 19.58 -18.75 13.63
N PRO B 640 19.29 -19.68 12.70
CA PRO B 640 18.46 -20.84 13.10
C PRO B 640 19.07 -21.65 14.21
N ALA B 641 20.39 -21.85 14.21
CA ALA B 641 21.03 -22.59 15.29
C ALA B 641 20.92 -21.84 16.61
N ILE B 642 21.08 -20.52 16.58
CA ILE B 642 20.93 -19.73 17.81
C ILE B 642 19.52 -19.85 18.35
N LYS B 643 18.51 -19.76 17.47
CA LYS B 643 17.13 -19.88 17.91
C LYS B 643 16.84 -21.26 18.49
N ALA B 644 17.36 -22.32 17.84
CA ALA B 644 17.16 -23.66 18.35
C ALA B 644 17.81 -23.84 19.71
N LEU B 645 19.02 -23.29 19.89
CA LEU B 645 19.68 -23.38 21.18
C LEU B 645 18.91 -22.62 22.25
N THR B 646 18.38 -21.44 21.91
CA THR B 646 17.54 -20.70 22.86
C THR B 646 16.34 -21.52 23.28
N LEU B 647 15.64 -22.11 22.31
CA LEU B 647 14.44 -22.87 22.62
C LEU B 647 14.77 -24.10 23.46
N VAL B 648 15.91 -24.74 23.17
CA VAL B 648 16.34 -25.89 23.97
C VAL B 648 16.60 -25.47 25.41
N ALA B 649 17.27 -24.33 25.60
CA ALA B 649 17.59 -23.87 26.95
C ALA B 649 16.34 -23.49 27.72
N VAL B 650 15.37 -22.86 27.05
CA VAL B 650 14.17 -22.36 27.72
C VAL B 650 13.30 -23.50 28.26
N SER B 651 13.30 -24.64 27.58
CA SER B 651 12.31 -25.69 27.85
C SER B 651 12.41 -26.18 29.29
N PRO B 652 11.28 -26.49 29.93
CA PRO B 652 11.30 -26.92 31.33
C PRO B 652 11.65 -28.38 31.55
N LEU B 653 12.09 -29.10 30.52
CA LEU B 653 12.46 -30.50 30.71
C LEU B 653 13.72 -30.68 31.53
N GLN B 654 14.46 -29.59 31.80
CA GLN B 654 15.71 -29.63 32.55
C GLN B 654 16.73 -30.54 31.88
N LEU B 655 17.07 -30.17 30.64
CA LEU B 655 18.04 -30.93 29.87
C LEU B 655 19.44 -30.77 30.45
N ASP B 656 20.34 -31.65 30.02
CA ASP B 656 21.73 -31.64 30.47
C ASP B 656 22.59 -31.11 29.32
N LEU B 657 22.75 -29.79 29.26
CA LEU B 657 23.53 -29.14 28.22
C LEU B 657 25.02 -29.06 28.56
N GLN B 658 25.48 -29.91 29.48
CA GLN B 658 26.87 -29.85 29.93
C GLN B 658 27.90 -29.99 28.81
N PRO B 659 27.76 -30.91 27.85
CA PRO B 659 28.87 -31.10 26.89
C PRO B 659 29.23 -29.88 26.06
N ILE B 660 28.29 -28.97 25.79
CA ILE B 660 28.51 -27.92 24.81
C ILE B 660 28.52 -26.53 25.44
N LEU B 661 28.52 -26.43 26.78
CA LEU B 661 28.44 -25.13 27.42
C LEU B 661 29.63 -24.25 27.05
N ALA B 662 30.85 -24.77 27.18
CA ALA B 662 32.03 -23.95 26.95
C ALA B 662 32.11 -23.47 25.50
N GLU B 663 31.91 -24.38 24.56
CA GLU B 663 31.99 -24.01 23.15
C GLU B 663 30.90 -23.02 22.78
N ALA B 664 29.66 -23.26 23.24
CA ALA B 664 28.57 -22.34 22.93
C ALA B 664 28.83 -20.96 23.51
N LEU B 665 29.32 -20.91 24.75
CA LEU B 665 29.57 -19.60 25.38
C LEU B 665 30.67 -18.85 24.64
N HIS B 666 31.76 -19.54 24.27
CA HIS B 666 32.81 -18.85 23.52
C HIS B 666 32.32 -18.37 22.17
N ILE B 667 31.54 -19.19 21.46
CA ILE B 667 31.05 -18.79 20.15
C ILE B 667 30.11 -17.59 20.27
N LEU B 668 29.22 -17.60 21.25
CA LEU B 668 28.31 -16.47 21.44
C LEU B 668 29.07 -15.21 21.83
N ALA B 669 30.09 -15.34 22.68
CA ALA B 669 30.89 -14.18 23.02
C ALA B 669 31.59 -13.62 21.80
N SER B 670 32.07 -14.50 20.92
CA SER B 670 32.64 -14.04 19.65
C SER B 670 31.59 -13.32 18.81
N PHE B 671 30.36 -13.84 18.79
CA PHE B 671 29.30 -13.21 18.02
C PHE B 671 28.95 -11.83 18.55
N LEU B 672 29.12 -11.61 19.86
CA LEU B 672 28.77 -10.32 20.44
C LEU B 672 29.57 -9.17 19.85
N ARG B 673 30.78 -9.45 19.34
CA ARG B 673 31.63 -8.36 18.85
C ARG B 673 31.16 -7.84 17.50
N LYS B 674 30.48 -8.66 16.71
CA LYS B 674 30.05 -8.24 15.38
C LYS B 674 28.98 -7.17 15.48
N ASN B 675 28.96 -6.28 14.48
CA ASN B 675 28.05 -5.14 14.48
C ASN B 675 26.81 -5.45 13.64
N GLN B 676 25.97 -6.33 14.19
CA GLN B 676 24.67 -6.63 13.62
C GLN B 676 23.63 -6.59 14.74
N ARG B 677 22.55 -5.85 14.52
CA ARG B 677 21.57 -5.67 15.59
C ARG B 677 20.79 -6.95 15.86
N ALA B 678 20.30 -7.60 14.81
CA ALA B 678 19.51 -8.80 14.99
C ALA B 678 20.33 -9.93 15.62
N LEU B 679 21.55 -10.11 15.13
CA LEU B 679 22.42 -11.13 15.70
C LEU B 679 22.75 -10.83 17.16
N ARG B 680 22.97 -9.56 17.48
CA ARG B 680 23.24 -9.19 18.87
C ARG B 680 22.05 -9.47 19.76
N LEU B 681 20.84 -9.13 19.31
CA LEU B 681 19.66 -9.40 20.11
C LEU B 681 19.47 -10.89 20.32
N ALA B 682 19.65 -11.69 19.26
CA ALA B 682 19.51 -13.13 19.40
C ALA B 682 20.55 -13.70 20.36
N THR B 683 21.78 -13.20 20.28
CA THR B 683 22.83 -13.71 21.16
C THR B 683 22.57 -13.35 22.61
N LEU B 684 22.14 -12.12 22.89
CA LEU B 684 21.80 -11.76 24.26
C LEU B 684 20.65 -12.61 24.80
N ALA B 685 19.62 -12.83 23.98
CA ALA B 685 18.51 -13.65 24.44
C ALA B 685 18.98 -15.08 24.73
N ALA B 686 19.81 -15.64 23.84
CA ALA B 686 20.32 -16.99 24.06
C ALA B 686 21.16 -17.07 25.32
N LEU B 687 22.04 -16.10 25.53
CA LEU B 687 22.90 -16.11 26.72
C LEU B 687 22.07 -15.99 28.00
N ASP B 688 21.08 -15.10 28.00
CA ASP B 688 20.23 -14.94 29.17
C ASP B 688 19.47 -16.22 29.48
N ALA B 689 18.88 -16.83 28.45
CA ALA B 689 18.13 -18.07 28.68
C ALA B 689 19.04 -19.19 29.17
N LEU B 690 20.23 -19.31 28.57
CA LEU B 690 21.16 -20.36 28.97
C LEU B 690 21.61 -20.18 30.42
N ALA B 691 21.96 -18.95 30.80
CA ALA B 691 22.37 -18.69 32.18
C ALA B 691 21.24 -18.97 33.16
N GLN B 692 20.02 -18.51 32.85
CA GLN B 692 18.89 -18.74 33.74
C GLN B 692 18.63 -20.23 33.92
N SER B 693 18.69 -21.00 32.82
CA SER B 693 18.40 -22.43 32.92
C SER B 693 19.50 -23.18 33.65
N GLN B 694 20.77 -22.87 33.36
CA GLN B 694 21.87 -23.64 33.93
C GLN B 694 22.11 -23.30 35.40
N GLY B 695 22.00 -22.03 35.78
CA GLY B 695 22.20 -21.67 37.16
C GLY B 695 23.64 -21.76 37.61
N LEU B 696 23.95 -22.77 38.43
CA LEU B 696 25.26 -22.91 39.06
C LEU B 696 26.15 -23.96 38.41
N SER B 697 25.80 -24.41 37.20
CA SER B 697 26.51 -25.49 36.54
C SER B 697 27.23 -25.02 35.28
N LEU B 698 27.88 -23.85 35.32
CA LEU B 698 28.54 -23.35 34.13
C LEU B 698 29.98 -22.95 34.44
N PRO B 699 30.88 -23.07 33.46
CA PRO B 699 32.30 -22.81 33.73
C PRO B 699 32.54 -21.33 34.01
N PRO B 700 33.55 -21.00 34.82
CA PRO B 700 33.83 -19.60 35.13
C PRO B 700 34.61 -18.88 34.03
N SER B 701 35.50 -19.61 33.36
CA SER B 701 36.33 -18.98 32.33
C SER B 701 35.50 -18.45 31.18
N ALA B 702 34.50 -19.23 30.73
CA ALA B 702 33.61 -18.76 29.67
C ALA B 702 32.79 -17.56 30.14
N VAL B 703 32.38 -17.57 31.40
CA VAL B 703 31.63 -16.44 31.94
C VAL B 703 32.48 -15.18 31.90
N GLN B 704 33.74 -15.28 32.31
CA GLN B 704 34.62 -14.12 32.24
C GLN B 704 34.85 -13.67 30.81
N ALA B 705 35.01 -14.63 29.89
CA ALA B 705 35.23 -14.29 28.49
C ALA B 705 34.04 -13.54 27.91
N VAL B 706 32.83 -13.98 28.21
CA VAL B 706 31.65 -13.29 27.69
C VAL B 706 31.42 -11.96 28.41
N LEU B 707 31.80 -11.88 29.69
CA LEU B 707 31.62 -10.63 30.43
C LEU B 707 32.60 -9.56 29.97
N ALA B 708 33.74 -9.97 29.42
CA ALA B 708 34.70 -8.99 28.91
C ALA B 708 34.18 -8.19 27.73
N GLU B 709 33.07 -8.62 27.10
CA GLU B 709 32.52 -7.95 25.94
C GLU B 709 31.35 -7.02 26.26
N LEU B 710 30.67 -7.24 27.38
CA LEU B 710 29.45 -6.49 27.67
C LEU B 710 29.64 -4.99 27.82
N PRO B 711 30.67 -4.47 28.51
CA PRO B 711 30.75 -3.02 28.70
C PRO B 711 30.70 -2.20 27.41
N ALA B 712 31.11 -2.79 26.28
CA ALA B 712 30.99 -2.09 25.01
C ALA B 712 29.55 -1.99 24.52
N LEU B 713 28.63 -2.77 25.09
CA LEU B 713 27.24 -2.77 24.67
C LEU B 713 26.37 -1.78 25.42
N VAL B 714 26.73 -1.42 26.65
CA VAL B 714 25.93 -0.50 27.44
C VAL B 714 26.20 0.93 26.97
N ASN B 715 25.41 1.41 26.04
CA ASN B 715 25.59 2.75 25.51
C ASN B 715 24.24 3.32 25.09
N GLU B 716 24.18 4.64 24.97
CA GLU B 716 22.94 5.33 24.61
C GLU B 716 22.64 5.26 23.12
N SER B 717 23.54 4.72 22.31
CA SER B 717 23.26 4.60 20.88
C SER B 717 22.08 3.68 20.62
N ASP B 718 22.02 2.55 21.33
CA ASP B 718 20.90 1.62 21.26
C ASP B 718 20.45 1.29 22.66
N MET B 719 19.13 1.24 22.86
CA MET B 719 18.56 1.05 24.19
C MET B 719 18.09 -0.38 24.45
N HIS B 720 17.54 -1.06 23.44
CA HIS B 720 17.09 -2.44 23.65
C HIS B 720 18.26 -3.36 23.98
N VAL B 721 19.37 -3.20 23.25
CA VAL B 721 20.56 -3.99 23.53
C VAL B 721 21.07 -3.70 24.94
N ALA B 722 21.04 -2.43 25.35
CA ALA B 722 21.48 -2.07 26.69
C ALA B 722 20.60 -2.72 27.75
N GLN B 723 19.29 -2.71 27.54
CA GLN B 723 18.39 -3.35 28.50
C GLN B 723 18.67 -4.85 28.60
N LEU B 724 18.85 -5.51 27.46
CA LEU B 724 19.15 -6.94 27.49
C LEU B 724 20.48 -7.22 28.19
N ALA B 725 21.49 -6.38 27.93
CA ALA B 725 22.79 -6.57 28.57
C ALA B 725 22.68 -6.39 30.08
N VAL B 726 21.93 -5.39 30.53
CA VAL B 726 21.77 -5.18 31.97
C VAL B 726 21.02 -6.34 32.60
N ASP B 727 20.00 -6.88 31.90
CA ASP B 727 19.30 -8.04 32.43
C ASP B 727 20.23 -9.24 32.56
N PHE B 728 21.08 -9.47 31.55
CA PHE B 728 22.01 -10.59 31.63
C PHE B 728 23.02 -10.38 32.77
N LEU B 729 23.50 -9.15 32.95
CA LEU B 729 24.39 -8.86 34.06
C LEU B 729 23.72 -9.14 35.39
N ALA B 730 22.45 -8.74 35.55
CA ALA B 730 21.74 -9.02 36.78
C ALA B 730 21.61 -10.52 37.01
N THR B 731 21.28 -11.28 35.96
CA THR B 731 21.12 -12.72 36.10
C THR B 731 22.43 -13.39 36.51
N VAL B 732 23.54 -13.03 35.86
CA VAL B 732 24.81 -13.66 36.19
C VAL B 732 25.28 -13.20 37.57
N THR B 733 24.94 -11.98 37.98
CA THR B 733 25.23 -11.54 39.34
C THR B 733 24.50 -12.39 40.36
N GLN B 734 23.22 -12.67 40.11
CA GLN B 734 22.46 -13.52 41.01
C GLN B 734 23.02 -14.94 41.02
N ALA B 735 23.54 -15.41 39.88
CA ALA B 735 23.99 -16.79 39.79
C ALA B 735 25.40 -16.97 40.35
N GLN B 736 26.39 -16.32 39.74
CA GLN B 736 27.81 -16.52 40.08
C GLN B 736 28.47 -15.17 40.32
N PRO B 737 28.37 -14.63 41.53
CA PRO B 737 28.96 -13.31 41.81
C PRO B 737 30.47 -13.26 41.65
N ALA B 738 31.16 -14.38 41.90
CA ALA B 738 32.62 -14.34 41.97
C ALA B 738 33.26 -13.93 40.66
N SER B 739 32.53 -14.03 39.54
CA SER B 739 33.07 -13.67 38.24
C SER B 739 32.99 -12.17 37.97
N LEU B 740 32.40 -11.39 38.86
CA LEU B 740 32.19 -9.96 38.63
C LEU B 740 33.29 -9.09 39.20
N VAL B 741 34.29 -9.67 39.87
CA VAL B 741 35.28 -8.88 40.59
C VAL B 741 36.07 -8.00 39.62
N GLU B 742 36.50 -8.55 38.50
CA GLU B 742 37.39 -7.83 37.59
C GLU B 742 36.65 -7.01 36.55
N VAL B 743 35.32 -7.01 36.54
CA VAL B 743 34.54 -6.31 35.53
C VAL B 743 33.65 -5.23 36.15
N SER B 744 33.66 -5.08 37.48
CA SER B 744 32.76 -4.14 38.14
C SER B 744 33.05 -2.71 37.72
N GLY B 745 34.33 -2.35 37.58
CA GLY B 745 34.72 -0.98 37.31
C GLY B 745 34.17 -0.41 36.02
N PRO B 746 34.60 -0.96 34.89
CA PRO B 746 34.10 -0.45 33.60
C PRO B 746 32.59 -0.57 33.45
N VAL B 747 32.01 -1.64 33.98
CA VAL B 747 30.55 -1.81 33.89
C VAL B 747 29.84 -0.70 34.64
N LEU B 748 30.29 -0.40 35.86
CA LEU B 748 29.68 0.68 36.63
C LEU B 748 29.89 2.03 35.94
N SER B 749 31.08 2.26 35.40
CA SER B 749 31.32 3.54 34.72
C SER B 749 30.40 3.70 33.52
N GLU B 750 30.25 2.66 32.71
CA GLU B 750 29.37 2.76 31.55
C GLU B 750 27.91 2.85 31.96
N LEU B 751 27.52 2.21 33.06
CA LEU B 751 26.14 2.33 33.54
C LEU B 751 25.85 3.76 33.98
N LEU B 752 26.79 4.40 34.69
CA LEU B 752 26.60 5.80 35.06
C LEU B 752 26.53 6.69 33.83
N ARG B 753 27.41 6.47 32.86
CA ARG B 753 27.39 7.29 31.65
C ARG B 753 26.09 7.11 30.89
N LEU B 754 25.54 5.89 30.89
CA LEU B 754 24.22 5.67 30.30
C LEU B 754 23.13 6.42 31.07
N LEU B 755 23.18 6.36 32.39
CA LEU B 755 22.20 7.07 33.21
C LEU B 755 22.27 8.58 33.04
N ARG B 756 23.41 9.10 32.57
CA ARG B 756 23.50 10.52 32.24
C ARG B 756 22.47 10.94 31.21
N SER B 757 22.13 10.05 30.27
CA SER B 757 21.28 10.43 29.16
C SER B 757 19.87 10.78 29.64
N PRO B 758 19.21 11.72 28.97
CA PRO B 758 17.80 12.02 29.28
C PRO B 758 16.78 11.19 28.52
N LEU B 759 17.19 10.07 27.91
CA LEU B 759 16.33 9.28 27.04
C LEU B 759 16.20 7.85 27.52
N LEU B 760 16.25 7.64 28.83
CA LEU B 760 16.13 6.29 29.37
C LEU B 760 14.66 5.91 29.52
N PRO B 761 14.19 4.87 28.84
CA PRO B 761 12.83 4.37 29.09
C PRO B 761 12.74 3.75 30.48
N ALA B 762 11.51 3.40 30.86
CA ALA B 762 11.30 2.80 32.18
C ALA B 762 11.92 1.41 32.27
N GLY B 763 11.97 0.67 31.16
CA GLY B 763 12.52 -0.67 31.20
C GLY B 763 13.99 -0.70 31.53
N VAL B 764 14.78 0.19 30.92
CA VAL B 764 16.20 0.25 31.21
C VAL B 764 16.45 0.62 32.67
N LEU B 765 15.67 1.58 33.18
CA LEU B 765 15.83 2.00 34.56
C LEU B 765 15.47 0.86 35.53
N ALA B 766 14.40 0.13 35.23
CA ALA B 766 14.04 -1.01 36.07
C ALA B 766 15.10 -2.10 36.03
N ALA B 767 15.67 -2.34 34.86
CA ALA B 767 16.75 -3.33 34.74
C ALA B 767 17.96 -2.90 35.56
N ALA B 768 18.31 -1.61 35.50
CA ALA B 768 19.42 -1.11 36.31
C ALA B 768 19.12 -1.23 37.80
N GLU B 769 17.87 -0.96 38.18
CA GLU B 769 17.49 -1.13 39.59
C GLU B 769 17.69 -2.57 40.04
N GLY B 770 17.23 -3.53 39.23
CA GLY B 770 17.42 -4.93 39.58
C GLY B 770 18.89 -5.32 39.63
N PHE B 771 19.69 -4.80 38.69
CA PHE B 771 21.13 -5.03 38.70
C PHE B 771 21.73 -4.59 40.03
N LEU B 772 21.37 -3.39 40.48
CA LEU B 772 21.91 -2.91 41.75
C LEU B 772 21.36 -3.71 42.94
N GLN B 773 20.09 -4.14 42.87
CA GLN B 773 19.57 -5.03 43.91
C GLN B 773 20.45 -6.25 44.07
N ALA B 774 20.75 -6.93 42.96
CA ALA B 774 21.60 -8.11 43.04
C ALA B 774 23.01 -7.75 43.49
N LEU B 775 23.56 -6.66 42.97
CA LEU B 775 24.94 -6.29 43.27
C LEU B 775 25.12 -5.94 44.74
N VAL B 776 24.07 -5.49 45.41
CA VAL B 776 24.17 -5.22 46.84
C VAL B 776 23.81 -6.46 47.66
N GLY B 777 22.82 -7.22 47.17
CA GLY B 777 22.37 -8.44 47.86
C GLY B 777 23.42 -9.53 47.87
N THR B 778 24.40 -9.44 46.96
CA THR B 778 25.49 -10.44 46.88
C THR B 778 26.57 -10.10 47.92
N ARG B 779 26.56 -8.87 48.44
CA ARG B 779 27.55 -8.41 49.45
C ARG B 779 28.96 -8.73 48.95
N PRO B 780 29.34 -8.31 47.73
CA PRO B 780 30.68 -8.57 47.20
C PRO B 780 31.68 -7.47 47.60
N PRO B 781 33.00 -7.70 47.47
CA PRO B 781 34.00 -6.70 47.84
C PRO B 781 34.24 -5.68 46.70
N CYS B 782 33.65 -5.94 45.54
CA CYS B 782 33.80 -5.03 44.36
C CYS B 782 32.94 -3.78 44.56
N VAL B 783 31.64 -3.88 44.26
CA VAL B 783 30.70 -2.73 44.40
C VAL B 783 29.52 -3.14 45.29
N ASP B 784 29.11 -2.27 46.20
CA ASP B 784 27.97 -2.54 47.12
C ASP B 784 27.22 -1.22 47.38
N TYR B 785 26.74 -0.59 46.30
CA TYR B 785 25.97 0.69 46.31
C TYR B 785 26.83 1.85 46.84
N ALA B 786 26.17 2.89 47.37
CA ALA B 786 26.85 4.08 47.93
C ALA B 786 27.89 4.61 46.95
N LYS B 787 27.52 4.81 45.68
CA LYS B 787 28.46 5.31 44.65
C LYS B 787 27.67 5.87 43.45
N LEU B 788 26.46 5.35 43.23
CA LEU B 788 25.60 5.81 42.10
C LEU B 788 25.29 7.30 42.27
N ILE B 789 24.54 7.65 43.32
CA ILE B 789 24.16 9.06 43.59
C ILE B 789 25.43 9.93 43.65
N SER B 790 26.44 9.47 44.39
CA SER B 790 27.73 10.22 44.53
C SER B 790 28.26 10.62 43.15
N LEU B 791 28.50 9.63 42.28
CA LEU B 791 29.03 9.89 40.91
C LEU B 791 28.07 10.83 40.16
N LEU B 792 26.76 10.58 40.28
CA LEU B 792 25.76 11.39 39.60
C LEU B 792 25.75 12.82 40.12
N THR B 793 26.04 13.02 41.41
CA THR B 793 26.11 14.35 42.00
C THR B 793 27.47 14.99 41.86
N ALA B 794 28.48 14.24 41.42
CA ALA B 794 29.82 14.82 41.28
C ALA B 794 29.85 16.06 40.40
N PRO B 795 29.28 16.08 39.19
CA PRO B 795 29.14 17.37 38.49
C PRO B 795 28.20 18.31 39.20
N VAL B 796 27.14 17.78 39.83
CA VAL B 796 26.22 18.62 40.59
C VAL B 796 26.93 19.24 41.78
N TYR B 797 27.85 18.50 42.40
CA TYR B 797 28.58 19.02 43.55
C TYR B 797 29.47 20.19 43.16
N GLU B 798 30.12 20.10 41.99
CA GLU B 798 31.00 21.18 41.54
C GLU B 798 30.23 22.43 41.13
N GLN B 799 28.90 22.35 41.00
CA GLN B 799 28.09 23.51 40.63
C GLN B 799 27.97 24.41 41.87
N ALA B 800 29.04 25.17 42.13
CA ALA B 800 29.08 26.07 43.26
C ALA B 800 28.41 27.41 42.98
N VAL B 801 28.03 27.66 41.73
CA VAL B 801 27.33 28.88 41.35
C VAL B 801 26.01 28.48 40.70
N ASP B 802 24.91 29.01 41.23
CA ASP B 802 23.58 28.71 40.69
C ASP B 802 23.16 29.74 39.64
N GLY B 803 24.03 29.94 38.66
CA GLY B 803 23.75 30.87 37.58
C GLY B 803 24.36 30.44 36.26
N GLY B 804 24.85 29.21 36.20
CA GLY B 804 25.49 28.69 35.02
C GLY B 804 24.54 27.97 34.10
N PRO B 805 25.06 27.07 33.27
CA PRO B 805 24.23 26.32 32.31
C PRO B 805 23.55 25.12 32.95
N GLY B 806 22.43 25.39 33.62
CA GLY B 806 21.68 24.34 34.27
C GLY B 806 20.90 23.48 33.28
N LEU B 807 20.36 22.40 33.80
CA LEU B 807 19.61 21.47 32.98
C LEU B 807 18.24 22.06 32.61
N HIS B 808 17.62 21.47 31.59
CA HIS B 808 16.24 21.80 31.26
C HIS B 808 15.30 21.22 32.31
N LYS B 809 14.09 21.77 32.38
CA LYS B 809 13.12 21.30 33.36
C LYS B 809 12.80 19.83 33.16
N GLN B 810 12.60 19.41 31.91
CA GLN B 810 12.37 17.99 31.65
C GLN B 810 13.67 17.19 31.80
N VAL B 811 14.81 17.79 31.47
CA VAL B 811 16.09 17.14 31.75
C VAL B 811 16.29 17.00 33.26
N PHE B 812 15.97 18.05 34.01
CA PHE B 812 15.92 17.94 35.46
C PHE B 812 15.05 16.76 35.89
N HIS B 813 13.84 16.69 35.34
CA HIS B 813 12.92 15.62 35.72
C HIS B 813 13.55 14.25 35.48
N SER B 814 14.06 14.03 34.27
CA SER B 814 14.60 12.72 33.92
C SER B 814 15.80 12.35 34.78
N LEU B 815 16.80 13.24 34.86
CA LEU B 815 18.01 12.93 35.61
C LEU B 815 17.71 12.73 37.09
N ALA B 816 16.96 13.64 37.69
CA ALA B 816 16.67 13.52 39.11
C ALA B 816 15.80 12.31 39.39
N ARG B 817 14.89 11.96 38.48
CA ARG B 817 14.06 10.77 38.67
C ARG B 817 14.93 9.52 38.65
N CYS B 818 15.85 9.42 37.69
CA CYS B 818 16.73 8.26 37.65
C CYS B 818 17.58 8.17 38.91
N VAL B 819 18.13 9.30 39.34
CA VAL B 819 18.98 9.32 40.52
C VAL B 819 18.20 8.90 41.76
N ALA B 820 17.00 9.45 41.93
CA ALA B 820 16.19 9.14 43.11
C ALA B 820 15.72 7.69 43.10
N ALA B 821 15.38 7.16 41.92
CA ALA B 821 15.02 5.76 41.82
C ALA B 821 16.19 4.86 42.22
N LEU B 822 17.40 5.21 41.78
CA LEU B 822 18.57 4.45 42.20
C LEU B 822 18.77 4.54 43.70
N SER B 823 18.61 5.73 44.28
CA SER B 823 18.75 5.90 45.73
C SER B 823 17.74 5.04 46.48
N ALA B 824 16.50 5.01 46.00
CA ALA B 824 15.43 4.28 46.67
C ALA B 824 15.44 2.79 46.34
N ALA B 825 16.29 2.34 45.41
CA ALA B 825 16.30 0.94 45.03
C ALA B 825 16.56 0.03 46.23
N CYS B 826 17.75 0.14 46.81
CA CYS B 826 18.11 -0.70 47.95
C CYS B 826 17.85 0.04 49.24
N PRO B 827 16.92 -0.41 50.08
CA PRO B 827 16.63 0.30 51.33
C PRO B 827 17.60 -0.08 52.45
N GLN B 828 18.18 -1.27 52.38
CA GLN B 828 19.08 -1.71 53.44
C GLN B 828 20.38 -0.90 53.45
N GLU B 829 20.93 -0.63 52.27
CA GLU B 829 22.14 0.19 52.18
C GLU B 829 21.88 1.65 52.54
N ALA B 830 20.63 2.11 52.43
CA ALA B 830 20.30 3.51 52.64
C ALA B 830 19.44 3.76 53.88
N ALA B 831 19.28 2.76 54.76
CA ALA B 831 18.41 2.93 55.92
C ALA B 831 18.86 4.09 56.80
N SER B 832 20.14 4.12 57.16
CA SER B 832 20.63 5.21 57.99
C SER B 832 20.84 6.49 57.18
N THR B 833 21.23 6.35 55.92
CA THR B 833 21.45 7.53 55.09
C THR B 833 20.17 8.28 54.80
N ALA B 834 19.01 7.62 54.89
CA ALA B 834 17.74 8.33 54.73
C ALA B 834 17.58 9.40 55.79
N SER B 835 17.90 9.07 57.04
CA SER B 835 17.86 10.08 58.10
C SER B 835 19.06 11.01 58.03
N ARG B 836 20.22 10.49 57.58
CA ARG B 836 21.41 11.32 57.50
C ARG B 836 21.25 12.46 56.49
N LEU B 837 20.59 12.17 55.36
CA LEU B 837 20.47 13.16 54.29
C LEU B 837 19.63 14.36 54.73
N VAL B 838 18.57 14.12 55.49
CA VAL B 838 17.76 15.23 55.98
C VAL B 838 18.61 16.14 56.87
N CYS B 839 19.40 15.54 57.76
CA CYS B 839 20.23 16.34 58.65
C CYS B 839 21.30 17.12 57.89
N ASP B 840 21.92 16.49 56.89
CA ASP B 840 23.01 17.15 56.20
C ASP B 840 22.55 18.07 55.07
N ALA B 841 21.25 18.02 54.71
CA ALA B 841 20.74 18.88 53.66
C ALA B 841 19.81 19.98 54.16
N ARG B 842 19.27 19.86 55.38
CA ARG B 842 18.46 20.93 55.93
C ARG B 842 19.25 22.21 56.11
N SER B 843 20.56 22.13 56.21
CA SER B 843 21.40 23.32 56.25
C SER B 843 21.40 23.97 54.87
N PRO B 844 21.10 25.28 54.78
CA PRO B 844 21.01 25.95 53.48
C PRO B 844 22.36 26.37 52.90
N HIS B 845 23.30 25.43 52.87
CA HIS B 845 24.62 25.66 52.29
C HIS B 845 24.78 25.01 50.92
N SER B 846 24.09 23.90 50.68
CA SER B 846 24.19 23.20 49.41
C SER B 846 23.46 23.97 48.32
N SER B 847 23.84 23.67 47.07
CA SER B 847 23.22 24.32 45.91
C SER B 847 21.79 23.81 45.73
N THR B 848 21.11 24.34 44.71
CA THR B 848 19.73 23.94 44.46
C THR B 848 19.63 22.51 43.96
N GLY B 849 20.61 22.04 43.20
CA GLY B 849 20.55 20.67 42.69
C GLY B 849 20.61 19.64 43.81
N VAL B 850 21.52 19.84 44.76
CA VAL B 850 21.61 18.92 45.89
C VAL B 850 20.31 18.92 46.67
N LYS B 851 19.72 20.11 46.86
CA LYS B 851 18.48 20.21 47.62
C LYS B 851 17.34 19.47 46.94
N VAL B 852 17.10 19.77 45.66
CA VAL B 852 16.01 19.13 44.94
C VAL B 852 16.21 17.62 44.86
N LEU B 853 17.46 17.18 44.69
CA LEU B 853 17.73 15.76 44.67
C LEU B 853 17.47 15.13 46.04
N ALA B 854 17.71 15.89 47.11
CA ALA B 854 17.43 15.39 48.44
C ALA B 854 15.94 15.15 48.65
N PHE B 855 15.11 16.14 48.30
CA PHE B 855 13.66 15.92 48.43
C PHE B 855 13.18 14.78 47.55
N LEU B 856 13.67 14.72 46.31
CA LEU B 856 13.21 13.65 45.42
C LEU B 856 13.63 12.27 45.91
N SER B 857 14.85 12.15 46.43
CA SER B 857 15.30 10.88 46.99
C SER B 857 14.49 10.50 48.22
N LEU B 858 14.16 11.48 49.07
CA LEU B 858 13.31 11.19 50.23
C LEU B 858 11.95 10.69 49.80
N ALA B 859 11.34 11.35 48.81
CA ALA B 859 10.04 10.91 48.32
C ALA B 859 10.13 9.49 47.75
N GLU B 860 11.18 9.21 46.97
CA GLU B 860 11.29 7.89 46.36
C GLU B 860 11.55 6.81 47.38
N VAL B 861 12.35 7.10 48.41
CA VAL B 861 12.61 6.08 49.42
C VAL B 861 11.36 5.85 50.27
N GLY B 862 10.54 6.88 50.47
CA GLY B 862 9.27 6.67 51.13
C GLY B 862 8.24 5.95 50.27
N GLN B 863 8.39 6.02 48.94
CA GLN B 863 7.41 5.41 48.05
C GLN B 863 7.74 3.96 47.68
N VAL B 864 9.00 3.67 47.39
CA VAL B 864 9.33 2.39 46.75
C VAL B 864 9.11 1.23 47.72
N ALA B 865 9.83 1.23 48.85
CA ALA B 865 9.80 0.11 49.79
C ALA B 865 9.47 0.65 51.18
N GLY B 866 8.18 0.78 51.46
CA GLY B 866 7.72 1.19 52.77
C GLY B 866 7.87 2.68 52.99
N PRO B 867 6.88 3.29 53.64
CA PRO B 867 6.99 4.72 53.94
C PRO B 867 8.05 4.98 54.99
N GLY B 868 9.01 5.84 54.66
CA GLY B 868 10.03 6.23 55.62
C GLY B 868 9.38 6.89 56.82
N HIS B 869 9.68 6.39 58.02
CA HIS B 869 9.04 6.88 59.23
C HIS B 869 9.30 8.37 59.41
N GLN B 870 10.55 8.73 59.66
CA GLN B 870 11.03 10.12 59.69
C GLN B 870 10.03 11.03 60.40
N ARG B 871 9.82 10.75 61.70
CA ARG B 871 8.80 11.45 62.46
C ARG B 871 9.07 12.95 62.54
N GLU B 872 10.33 13.36 62.42
CA GLU B 872 10.69 14.77 62.47
C GLU B 872 10.80 15.41 61.08
N LEU B 873 10.54 14.64 60.02
CA LEU B 873 10.64 15.19 58.66
C LEU B 873 9.49 16.12 58.33
N LYS B 874 8.36 16.00 59.02
CA LYS B 874 7.18 16.80 58.67
C LYS B 874 7.46 18.29 58.85
N ALA B 875 8.05 18.67 59.98
CA ALA B 875 8.33 20.08 60.25
C ALA B 875 9.35 20.64 59.27
N VAL B 876 10.41 19.88 58.98
CA VAL B 876 11.43 20.34 58.06
C VAL B 876 10.85 20.51 56.66
N LEU B 877 10.03 19.56 56.22
CA LEU B 877 9.42 19.66 54.90
C LEU B 877 8.47 20.85 54.83
N LEU B 878 7.68 21.07 55.88
CA LEU B 878 6.77 22.22 55.89
C LEU B 878 7.56 23.53 55.85
N GLU B 879 8.67 23.60 56.59
CA GLU B 879 9.50 24.79 56.57
C GLU B 879 10.10 25.03 55.19
N ALA B 880 10.59 23.97 54.54
CA ALA B 880 11.23 24.10 53.25
C ALA B 880 10.25 24.27 52.10
N LEU B 881 8.97 23.98 52.31
CA LEU B 881 7.98 24.14 51.25
C LEU B 881 7.89 25.59 50.77
N GLY B 882 8.17 26.54 51.64
CA GLY B 882 8.15 27.94 51.26
C GLY B 882 9.50 28.43 50.77
N SER B 883 10.20 27.59 50.00
CA SER B 883 11.52 27.94 49.52
C SER B 883 11.43 29.06 48.48
N PRO B 884 12.44 29.93 48.42
CA PRO B 884 12.44 30.99 47.39
C PRO B 884 12.45 30.45 45.97
N SER B 885 13.09 29.31 45.73
CA SER B 885 13.19 28.74 44.40
C SER B 885 11.95 27.93 44.07
N GLU B 886 11.47 28.05 42.82
CA GLU B 886 10.28 27.33 42.41
C GLU B 886 10.55 25.84 42.24
N ASP B 887 11.75 25.47 41.80
CA ASP B 887 12.07 24.05 41.64
C ASP B 887 12.08 23.35 42.99
N VAL B 888 12.66 23.99 44.01
CA VAL B 888 12.66 23.41 45.35
C VAL B 888 11.23 23.33 45.90
N ARG B 889 10.40 24.32 45.59
CA ARG B 889 9.01 24.29 46.02
C ARG B 889 8.27 23.11 45.39
N ALA B 890 8.47 22.90 44.09
CA ALA B 890 7.83 21.77 43.42
C ALA B 890 8.33 20.45 43.98
N ALA B 891 9.64 20.35 44.25
CA ALA B 891 10.19 19.14 44.84
C ALA B 891 9.59 18.87 46.21
N ALA B 892 9.45 19.92 47.03
CA ALA B 892 8.85 19.75 48.35
C ALA B 892 7.39 19.33 48.24
N SER B 893 6.64 19.92 47.32
CA SER B 893 5.25 19.52 47.14
C SER B 893 5.16 18.06 46.72
N TYR B 894 6.02 17.63 45.80
CA TYR B 894 6.05 16.23 45.39
C TYR B 894 6.40 15.33 46.56
N ALA B 895 7.37 15.76 47.39
CA ALA B 895 7.78 14.95 48.53
C ALA B 895 6.63 14.77 49.52
N LEU B 896 5.95 15.87 49.86
CA LEU B 896 4.79 15.75 50.76
C LEU B 896 3.71 14.87 50.15
N GLY B 897 3.41 15.06 48.87
CA GLY B 897 2.37 14.26 48.25
C GLY B 897 2.69 12.78 48.25
N ARG B 898 3.95 12.43 47.98
CA ARG B 898 4.33 11.03 47.91
C ARG B 898 4.55 10.40 49.29
N VAL B 899 4.86 11.20 50.31
CA VAL B 899 5.01 10.65 51.65
C VAL B 899 3.68 10.55 52.38
N GLY B 900 2.70 11.38 52.03
CA GLY B 900 1.39 11.27 52.65
C GLY B 900 0.66 9.99 52.29
N ALA B 901 0.80 9.54 51.03
CA ALA B 901 0.07 8.36 50.59
C ALA B 901 0.51 7.11 51.36
N GLY B 902 1.82 6.98 51.62
CA GLY B 902 2.31 5.81 52.31
C GLY B 902 1.94 5.77 53.78
N SER B 903 1.64 6.93 54.38
CA SER B 903 1.29 7.04 55.79
C SER B 903 0.02 7.85 55.95
N LEU B 904 -1.00 7.53 55.16
CA LEU B 904 -2.23 8.31 55.17
C LEU B 904 -2.94 8.34 56.52
N PRO B 905 -3.10 7.25 57.27
CA PRO B 905 -3.89 7.35 58.51
C PRO B 905 -3.26 8.27 59.54
N ASP B 906 -1.95 8.55 59.44
CA ASP B 906 -1.27 9.42 60.38
C ASP B 906 -1.12 10.85 59.88
N PHE B 907 -0.80 11.03 58.59
CA PHE B 907 -0.55 12.37 58.06
C PHE B 907 -1.78 13.03 57.46
N LEU B 908 -2.69 12.26 56.85
CA LEU B 908 -3.88 12.83 56.26
C LEU B 908 -4.70 13.66 57.26
N PRO B 909 -4.98 13.18 58.49
CA PRO B 909 -5.60 14.09 59.46
C PRO B 909 -4.76 15.32 59.74
N PHE B 910 -3.43 15.16 59.81
CA PHE B 910 -2.56 16.31 60.05
C PHE B 910 -2.59 17.28 58.87
N LEU B 911 -2.58 16.75 57.65
CA LEU B 911 -2.64 17.62 56.47
C LEU B 911 -3.97 18.37 56.42
N LEU B 912 -5.08 17.68 56.73
CA LEU B 912 -6.37 18.35 56.75
C LEU B 912 -6.43 19.40 57.85
N GLU B 913 -5.83 19.11 59.00
CA GLU B 913 -5.77 20.11 60.07
C GLU B 913 -4.97 21.33 59.65
N GLN B 914 -3.85 21.12 58.95
CA GLN B 914 -3.05 22.24 58.46
C GLN B 914 -3.84 23.05 57.44
N ILE B 915 -4.59 22.38 56.57
CA ILE B 915 -5.40 23.08 55.58
C ILE B 915 -6.48 23.91 56.27
N GLU B 916 -7.15 23.33 57.26
CA GLU B 916 -8.24 24.02 57.95
C GLU B 916 -7.72 25.22 58.72
N ALA B 917 -6.65 25.03 59.49
CA ALA B 917 -6.13 26.12 60.31
C ALA B 917 -5.39 27.16 59.47
N GLU B 918 -4.59 26.71 58.51
CA GLU B 918 -3.73 27.59 57.73
C GLU B 918 -4.06 27.49 56.25
N PRO B 919 -4.92 28.35 55.72
CA PRO B 919 -5.24 28.33 54.28
C PRO B 919 -4.35 29.21 53.41
N ARG B 920 -3.19 29.64 53.91
CA ARG B 920 -2.41 30.65 53.20
C ARG B 920 -1.70 30.08 51.98
N ARG B 921 -1.18 28.85 52.09
CA ARG B 921 -0.35 28.23 51.05
C ARG B 921 -1.08 27.08 50.37
N GLN B 922 -2.37 27.26 50.07
CA GLN B 922 -3.21 26.16 49.64
C GLN B 922 -2.83 25.58 48.28
N TYR B 923 -2.04 26.28 47.47
CA TYR B 923 -1.76 25.80 46.12
C TYR B 923 -0.85 24.58 46.15
N LEU B 924 0.35 24.73 46.72
CA LEU B 924 1.28 23.61 46.81
C LEU B 924 0.72 22.50 47.70
N LEU B 925 0.03 22.86 48.77
CA LEU B 925 -0.60 21.86 49.62
C LEU B 925 -1.66 21.08 48.86
N LEU B 926 -2.40 21.75 47.98
CA LEU B 926 -3.41 21.06 47.18
C LEU B 926 -2.77 20.16 46.14
N HIS B 927 -1.65 20.58 45.56
CA HIS B 927 -0.90 19.67 44.69
C HIS B 927 -0.42 18.44 45.47
N SER B 928 0.06 18.66 46.70
CA SER B 928 0.50 17.53 47.52
C SER B 928 -0.66 16.59 47.83
N LEU B 929 -1.85 17.14 48.12
CA LEU B 929 -3.01 16.31 48.34
C LEU B 929 -3.38 15.52 47.09
N ARG B 930 -3.32 16.18 45.93
CA ARG B 930 -3.60 15.50 44.67
C ARG B 930 -2.64 14.33 44.47
N GLU B 931 -1.35 14.55 44.69
CA GLU B 931 -0.38 13.48 44.58
C GLU B 931 -0.64 12.38 45.59
N ALA B 932 -1.08 12.75 46.79
CA ALA B 932 -1.36 11.76 47.83
C ALA B 932 -2.48 10.82 47.41
N LEU B 933 -3.61 11.38 47.00
CA LEU B 933 -4.70 10.52 46.53
C LEU B 933 -4.34 9.80 45.24
N GLY B 934 -3.43 10.35 44.44
CA GLY B 934 -2.97 9.64 43.25
C GLY B 934 -2.16 8.40 43.59
N ALA B 935 -1.28 8.50 44.59
CA ALA B 935 -0.36 7.44 44.95
C ALA B 935 -0.90 6.52 46.03
N ALA B 936 -2.10 6.77 46.56
CA ALA B 936 -2.68 5.95 47.62
C ALA B 936 -3.78 5.07 47.03
N GLN B 937 -3.76 3.79 47.38
CA GLN B 937 -4.75 2.87 46.88
C GLN B 937 -6.13 3.21 47.44
N PRO B 938 -7.19 3.10 46.64
CA PRO B 938 -8.53 3.45 47.14
C PRO B 938 -8.98 2.60 48.32
N ASP B 939 -8.58 1.33 48.37
CA ASP B 939 -9.03 0.45 49.44
C ASP B 939 -8.59 0.95 50.80
N SER B 940 -7.49 1.69 50.86
CA SER B 940 -6.99 2.24 52.12
C SER B 940 -7.52 3.65 52.40
N LEU B 941 -8.33 4.21 51.52
CA LEU B 941 -8.87 5.56 51.70
C LEU B 941 -10.38 5.57 51.86
N LYS B 942 -11.05 4.43 51.70
CA LYS B 942 -12.51 4.40 51.80
C LYS B 942 -13.05 4.88 53.14
N PRO B 943 -12.53 4.46 54.29
CA PRO B 943 -13.10 4.93 55.56
C PRO B 943 -13.07 6.43 55.75
N TYR B 944 -12.02 7.10 55.27
CA TYR B 944 -11.85 8.54 55.49
C TYR B 944 -12.24 9.40 54.30
N ALA B 945 -12.55 8.79 53.15
CA ALA B 945 -12.69 9.56 51.91
C ALA B 945 -13.73 10.66 52.05
N GLU B 946 -14.90 10.34 52.63
CA GLU B 946 -15.96 11.33 52.79
C GLU B 946 -15.45 12.59 53.47
N ASP B 947 -14.59 12.43 54.47
CA ASP B 947 -14.04 13.59 55.17
C ASP B 947 -13.35 14.54 54.20
N ILE B 948 -12.50 14.00 53.31
CA ILE B 948 -11.84 14.84 52.32
C ILE B 948 -12.87 15.58 51.49
N TRP B 949 -13.96 14.90 51.13
CA TRP B 949 -15.06 15.55 50.43
C TRP B 949 -15.51 16.79 51.18
N ALA B 950 -15.80 16.64 52.47
CA ALA B 950 -16.30 17.76 53.27
C ALA B 950 -15.31 18.92 53.28
N LEU B 951 -14.04 18.67 52.99
CA LEU B 951 -13.06 19.73 52.90
C LEU B 951 -13.01 20.35 51.51
N LEU B 952 -13.01 19.52 50.46
CA LEU B 952 -12.65 20.01 49.13
C LEU B 952 -13.67 21.02 48.61
N PHE B 953 -14.95 20.64 48.60
CA PHE B 953 -15.98 21.59 48.22
C PHE B 953 -16.10 22.75 49.20
N GLN B 954 -15.52 22.63 50.40
CA GLN B 954 -15.46 23.77 51.30
C GLN B 954 -14.61 24.88 50.73
N ARG B 955 -13.61 24.55 49.92
CA ARG B 955 -12.73 25.52 49.30
C ARG B 955 -13.07 25.78 47.84
N CYS B 956 -14.15 25.18 47.33
CA CYS B 956 -14.55 25.35 45.94
C CYS B 956 -15.14 26.73 45.68
N GLU B 957 -15.58 27.44 46.70
CA GLU B 957 -16.25 28.73 46.54
C GLU B 957 -15.27 29.88 46.36
N GLY B 958 -13.96 29.63 46.38
CA GLY B 958 -13.00 30.70 46.22
C GLY B 958 -13.00 31.25 44.82
N ALA B 959 -12.35 32.41 44.67
CA ALA B 959 -12.29 33.13 43.40
C ALA B 959 -11.00 32.86 42.63
N GLU B 960 -10.17 31.94 43.09
CA GLU B 960 -8.92 31.62 42.42
C GLU B 960 -9.14 30.50 41.40
N GLU B 961 -8.68 30.74 40.17
CA GLU B 961 -8.90 29.76 39.11
C GLU B 961 -8.03 28.52 39.30
N GLY B 962 -6.76 28.71 39.65
CA GLY B 962 -5.87 27.58 39.82
C GLY B 962 -6.29 26.65 40.94
N THR B 963 -6.71 27.22 42.07
CA THR B 963 -7.19 26.40 43.18
C THR B 963 -8.44 25.62 42.77
N ARG B 964 -9.34 26.27 42.04
CA ARG B 964 -10.53 25.58 41.54
C ARG B 964 -10.15 24.41 40.65
N GLY B 965 -9.21 24.62 39.73
CA GLY B 965 -8.77 23.53 38.87
C GLY B 965 -8.16 22.39 39.65
N VAL B 966 -7.27 22.70 40.59
CA VAL B 966 -6.60 21.66 41.36
C VAL B 966 -7.62 20.86 42.16
N VAL B 967 -8.59 21.55 42.77
CA VAL B 967 -9.68 20.85 43.45
C VAL B 967 -10.44 19.98 42.47
N ALA B 968 -10.53 20.43 41.21
CA ALA B 968 -11.21 19.62 40.19
C ALA B 968 -10.49 18.30 39.98
N GLU B 969 -9.16 18.32 39.82
CA GLU B 969 -8.49 17.03 39.68
C GLU B 969 -8.57 16.21 40.95
N CYS B 970 -8.55 16.88 42.12
CA CYS B 970 -8.65 16.15 43.38
C CYS B 970 -9.98 15.39 43.47
N ILE B 971 -11.07 16.06 43.12
CA ILE B 971 -12.38 15.39 43.09
C ILE B 971 -12.39 14.28 42.05
N GLY B 972 -11.82 14.54 40.88
CA GLY B 972 -11.80 13.53 39.83
C GLY B 972 -11.10 12.26 40.24
N LYS B 973 -9.96 12.39 40.93
CA LYS B 973 -9.26 11.19 41.39
C LYS B 973 -9.88 10.61 42.66
N LEU B 974 -10.63 11.40 43.43
CA LEU B 974 -11.35 10.85 44.57
C LEU B 974 -12.54 10.00 44.11
N VAL B 975 -13.15 10.35 42.98
CA VAL B 975 -14.24 9.53 42.45
C VAL B 975 -13.75 8.12 42.12
N LEU B 976 -12.47 7.98 41.77
CA LEU B 976 -11.93 6.67 41.43
C LEU B 976 -11.97 5.70 42.61
N VAL B 977 -12.13 6.20 43.84
CA VAL B 977 -12.21 5.32 44.99
C VAL B 977 -13.45 4.43 44.90
N ASN B 978 -14.59 5.02 44.58
CA ASN B 978 -15.84 4.27 44.42
C ASN B 978 -16.71 5.04 43.44
N PRO B 979 -16.80 4.57 42.19
CA PRO B 979 -17.56 5.35 41.19
C PRO B 979 -19.07 5.27 41.40
N SER B 980 -19.60 4.08 41.67
CA SER B 980 -21.05 3.89 41.71
C SER B 980 -21.70 4.71 42.82
N PHE B 981 -21.07 4.78 43.99
CA PHE B 981 -21.67 5.48 45.12
C PHE B 981 -21.38 6.97 45.11
N LEU B 982 -20.23 7.38 44.56
CA LEU B 982 -19.83 8.78 44.58
C LEU B 982 -20.31 9.57 43.37
N LEU B 983 -20.64 8.90 42.27
CA LEU B 983 -21.16 9.61 41.10
C LEU B 983 -22.48 10.33 41.35
N PRO B 984 -23.49 9.72 41.99
CA PRO B 984 -24.77 10.44 42.17
C PRO B 984 -24.64 11.71 42.98
N ARG B 985 -23.73 11.77 43.96
CA ARG B 985 -23.56 13.01 44.70
C ARG B 985 -23.06 14.13 43.80
N LEU B 986 -22.11 13.85 42.92
CA LEU B 986 -21.66 14.85 41.96
C LEU B 986 -22.77 15.21 40.98
N ARG B 987 -23.58 14.22 40.58
CA ARG B 987 -24.68 14.51 39.66
C ARG B 987 -25.67 15.47 40.28
N LYS B 988 -26.04 15.24 41.55
CA LYS B 988 -26.98 16.14 42.22
C LYS B 988 -26.35 17.49 42.53
N GLN B 989 -25.04 17.52 42.78
CA GLN B 989 -24.36 18.81 42.94
C GLN B 989 -24.42 19.62 41.66
N LEU B 990 -24.20 18.97 40.52
CA LEU B 990 -24.32 19.65 39.23
C LEU B 990 -25.75 20.11 38.99
N ALA B 991 -26.72 19.26 39.34
CA ALA B 991 -28.13 19.60 39.11
C ALA B 991 -28.53 20.83 39.93
N ALA B 992 -28.10 20.89 41.19
CA ALA B 992 -28.45 22.01 42.06
C ALA B 992 -27.19 22.45 42.80
N GLY B 993 -26.70 23.65 42.51
CA GLY B 993 -25.54 24.17 43.21
C GLY B 993 -25.07 25.46 42.58
N ARG B 994 -24.10 26.07 43.25
CA ARG B 994 -23.48 27.28 42.74
C ARG B 994 -22.74 26.96 41.44
N PRO B 995 -22.75 27.89 40.48
CA PRO B 995 -22.00 27.64 39.23
C PRO B 995 -20.53 27.31 39.45
N HIS B 996 -19.88 27.95 40.42
CA HIS B 996 -18.49 27.64 40.72
C HIS B 996 -18.32 26.21 41.22
N THR B 997 -19.40 25.57 41.68
CA THR B 997 -19.34 24.18 42.14
C THR B 997 -19.55 23.20 41.00
N ARG B 998 -20.59 23.41 40.19
CA ARG B 998 -20.84 22.50 39.08
C ARG B 998 -19.77 22.62 38.01
N SER B 999 -19.13 23.79 37.88
CA SER B 999 -18.00 23.90 36.97
C SER B 999 -16.85 22.98 37.40
N THR B 1000 -16.53 22.97 38.69
CA THR B 1000 -15.49 22.07 39.17
C THR B 1000 -15.92 20.61 39.05
N VAL B 1001 -17.21 20.33 39.28
CA VAL B 1001 -17.70 18.95 39.15
C VAL B 1001 -17.54 18.47 37.72
N ILE B 1002 -17.92 19.30 36.75
CA ILE B 1002 -17.83 18.90 35.35
C ILE B 1002 -16.37 18.81 34.90
N THR B 1003 -15.50 19.67 35.45
CA THR B 1003 -14.08 19.54 35.16
C THR B 1003 -13.54 18.22 35.71
N ALA B 1004 -13.98 17.83 36.91
CA ALA B 1004 -13.55 16.56 37.48
C ALA B 1004 -14.02 15.38 36.63
N VAL B 1005 -15.28 15.41 36.19
CA VAL B 1005 -15.76 14.28 35.38
C VAL B 1005 -15.06 14.28 34.03
N LYS B 1006 -14.65 15.45 33.53
CA LYS B 1006 -13.82 15.49 32.32
C LYS B 1006 -12.48 14.81 32.56
N PHE B 1007 -11.82 15.15 33.67
CA PHE B 1007 -10.56 14.48 34.00
C PHE B 1007 -10.74 13.01 34.30
N LEU B 1008 -11.96 12.56 34.57
CA LEU B 1008 -12.20 11.14 34.80
C LEU B 1008 -11.97 10.29 33.56
N ILE B 1009 -11.84 10.90 32.38
CA ILE B 1009 -11.59 10.12 31.17
C ILE B 1009 -10.16 9.59 31.18
N SER B 1010 -10.01 8.31 30.89
CA SER B 1010 -8.70 7.67 30.76
C SER B 1010 -8.59 7.04 29.39
N ASP B 1011 -7.40 7.16 28.79
CA ASP B 1011 -7.18 6.62 27.46
C ASP B 1011 -7.33 5.10 27.45
N GLN B 1012 -6.76 4.42 28.45
CA GLN B 1012 -6.88 2.98 28.54
C GLN B 1012 -8.29 2.59 28.99
N PRO B 1013 -8.73 1.36 28.70
CA PRO B 1013 -10.03 0.92 29.20
C PRO B 1013 -10.08 0.98 30.72
N HIS B 1014 -11.20 1.43 31.26
CA HIS B 1014 -11.32 1.72 32.67
C HIS B 1014 -12.69 1.23 33.14
N PRO B 1015 -12.82 0.78 34.40
CA PRO B 1015 -14.08 0.17 34.83
C PRO B 1015 -15.30 1.10 34.78
N ILE B 1016 -15.11 2.43 34.82
CA ILE B 1016 -16.25 3.34 34.83
C ILE B 1016 -16.84 3.54 33.44
N ASP B 1017 -16.26 2.91 32.41
CA ASP B 1017 -16.74 3.12 31.04
C ASP B 1017 -18.22 2.81 30.85
N PRO B 1018 -18.78 1.69 31.33
CA PRO B 1018 -20.23 1.52 31.20
C PRO B 1018 -21.03 2.58 31.94
N LEU B 1019 -20.64 2.89 33.17
CA LEU B 1019 -21.36 3.90 33.95
C LEU B 1019 -21.28 5.27 33.29
N LEU B 1020 -20.11 5.64 32.80
CA LEU B 1020 -19.96 6.93 32.12
C LEU B 1020 -20.77 6.96 30.83
N LYS B 1021 -20.75 5.86 30.07
CA LYS B 1021 -21.52 5.81 28.83
C LYS B 1021 -23.01 5.93 29.11
N SER B 1022 -23.48 5.37 30.22
CA SER B 1022 -24.89 5.46 30.55
C SER B 1022 -25.26 6.85 31.08
N PHE B 1023 -24.37 7.47 31.84
CA PHE B 1023 -24.68 8.68 32.58
C PHE B 1023 -24.21 9.96 31.90
N ILE B 1024 -23.59 9.85 30.71
CA ILE B 1024 -23.06 11.02 30.04
C ILE B 1024 -24.16 11.97 29.56
N GLY B 1025 -25.40 11.50 29.43
CA GLY B 1025 -26.45 12.34 28.90
C GLY B 1025 -26.75 13.53 29.80
N GLU B 1026 -26.88 13.28 31.10
CA GLU B 1026 -27.18 14.38 32.03
C GLU B 1026 -26.06 15.42 32.03
N PHE B 1027 -24.81 14.96 32.02
CA PHE B 1027 -23.68 15.89 31.97
C PHE B 1027 -23.68 16.68 30.68
N MET B 1028 -23.95 16.02 29.55
CA MET B 1028 -23.89 16.68 28.26
C MET B 1028 -25.06 17.63 28.05
N GLU B 1029 -26.13 17.46 28.82
CA GLU B 1029 -27.28 18.36 28.75
C GLU B 1029 -27.09 19.65 29.54
N SER B 1030 -25.84 20.03 29.84
CA SER B 1030 -25.57 21.21 30.66
C SER B 1030 -25.37 22.49 29.86
N LEU B 1031 -25.35 22.42 28.53
CA LEU B 1031 -25.13 23.63 27.73
C LEU B 1031 -26.28 24.61 27.82
N GLN B 1032 -27.46 24.18 28.27
CA GLN B 1032 -28.57 25.10 28.46
C GLN B 1032 -28.32 26.09 29.60
N ASP B 1033 -27.29 25.86 30.41
CA ASP B 1033 -26.92 26.81 31.45
C ASP B 1033 -26.37 28.08 30.82
N PRO B 1034 -26.95 29.25 31.10
CA PRO B 1034 -26.43 30.49 30.48
C PRO B 1034 -25.02 30.86 30.90
N ASP B 1035 -24.51 30.29 32.00
CA ASP B 1035 -23.19 30.66 32.47
C ASP B 1035 -22.11 30.23 31.48
N LEU B 1036 -21.14 31.12 31.26
CA LEU B 1036 -20.06 30.83 30.32
C LEU B 1036 -19.18 29.68 30.80
N ASN B 1037 -18.87 29.65 32.09
CA ASN B 1037 -17.91 28.67 32.61
C ASN B 1037 -18.41 27.25 32.42
N VAL B 1038 -19.67 27.00 32.74
CA VAL B 1038 -20.22 25.65 32.62
C VAL B 1038 -20.23 25.20 31.16
N ARG B 1039 -20.65 26.08 30.26
CA ARG B 1039 -20.69 25.73 28.85
C ARG B 1039 -19.28 25.45 28.31
N ARG B 1040 -18.31 26.29 28.67
CA ARG B 1040 -16.94 26.06 28.21
C ARG B 1040 -16.38 24.75 28.75
N ALA B 1041 -16.62 24.47 30.03
CA ALA B 1041 -16.13 23.23 30.61
C ALA B 1041 -16.78 22.01 29.97
N THR B 1042 -18.08 22.09 29.68
CA THR B 1042 -18.75 20.98 29.01
C THR B 1042 -18.23 20.79 27.60
N LEU B 1043 -17.93 21.90 26.90
CA LEU B 1043 -17.35 21.79 25.57
C LEU B 1043 -15.98 21.14 25.62
N ALA B 1044 -15.16 21.50 26.61
CA ALA B 1044 -13.87 20.84 26.80
C ALA B 1044 -14.05 19.36 27.09
N PHE B 1045 -15.06 19.02 27.90
CA PHE B 1045 -15.37 17.63 28.19
C PHE B 1045 -15.70 16.88 26.91
N PHE B 1046 -16.54 17.47 26.06
CA PHE B 1046 -16.89 16.82 24.80
C PHE B 1046 -15.68 16.66 23.90
N ASN B 1047 -14.82 17.69 23.84
CA ASN B 1047 -13.62 17.61 23.00
C ASN B 1047 -12.72 16.48 23.47
N SER B 1048 -12.50 16.39 24.79
CA SER B 1048 -11.65 15.32 25.32
C SER B 1048 -12.25 13.95 25.04
N ALA B 1049 -13.57 13.82 25.22
CA ALA B 1049 -14.23 12.55 24.98
C ALA B 1049 -14.09 12.11 23.53
N VAL B 1050 -14.30 13.04 22.59
CA VAL B 1050 -14.18 12.69 21.18
C VAL B 1050 -12.74 12.36 20.83
N HIS B 1051 -11.79 13.13 21.35
CA HIS B 1051 -10.38 12.91 21.01
C HIS B 1051 -9.89 11.57 21.54
N ASN B 1052 -10.28 11.20 22.76
CA ASN B 1052 -9.74 9.98 23.37
C ASN B 1052 -10.59 8.75 23.07
N LYS B 1053 -11.86 8.77 23.45
CA LYS B 1053 -12.76 7.63 23.31
C LYS B 1053 -14.03 8.07 22.59
N PRO B 1054 -14.06 7.94 21.26
CA PRO B 1054 -15.28 8.33 20.52
C PRO B 1054 -16.51 7.52 20.89
N SER B 1055 -16.35 6.33 21.45
CA SER B 1055 -17.49 5.49 21.80
C SER B 1055 -18.35 6.10 22.91
N LEU B 1056 -17.78 6.98 23.73
CA LEU B 1056 -18.54 7.55 24.83
C LEU B 1056 -19.66 8.47 24.34
N VAL B 1057 -19.44 9.17 23.22
CA VAL B 1057 -20.40 10.15 22.72
C VAL B 1057 -21.00 9.75 21.38
N ARG B 1058 -20.54 8.66 20.77
CA ARG B 1058 -20.98 8.33 19.41
C ARG B 1058 -22.48 8.06 19.37
N ASP B 1059 -22.96 7.15 20.22
CA ASP B 1059 -24.37 6.79 20.19
C ASP B 1059 -25.29 7.97 20.49
N LEU B 1060 -24.76 9.02 21.11
CA LEU B 1060 -25.54 10.17 21.51
C LEU B 1060 -25.34 11.36 20.56
N LEU B 1061 -24.53 11.19 19.50
CA LEU B 1061 -24.17 12.32 18.66
C LEU B 1061 -25.39 12.99 18.05
N ASP B 1062 -26.39 12.21 17.64
CA ASP B 1062 -27.56 12.80 17.00
C ASP B 1062 -28.32 13.71 17.96
N ASP B 1063 -28.25 13.45 19.26
CA ASP B 1063 -28.86 14.32 20.25
C ASP B 1063 -27.91 15.38 20.76
N ILE B 1064 -26.70 15.45 20.22
CA ILE B 1064 -25.71 16.44 20.61
C ILE B 1064 -25.47 17.46 19.51
N LEU B 1065 -25.40 17.01 18.25
CA LEU B 1065 -24.96 17.88 17.16
C LEU B 1065 -25.80 19.14 17.01
N PRO B 1066 -27.15 19.09 16.96
CA PRO B 1066 -27.91 20.33 16.74
C PRO B 1066 -27.67 21.38 17.82
N LEU B 1067 -27.91 21.03 19.08
CA LEU B 1067 -27.71 21.98 20.17
C LEU B 1067 -26.27 22.45 20.23
N LEU B 1068 -25.32 21.60 19.87
CA LEU B 1068 -23.92 22.01 19.82
C LEU B 1068 -23.73 23.15 18.83
N TYR B 1069 -24.37 23.05 17.65
CA TYR B 1069 -24.29 24.14 16.69
C TYR B 1069 -24.88 25.42 17.24
N GLN B 1070 -25.76 25.33 18.24
CA GLN B 1070 -26.28 26.54 18.89
C GLN B 1070 -25.16 27.36 19.50
N GLU B 1071 -24.10 26.70 19.99
CA GLU B 1071 -22.97 27.44 20.52
C GLU B 1071 -22.13 28.08 19.41
N THR B 1072 -22.20 27.53 18.20
CA THR B 1072 -21.40 28.06 17.09
C THR B 1072 -21.84 29.47 16.72
N LYS B 1073 -23.14 29.74 16.74
CA LYS B 1073 -23.65 31.03 16.33
C LYS B 1073 -23.18 32.13 17.28
N ILE B 1074 -22.87 33.29 16.71
CA ILE B 1074 -22.34 34.42 17.47
C ILE B 1074 -23.46 35.05 18.27
N ARG B 1075 -23.19 35.35 19.54
CA ARG B 1075 -24.13 36.03 20.42
C ARG B 1075 -23.64 37.46 20.63
N ARG B 1076 -24.47 38.43 20.26
CA ARG B 1076 -24.09 39.84 20.32
C ARG B 1076 -24.34 40.48 21.68
N ASP B 1077 -25.09 39.84 22.57
CA ASP B 1077 -25.29 40.39 23.89
C ASP B 1077 -23.98 40.44 24.67
N LEU B 1078 -23.16 39.39 24.56
CA LEU B 1078 -21.86 39.39 25.20
C LEU B 1078 -20.90 40.35 24.52
N ILE B 1079 -21.10 40.59 23.23
CA ILE B 1079 -20.24 41.49 22.46
C ILE B 1079 -20.52 42.92 22.93
N ARG B 1080 -19.55 43.52 23.63
CA ARG B 1080 -19.70 44.88 24.14
C ARG B 1080 -18.58 45.74 23.58
N GLU B 1081 -18.92 46.61 22.63
CA GLU B 1081 -17.98 47.58 22.08
C GLU B 1081 -17.87 48.71 23.10
N VAL B 1082 -16.91 48.57 24.01
CA VAL B 1082 -16.72 49.57 25.05
C VAL B 1082 -16.15 50.84 24.43
N GLU B 1083 -16.59 51.99 24.95
CA GLU B 1083 -16.21 53.29 24.40
C GLU B 1083 -14.79 53.62 24.85
N MET B 1084 -13.83 53.32 23.99
CA MET B 1084 -12.41 53.65 24.22
C MET B 1084 -11.99 54.57 23.07
N GLY B 1085 -12.22 55.87 23.24
CA GLY B 1085 -11.93 56.82 22.20
C GLY B 1085 -12.79 56.59 20.97
N PRO B 1086 -12.33 57.08 19.82
CA PRO B 1086 -13.07 56.83 18.57
C PRO B 1086 -12.97 55.38 18.14
N PHE B 1087 -11.75 54.84 18.11
CA PHE B 1087 -11.49 53.49 17.62
C PHE B 1087 -11.20 52.56 18.79
N LYS B 1088 -11.80 51.37 18.76
CA LYS B 1088 -11.59 50.38 19.80
C LYS B 1088 -11.88 48.99 19.24
N HIS B 1089 -11.09 48.02 19.69
CA HIS B 1089 -11.32 46.63 19.38
C HIS B 1089 -12.27 46.03 20.40
N THR B 1090 -13.32 45.39 19.93
CA THR B 1090 -14.35 44.86 20.81
C THR B 1090 -13.83 43.68 21.61
N VAL B 1091 -14.08 43.70 22.91
CA VAL B 1091 -13.65 42.61 23.81
C VAL B 1091 -14.81 41.63 23.88
N ASP B 1092 -14.83 40.68 22.95
CA ASP B 1092 -15.88 39.67 22.92
C ASP B 1092 -15.57 38.56 23.92
N ASP B 1093 -16.47 38.35 24.87
CA ASP B 1093 -16.27 37.34 25.90
C ASP B 1093 -16.82 35.97 25.49
N GLY B 1094 -17.51 35.87 24.38
CA GLY B 1094 -18.06 34.60 23.93
C GLY B 1094 -17.21 33.92 22.88
N LEU B 1095 -15.94 34.33 22.78
CA LEU B 1095 -15.04 33.73 21.80
C LEU B 1095 -14.54 32.36 22.25
N ASP B 1096 -14.34 32.16 23.56
CA ASP B 1096 -13.79 30.91 24.04
C ASP B 1096 -14.72 29.73 23.77
N VAL B 1097 -16.02 29.93 23.96
CA VAL B 1097 -16.97 28.85 23.72
C VAL B 1097 -17.03 28.52 22.23
N ARG B 1098 -16.96 29.54 21.37
CA ARG B 1098 -16.93 29.29 19.94
C ARG B 1098 -15.67 28.51 19.55
N LYS B 1099 -14.52 28.88 20.13
CA LYS B 1099 -13.28 28.17 19.84
C LYS B 1099 -13.37 26.72 20.28
N ALA B 1100 -13.92 26.47 21.47
CA ALA B 1100 -14.06 25.11 21.95
C ALA B 1100 -15.01 24.30 21.06
N ALA B 1101 -16.11 24.92 20.63
CA ALA B 1101 -17.04 24.24 19.74
C ALA B 1101 -16.38 23.89 18.42
N PHE B 1102 -15.55 24.79 17.88
CA PHE B 1102 -14.85 24.51 16.63
C PHE B 1102 -13.81 23.41 16.82
N GLU B 1103 -13.14 23.38 17.98
CA GLU B 1103 -12.22 22.28 18.25
C GLU B 1103 -12.95 20.95 18.30
N CYS B 1104 -14.12 20.92 18.95
CA CYS B 1104 -14.94 19.71 18.96
C CYS B 1104 -15.37 19.33 17.54
N MET B 1105 -15.68 20.34 16.72
CA MET B 1105 -16.08 20.09 15.35
C MET B 1105 -14.94 19.46 14.54
N TYR B 1106 -13.72 19.95 14.73
CA TYR B 1106 -12.56 19.35 14.09
C TYR B 1106 -12.35 17.92 14.57
N SER B 1107 -12.52 17.68 15.87
CA SER B 1107 -12.34 16.34 16.41
C SER B 1107 -13.36 15.38 15.82
N LEU B 1108 -14.61 15.82 15.68
CA LEU B 1108 -15.63 15.01 15.04
C LEU B 1108 -15.29 14.76 13.57
N LEU B 1109 -14.75 15.78 12.90
CA LEU B 1109 -14.32 15.61 11.51
C LEU B 1109 -13.26 14.52 11.40
N GLU B 1110 -12.29 14.52 12.29
CA GLU B 1110 -11.18 13.57 12.21
C GLU B 1110 -11.58 12.17 12.69
N SER B 1111 -12.54 12.07 13.61
CA SER B 1111 -12.85 10.79 14.23
C SER B 1111 -14.25 10.29 13.96
N CYS B 1112 -15.25 11.16 13.94
CA CYS B 1112 -16.66 10.78 13.83
C CYS B 1112 -17.27 11.24 12.51
N LEU B 1113 -16.53 11.04 11.41
CA LEU B 1113 -17.01 11.49 10.11
C LEU B 1113 -18.26 10.75 9.67
N GLY B 1114 -18.43 9.49 10.10
CA GLY B 1114 -19.54 8.69 9.64
C GLY B 1114 -20.89 9.08 10.22
N GLN B 1115 -20.92 9.93 11.24
CA GLN B 1115 -22.18 10.34 11.86
C GLN B 1115 -22.36 11.84 11.78
N LEU B 1116 -22.11 12.43 10.61
CA LEU B 1116 -22.22 13.85 10.41
C LEU B 1116 -23.00 14.15 9.13
N ASP B 1117 -23.63 15.32 9.10
CA ASP B 1117 -24.29 15.83 7.90
C ASP B 1117 -23.38 16.87 7.26
N ILE B 1118 -22.98 16.60 6.01
CA ILE B 1118 -21.98 17.45 5.36
C ILE B 1118 -22.56 18.82 5.05
N CYS B 1119 -23.85 18.90 4.72
CA CYS B 1119 -24.45 20.16 4.31
C CYS B 1119 -24.41 21.18 5.45
N GLU B 1120 -24.91 20.81 6.63
CA GLU B 1120 -24.88 21.72 7.76
C GLU B 1120 -23.44 21.93 8.26
N PHE B 1121 -22.59 20.93 8.09
CA PHE B 1121 -21.18 21.07 8.41
C PHE B 1121 -20.55 22.21 7.62
N LEU B 1122 -20.75 22.20 6.30
CA LEU B 1122 -20.22 23.27 5.45
C LEU B 1122 -20.93 24.60 5.72
N ASN B 1123 -22.22 24.57 6.04
CA ASN B 1123 -22.93 25.80 6.37
C ASN B 1123 -22.32 26.46 7.61
N HIS B 1124 -22.02 25.66 8.64
CA HIS B 1124 -21.39 26.21 9.83
C HIS B 1124 -19.96 26.64 9.55
N VAL B 1125 -19.27 25.95 8.65
CA VAL B 1125 -17.94 26.40 8.23
C VAL B 1125 -18.03 27.80 7.61
N GLU B 1126 -19.01 27.99 6.73
CA GLU B 1126 -19.22 29.30 6.10
C GLU B 1126 -19.58 30.36 7.14
N ASP B 1127 -20.43 30.00 8.09
CA ASP B 1127 -20.83 30.95 9.13
C ASP B 1127 -19.63 31.38 9.97
N GLY B 1128 -18.75 30.42 10.31
CA GLY B 1128 -17.63 30.73 11.18
C GLY B 1128 -16.42 31.30 10.49
N LEU B 1129 -16.31 31.15 9.17
CA LEU B 1129 -15.11 31.62 8.48
C LEU B 1129 -14.95 33.14 8.61
N LYS B 1130 -16.05 33.86 8.80
CA LYS B 1130 -16.00 35.30 8.99
C LYS B 1130 -15.78 35.72 10.44
N ASP B 1131 -15.60 34.75 11.34
CA ASP B 1131 -15.43 35.05 12.76
C ASP B 1131 -13.99 35.46 13.03
N HIS B 1132 -13.59 35.45 14.31
CA HIS B 1132 -12.31 35.98 14.74
C HIS B 1132 -11.16 35.20 14.08
N TYR B 1133 -9.95 35.78 14.19
CA TYR B 1133 -8.79 35.30 13.46
C TYR B 1133 -8.50 33.83 13.74
N ASP B 1134 -8.55 33.42 15.00
CA ASP B 1134 -8.30 32.02 15.33
C ASP B 1134 -9.32 31.10 14.68
N ILE B 1135 -10.59 31.50 14.70
CA ILE B 1135 -11.62 30.75 14.01
C ILE B 1135 -11.34 30.71 12.52
N ARG B 1136 -10.83 31.81 11.96
CA ARG B 1136 -10.48 31.83 10.55
C ARG B 1136 -9.42 30.80 10.23
N MET B 1137 -8.35 30.73 11.03
CA MET B 1137 -7.30 29.77 10.76
C MET B 1137 -7.80 28.33 10.89
N LEU B 1138 -8.58 28.05 11.95
CA LEU B 1138 -9.06 26.70 12.12
C LEU B 1138 -10.02 26.31 11.00
N THR B 1139 -10.85 27.25 10.54
CA THR B 1139 -11.74 26.96 9.43
C THR B 1139 -10.97 26.75 8.14
N PHE B 1140 -9.88 27.48 7.94
CA PHE B 1140 -9.03 27.23 6.77
C PHE B 1140 -8.44 25.82 6.82
N ILE B 1141 -8.01 25.38 8.00
CA ILE B 1141 -7.52 24.01 8.14
C ILE B 1141 -8.64 23.01 7.84
N MET B 1142 -9.86 23.30 8.31
CA MET B 1142 -10.98 22.41 8.03
C MET B 1142 -11.27 22.34 6.54
N VAL B 1143 -11.21 23.47 5.85
CA VAL B 1143 -11.44 23.48 4.39
C VAL B 1143 -10.35 22.69 3.69
N ALA B 1144 -9.10 22.85 4.12
CA ALA B 1144 -8.00 22.10 3.51
C ALA B 1144 -8.20 20.60 3.70
N ARG B 1145 -8.63 20.18 4.89
CA ARG B 1145 -8.88 18.76 5.13
C ARG B 1145 -10.07 18.27 4.31
N LEU B 1146 -11.14 19.06 4.23
CA LEU B 1146 -12.33 18.65 3.49
C LEU B 1146 -12.08 18.62 1.98
N ALA B 1147 -11.09 19.37 1.49
CA ALA B 1147 -10.71 19.28 0.09
C ALA B 1147 -10.21 17.89 -0.27
N THR B 1148 -9.76 17.11 0.71
CA THR B 1148 -9.39 15.72 0.51
C THR B 1148 -10.37 14.72 1.12
N LEU B 1149 -11.26 15.18 1.99
CA LEU B 1149 -12.22 14.29 2.65
C LEU B 1149 -13.62 14.34 2.04
N CYS B 1150 -13.92 15.33 1.21
CA CYS B 1150 -15.21 15.39 0.51
C CYS B 1150 -15.10 16.29 -0.71
N PRO B 1151 -14.47 15.82 -1.78
CA PRO B 1151 -14.28 16.70 -2.96
C PRO B 1151 -15.57 17.17 -3.58
N ALA B 1152 -16.64 16.37 -3.56
CA ALA B 1152 -17.86 16.75 -4.27
C ALA B 1152 -18.64 17.86 -3.56
N PRO B 1153 -18.96 17.76 -2.27
CA PRO B 1153 -19.64 18.89 -1.62
C PRO B 1153 -18.83 20.18 -1.64
N VAL B 1154 -17.51 20.07 -1.48
CA VAL B 1154 -16.65 21.25 -1.52
C VAL B 1154 -16.65 21.84 -2.92
N LEU B 1155 -16.61 20.99 -3.95
CA LEU B 1155 -16.69 21.49 -5.33
C LEU B 1155 -18.01 22.19 -5.58
N GLN B 1156 -19.10 21.65 -5.03
CA GLN B 1156 -20.40 22.29 -5.19
C GLN B 1156 -20.45 23.64 -4.49
N ARG B 1157 -19.88 23.74 -3.29
CA ARG B 1157 -19.99 24.93 -2.47
C ARG B 1157 -18.90 25.96 -2.74
N VAL B 1158 -17.89 25.61 -3.53
CA VAL B 1158 -16.74 26.51 -3.70
C VAL B 1158 -17.13 27.78 -4.43
N ASP B 1159 -18.16 27.73 -5.28
CA ASP B 1159 -18.56 28.90 -6.05
C ASP B 1159 -18.89 30.09 -5.14
N ARG B 1160 -19.41 29.82 -3.96
CA ARG B 1160 -19.60 30.86 -2.95
C ARG B 1160 -18.53 30.85 -1.86
N LEU B 1161 -17.85 29.72 -1.66
CA LEU B 1161 -16.80 29.67 -0.65
C LEU B 1161 -15.60 30.53 -1.05
N ILE B 1162 -15.38 30.73 -2.35
CA ILE B 1162 -14.22 31.51 -2.79
C ILE B 1162 -14.37 32.97 -2.41
N GLU B 1163 -15.60 33.49 -2.44
CA GLU B 1163 -15.82 34.92 -2.19
C GLU B 1163 -15.29 35.37 -0.83
N PRO B 1164 -15.54 34.70 0.29
CA PRO B 1164 -14.86 35.09 1.53
C PRO B 1164 -13.34 35.01 1.43
N LEU B 1165 -12.82 33.98 0.75
CA LEU B 1165 -11.38 33.87 0.57
C LEU B 1165 -10.85 35.00 -0.30
N ARG B 1166 -11.58 35.34 -1.36
CA ARG B 1166 -11.16 36.44 -2.23
C ARG B 1166 -11.16 37.77 -1.48
N ALA B 1167 -12.20 38.01 -0.66
CA ALA B 1167 -12.24 39.22 0.15
C ALA B 1167 -11.11 39.25 1.16
N THR B 1168 -10.81 38.10 1.76
CA THR B 1168 -9.72 38.02 2.74
C THR B 1168 -8.37 38.32 2.08
N CYS B 1169 -8.16 37.79 0.86
CA CYS B 1169 -6.90 38.02 0.18
C CYS B 1169 -6.77 39.46 -0.32
N THR B 1170 -7.84 40.01 -0.89
CA THR B 1170 -7.77 41.32 -1.54
C THR B 1170 -7.92 42.48 -0.57
N ALA B 1171 -8.14 42.22 0.71
CA ALA B 1171 -8.23 43.30 1.69
C ALA B 1171 -6.91 44.04 1.78
N LYS B 1172 -6.98 45.37 1.76
CA LYS B 1172 -5.79 46.22 1.79
C LYS B 1172 -5.68 46.90 3.15
N VAL B 1173 -4.52 46.78 3.78
CA VAL B 1173 -4.25 47.38 5.07
C VAL B 1173 -3.28 48.52 4.88
N LYS B 1174 -3.54 49.65 5.55
CA LYS B 1174 -2.70 50.82 5.41
C LYS B 1174 -1.29 50.54 5.93
N ALA B 1175 -0.31 51.17 5.29
CA ALA B 1175 1.08 50.98 5.68
C ALA B 1175 1.39 51.56 7.06
N GLY B 1176 0.51 52.40 7.60
CA GLY B 1176 0.69 52.94 8.93
C GLY B 1176 0.40 51.97 10.05
N SER B 1177 -0.13 50.78 9.72
CA SER B 1177 -0.41 49.78 10.74
C SER B 1177 0.89 49.26 11.35
N VAL B 1178 0.81 48.95 12.64
CA VAL B 1178 1.98 48.47 13.39
C VAL B 1178 2.14 46.99 13.10
N LYS B 1179 3.27 46.41 13.52
CA LYS B 1179 3.70 45.09 13.04
C LYS B 1179 2.67 43.99 13.28
N GLN B 1180 1.85 44.08 14.33
CA GLN B 1180 0.88 43.02 14.58
C GLN B 1180 -0.07 42.83 13.41
N GLU B 1181 -0.65 43.93 12.91
CA GLU B 1181 -1.60 43.82 11.82
C GLU B 1181 -0.94 43.40 10.52
N PHE B 1182 0.29 43.84 10.28
CA PHE B 1182 1.02 43.39 9.09
C PHE B 1182 1.26 41.88 9.15
N GLU B 1183 1.75 41.39 10.29
CA GLU B 1183 1.99 39.95 10.44
C GLU B 1183 0.68 39.17 10.30
N LYS B 1184 -0.40 39.66 10.91
CA LYS B 1184 -1.67 38.95 10.84
C LYS B 1184 -2.20 38.90 9.42
N GLN B 1185 -2.11 40.02 8.70
CA GLN B 1185 -2.60 40.03 7.31
C GLN B 1185 -1.76 39.13 6.43
N ASP B 1186 -0.44 39.11 6.63
CA ASP B 1186 0.40 38.20 5.85
C ASP B 1186 0.06 36.75 6.15
N GLU B 1187 -0.12 36.42 7.42
CA GLU B 1187 -0.42 35.04 7.79
C GLU B 1187 -1.77 34.60 7.25
N LEU B 1188 -2.79 35.45 7.35
CA LEU B 1188 -4.10 35.09 6.83
C LEU B 1188 -4.08 34.98 5.31
N LYS B 1189 -3.33 35.86 4.64
CA LYS B 1189 -3.20 35.75 3.19
C LYS B 1189 -2.54 34.45 2.79
N ARG B 1190 -1.47 34.05 3.50
CA ARG B 1190 -0.80 32.80 3.18
C ARG B 1190 -1.70 31.60 3.45
N SER B 1191 -2.44 31.63 4.55
CA SER B 1191 -3.35 30.52 4.84
C SER B 1191 -4.47 30.43 3.80
N ALA B 1192 -5.01 31.58 3.39
CA ALA B 1192 -6.03 31.57 2.34
C ALA B 1192 -5.45 31.08 1.01
N MET B 1193 -4.19 31.44 0.72
CA MET B 1193 -3.55 30.91 -0.48
C MET B 1193 -3.40 29.40 -0.41
N ARG B 1194 -3.03 28.88 0.76
CA ARG B 1194 -2.92 27.43 0.93
C ARG B 1194 -4.27 26.76 0.73
N ALA B 1195 -5.33 27.34 1.29
CA ALA B 1195 -6.67 26.79 1.10
C ALA B 1195 -7.08 26.83 -0.37
N VAL B 1196 -6.79 27.93 -1.06
CA VAL B 1196 -7.13 28.06 -2.47
C VAL B 1196 -6.38 27.02 -3.29
N ALA B 1197 -5.08 26.82 -3.00
CA ALA B 1197 -4.31 25.82 -3.72
C ALA B 1197 -4.84 24.41 -3.45
N ALA B 1198 -5.21 24.13 -2.20
CA ALA B 1198 -5.78 22.82 -1.87
C ALA B 1198 -7.07 22.58 -2.64
N LEU B 1199 -7.91 23.61 -2.76
CA LEU B 1199 -9.11 23.48 -3.59
C LEU B 1199 -8.75 23.30 -5.06
N LEU B 1200 -7.73 24.01 -5.53
CA LEU B 1200 -7.31 23.93 -6.92
C LEU B 1200 -6.75 22.56 -7.28
N THR B 1201 -6.21 21.82 -6.31
CA THR B 1201 -5.73 20.47 -6.59
C THR B 1201 -6.84 19.57 -7.09
N ILE B 1202 -8.09 19.89 -6.81
CA ILE B 1202 -9.22 19.15 -7.39
C ILE B 1202 -9.36 19.56 -8.86
N PRO B 1203 -9.33 18.61 -9.79
CA PRO B 1203 -9.36 19.00 -11.22
C PRO B 1203 -10.61 19.78 -11.63
N GLU B 1204 -11.78 19.41 -11.11
CA GLU B 1204 -13.00 20.10 -11.51
C GLU B 1204 -12.98 21.56 -11.10
N VAL B 1205 -12.47 21.85 -9.91
CA VAL B 1205 -12.35 23.24 -9.46
C VAL B 1205 -11.48 24.02 -10.43
N GLY B 1206 -10.53 23.36 -11.08
CA GLY B 1206 -9.67 24.02 -12.03
C GLY B 1206 -10.36 24.45 -13.32
N LYS B 1207 -11.61 24.01 -13.55
CA LYS B 1207 -12.31 24.30 -14.79
C LYS B 1207 -13.42 25.34 -14.60
N SER B 1208 -13.20 26.34 -13.76
CA SER B 1208 -14.14 27.44 -13.59
C SER B 1208 -13.39 28.76 -13.72
N PRO B 1209 -14.07 29.82 -14.18
CA PRO B 1209 -13.35 31.08 -14.45
C PRO B 1209 -12.94 31.86 -13.21
N ILE B 1210 -13.68 31.75 -12.10
CA ILE B 1210 -13.44 32.66 -10.98
C ILE B 1210 -12.06 32.46 -10.37
N MET B 1211 -11.72 31.21 -10.03
CA MET B 1211 -10.41 30.95 -9.44
C MET B 1211 -9.29 30.97 -10.47
N ALA B 1212 -9.58 30.71 -11.75
CA ALA B 1212 -8.58 30.92 -12.78
C ALA B 1212 -8.18 32.39 -12.87
N ASP B 1213 -9.16 33.28 -12.85
CA ASP B 1213 -8.87 34.71 -12.85
C ASP B 1213 -8.18 35.13 -11.56
N PHE B 1214 -8.57 34.54 -10.43
CA PHE B 1214 -7.89 34.85 -9.18
C PHE B 1214 -6.42 34.44 -9.22
N SER B 1215 -6.14 33.26 -9.77
CA SER B 1215 -4.75 32.82 -9.90
C SER B 1215 -3.99 33.71 -10.87
N SER B 1216 -4.64 34.14 -11.96
CA SER B 1216 -3.98 35.05 -12.90
C SER B 1216 -3.64 36.38 -12.23
N GLN B 1217 -4.56 36.91 -11.42
CA GLN B 1217 -4.29 38.14 -10.69
C GLN B 1217 -3.16 37.95 -9.68
N ILE B 1218 -3.14 36.80 -9.01
CA ILE B 1218 -2.06 36.52 -8.05
C ILE B 1218 -0.72 36.47 -8.77
N ARG B 1219 -0.66 35.81 -9.92
CA ARG B 1219 0.57 35.76 -10.69
C ARG B 1219 0.99 37.14 -11.16
N SER B 1220 0.03 37.96 -11.60
CA SER B 1220 0.31 39.31 -12.06
C SER B 1220 0.48 40.26 -10.88
#